data_6E7H
#
_entry.id   6E7H
#
_cell.length_a   66.555
_cell.length_b   231.070
_cell.length_c   71.295
_cell.angle_alpha   90.00
_cell.angle_beta   97.04
_cell.angle_gamma   90.00
#
_symmetry.space_group_name_H-M   'P 1 21 1'
#
loop_
_entity.id
_entity.type
_entity.pdbx_description
1 polymer 'Hemagglutinin HA1 chain'
2 polymer 'Hemagglutinin HA2 chain'
3 branched 2-acetamido-2-deoxy-beta-D-glucopyranose-(1-4)-2-acetamido-2-deoxy-beta-D-glucopyranose
4 branched beta-D-mannopyranose-(1-4)-2-acetamido-2-deoxy-beta-D-glucopyranose-(1-4)-2-acetamido-2-deoxy-beta-D-glucopyranose
5 branched 'N-glycolyl-alpha-neuraminic acid-(2-3)-beta-D-galactopyranose'
6 non-polymer 2-acetamido-2-deoxy-beta-D-glucopyranose
#
loop_
_entity_poly.entity_id
_entity_poly.type
_entity_poly.pdbx_seq_one_letter_code
_entity_poly.pdbx_strand_id
1 'polypeptide(L)'
;ADPGDQICIGYHANNSTEQVDTIMEKNVTVTHAQDILEKKHNGKLCDLDGVKPLILRDCSVAGWLLGNPMCDEFINVPEW
SYIVEKANPVNDLCYPGDFNDYEELKHLLSRINHFEKIQIIPKSSWSSHEASLGVSSACPYQGKSSFFRNVVWLIKKNST
APTIKRSYNNTNQEDLLVLWGIHHPNDAAEQTKLYQNPTTYISVGTSTLNQRLVPRIATRSKVNGQSGRMEFFWTILKPN
DAINFESNGNFIAPEYAYKIVKKGDSTIMKSELEYGNCNTKCQTPMGAINSSMPFHNIHPLTIGECPKYVKSNRLVLATG
LRNSPQRERRRKKR
;
A,C,E
2 'polypeptide(L)'
;GLFGAIAGFIEGGWQGMVDGWYGYHHSNEQGSGYAADKESTQKAIDGVTNKVNSIIDKMNTQFEAVGREFNNLERRIENL
NKKMEDGFLDVWTYNAELLVLMENERTLDFHDSNVKNLYDKVRLQLRDNAKELGNGCFEFYHKCDNECMESVRNGTYDYP
QYSEEARLKREEISSGR
;
B,D,F
#
# COMPACT_ATOMS: atom_id res chain seq x y z
N ILE A 7 3.04 54.31 26.68
CA ILE A 7 3.65 53.34 25.78
C ILE A 7 2.68 52.18 25.56
N CYS A 8 2.60 51.70 24.31
CA CYS A 8 1.67 50.65 23.94
C CYS A 8 2.43 49.49 23.30
N ILE A 9 1.75 48.33 23.24
CA ILE A 9 2.30 47.12 22.64
C ILE A 9 1.22 46.51 21.76
N GLY A 10 1.58 46.17 20.53
CA GLY A 10 0.63 45.63 19.58
C GLY A 10 1.32 44.90 18.45
N TYR A 11 0.52 44.45 17.48
CA TYR A 11 1.01 43.66 16.36
C TYR A 11 0.75 44.37 15.04
N HIS A 12 1.30 43.77 13.98
CA HIS A 12 1.33 44.35 12.64
C HIS A 12 -0.03 44.22 11.95
N ALA A 13 -0.17 44.93 10.83
CA ALA A 13 -1.32 44.83 9.94
C ALA A 13 -1.04 45.56 8.64
N ASN A 14 -1.26 44.91 7.49
CA ASN A 14 -1.04 45.54 6.19
C ASN A 14 -2.20 45.20 5.27
N ASN A 15 -2.12 45.72 4.04
CA ASN A 15 -3.17 45.56 3.04
C ASN A 15 -3.02 44.18 2.39
N SER A 16 -3.74 43.21 2.94
CA SER A 16 -3.67 41.84 2.45
C SER A 16 -5.03 41.17 2.60
N THR A 17 -5.43 40.43 1.57
CA THR A 17 -6.66 39.66 1.59
C THR A 17 -6.40 38.16 1.61
N GLU A 18 -5.14 37.73 1.67
CA GLU A 18 -4.83 36.31 1.70
C GLU A 18 -5.43 35.65 2.94
N GLN A 19 -6.13 34.54 2.73
CA GLN A 19 -6.86 33.87 3.78
C GLN A 19 -6.37 32.42 3.93
N VAL A 20 -6.33 31.95 5.17
CA VAL A 20 -6.01 30.57 5.49
C VAL A 20 -7.12 30.02 6.38
N ASP A 21 -7.06 28.71 6.62
CA ASP A 21 -8.02 28.04 7.49
C ASP A 21 -7.30 27.42 8.68
N THR A 22 -8.06 27.25 9.76
CA THR A 22 -7.54 26.77 11.03
C THR A 22 -8.41 25.62 11.51
N ILE A 23 -7.82 24.71 12.29
CA ILE A 23 -8.57 23.59 12.83
C ILE A 23 -9.73 24.06 13.71
N MET A 24 -9.74 25.34 14.12
CA MET A 24 -10.85 25.91 14.85
C MET A 24 -11.50 27.11 14.18
N GLU A 25 -10.86 27.73 13.18
CA GLU A 25 -11.42 28.90 12.52
C GLU A 25 -11.30 28.75 11.00
N LYS A 26 -12.11 29.53 10.28
CA LYS A 26 -12.17 29.46 8.83
C LYS A 26 -12.30 30.86 8.23
N ASN A 27 -11.75 31.02 7.03
CA ASN A 27 -11.68 32.31 6.33
C ASN A 27 -11.10 33.41 7.21
N VAL A 28 -9.97 33.10 7.84
CA VAL A 28 -9.25 34.11 8.62
C VAL A 28 -8.44 34.98 7.66
N THR A 29 -8.59 36.29 7.82
CA THR A 29 -7.83 37.26 7.03
C THR A 29 -6.45 37.43 7.64
N VAL A 30 -5.41 37.13 6.87
CA VAL A 30 -4.05 37.02 7.36
C VAL A 30 -3.15 38.03 6.64
N THR A 31 -2.10 38.47 7.33
CA THR A 31 -1.12 39.39 6.76
C THR A 31 -0.42 38.77 5.56
N HIS A 32 0.02 37.51 5.68
CA HIS A 32 0.77 36.87 4.60
C HIS A 32 0.49 35.37 4.63
N ALA A 33 0.46 34.77 3.45
CA ALA A 33 0.16 33.35 3.31
C ALA A 33 1.07 32.72 2.27
N GLN A 34 1.14 31.40 2.30
CA GLN A 34 1.97 30.64 1.36
C GLN A 34 1.33 29.29 1.11
N ASP A 35 1.27 28.89 -0.16
CA ASP A 35 0.73 27.60 -0.57
C ASP A 35 1.85 26.59 -0.75
N ILE A 36 1.59 25.34 -0.37
CA ILE A 36 2.56 24.27 -0.46
C ILE A 36 2.11 23.18 -1.43
N LEU A 37 1.03 23.41 -2.16
CA LEU A 37 0.50 22.44 -3.12
C LEU A 37 0.90 22.87 -4.52
N GLU A 38 1.65 22.01 -5.22
CA GLU A 38 2.05 22.29 -6.59
C GLU A 38 0.89 22.07 -7.54
N LYS A 39 0.63 23.07 -8.38
CA LYS A 39 -0.48 22.99 -9.33
C LYS A 39 -0.11 23.36 -10.76
N LYS A 40 1.15 23.69 -11.04
CA LYS A 40 1.55 24.16 -12.35
C LYS A 40 2.44 23.12 -13.04
N HIS A 41 2.26 22.99 -14.35
CA HIS A 41 3.03 22.09 -15.19
C HIS A 41 3.29 22.75 -16.53
N ASN A 42 4.42 22.44 -17.14
CA ASN A 42 4.85 23.09 -18.37
C ASN A 42 4.26 22.47 -19.62
N GLY A 43 3.44 21.42 -19.50
CA GLY A 43 2.72 20.90 -20.63
C GLY A 43 3.53 20.27 -21.73
N LYS A 44 4.73 19.77 -21.42
CA LYS A 44 5.56 19.12 -22.43
C LYS A 44 6.48 18.10 -21.76
N LEU A 45 6.78 17.05 -22.51
CA LEU A 45 7.67 16.00 -22.01
C LEU A 45 9.10 16.50 -21.94
N CYS A 46 9.81 16.12 -20.88
CA CYS A 46 11.19 16.56 -20.66
C CYS A 46 12.05 15.35 -20.34
N ASP A 47 13.32 15.61 -20.05
CA ASP A 47 14.23 14.57 -19.63
C ASP A 47 14.12 14.35 -18.12
N LEU A 48 14.52 13.15 -17.69
CA LEU A 48 14.51 12.77 -16.28
C LEU A 48 15.94 12.75 -15.77
N ASP A 49 16.27 13.69 -14.88
CA ASP A 49 17.61 13.87 -14.33
C ASP A 49 18.66 14.06 -15.42
N GLY A 50 18.25 14.48 -16.61
CA GLY A 50 19.15 14.66 -17.72
C GLY A 50 19.21 13.51 -18.71
N VAL A 51 18.16 12.68 -18.78
CA VAL A 51 18.12 11.54 -19.68
C VAL A 51 16.87 11.66 -20.56
N LYS A 52 17.07 11.68 -21.88
CA LYS A 52 15.97 11.88 -22.80
C LYS A 52 15.01 10.69 -22.76
N PRO A 53 13.73 10.92 -23.08
CA PRO A 53 12.77 9.82 -23.13
C PRO A 53 12.61 9.24 -24.52
N LEU A 54 12.20 7.98 -24.61
CA LEU A 54 11.93 7.32 -25.89
C LEU A 54 10.46 7.51 -26.24
N ILE A 55 10.19 8.18 -27.35
CA ILE A 55 8.85 8.57 -27.74
C ILE A 55 8.51 7.95 -29.09
N LEU A 56 7.28 7.46 -29.22
CA LEU A 56 6.80 6.84 -30.44
C LEU A 56 5.55 7.59 -30.87
N ARG A 57 5.56 8.12 -32.09
CA ARG A 57 4.49 9.01 -32.51
C ARG A 57 3.19 8.26 -32.76
N ASP A 58 3.24 7.21 -33.57
CA ASP A 58 2.06 6.40 -33.87
C ASP A 58 2.37 4.91 -33.84
N CYS A 59 3.53 4.52 -33.31
CA CYS A 59 3.94 3.13 -33.22
C CYS A 59 3.91 2.68 -31.77
N SER A 60 3.77 1.38 -31.59
CA SER A 60 3.82 0.75 -30.27
C SER A 60 5.19 0.14 -30.05
N VAL A 61 5.42 -0.33 -28.82
CA VAL A 61 6.70 -0.96 -28.51
C VAL A 61 6.89 -2.22 -29.32
N ALA A 62 5.83 -3.02 -29.49
CA ALA A 62 5.90 -4.23 -30.30
C ALA A 62 6.16 -3.89 -31.76
N GLY A 63 5.44 -2.90 -32.29
CA GLY A 63 5.63 -2.51 -33.67
C GLY A 63 6.98 -1.86 -33.92
N TRP A 64 7.54 -1.19 -32.92
CA TRP A 64 8.85 -0.57 -33.07
C TRP A 64 9.97 -1.58 -32.83
N LEU A 65 9.79 -2.48 -31.86
CA LEU A 65 10.81 -3.49 -31.60
C LEU A 65 10.96 -4.41 -32.81
N LEU A 66 9.85 -4.95 -33.30
CA LEU A 66 9.85 -5.61 -34.60
C LEU A 66 10.00 -4.56 -35.70
N GLY A 67 10.20 -5.03 -36.93
CA GLY A 67 10.44 -4.13 -38.03
C GLY A 67 9.22 -3.77 -38.83
N ASN A 68 8.15 -3.32 -38.16
CA ASN A 68 6.94 -2.89 -38.84
C ASN A 68 7.30 -1.81 -39.86
N PRO A 69 6.96 -2.00 -41.14
CA PRO A 69 7.42 -1.05 -42.18
C PRO A 69 7.01 0.39 -41.92
N MET A 70 5.89 0.61 -41.23
CA MET A 70 5.45 1.97 -40.93
C MET A 70 6.27 2.64 -39.83
N CYS A 71 7.02 1.87 -39.05
CA CYS A 71 7.75 2.41 -37.92
C CYS A 71 9.21 2.68 -38.28
N ASP A 72 9.75 3.75 -37.70
CA ASP A 72 11.11 4.19 -37.98
C ASP A 72 12.14 3.22 -37.45
N ASN A 76 16.56 5.79 -34.06
CA ASN A 76 17.46 4.99 -33.24
C ASN A 76 18.06 5.85 -32.11
N VAL A 77 18.04 5.32 -30.90
CA VAL A 77 18.50 6.04 -29.72
C VAL A 77 19.28 5.08 -28.82
N PRO A 78 20.43 5.47 -28.28
CA PRO A 78 21.22 4.56 -27.44
C PRO A 78 21.00 4.69 -25.93
N GLU A 79 20.07 5.54 -25.48
CA GLU A 79 19.84 5.71 -24.05
C GLU A 79 18.55 6.48 -23.79
N TRP A 80 17.71 5.98 -22.88
CA TRP A 80 16.49 6.69 -22.52
C TRP A 80 16.11 6.36 -21.09
N SER A 81 15.28 7.22 -20.51
CA SER A 81 14.81 7.08 -19.14
C SER A 81 13.45 6.41 -19.03
N TYR A 82 12.50 6.77 -19.90
CA TYR A 82 11.20 6.14 -19.91
C TYR A 82 10.67 6.14 -21.34
N ILE A 83 9.60 5.37 -21.56
CA ILE A 83 9.03 5.15 -22.87
C ILE A 83 7.67 5.83 -22.95
N VAL A 84 7.43 6.54 -24.04
CA VAL A 84 6.15 7.19 -24.30
C VAL A 84 5.57 6.61 -25.58
N GLU A 85 4.45 5.92 -25.45
CA GLU A 85 3.62 5.55 -26.61
C GLU A 85 2.23 6.13 -26.39
N LYS A 86 1.65 6.64 -27.46
CA LYS A 86 0.35 7.30 -27.35
C LYS A 86 -0.72 6.28 -26.99
N ALA A 87 -1.96 6.78 -26.81
CA ALA A 87 -3.04 5.96 -26.28
C ALA A 87 -3.23 4.68 -27.09
N ASN A 88 -3.57 4.82 -28.37
CA ASN A 88 -3.83 3.68 -29.24
C ASN A 88 -2.97 3.83 -30.49
N PRO A 89 -1.76 3.26 -30.48
CA PRO A 89 -0.91 3.36 -31.68
C PRO A 89 -1.54 2.67 -32.86
N VAL A 90 -1.44 3.32 -34.03
CA VAL A 90 -2.02 2.78 -35.26
C VAL A 90 -1.08 1.82 -35.97
N ASN A 91 0.18 1.72 -35.55
CA ASN A 91 1.17 0.84 -36.16
C ASN A 91 1.66 -0.14 -35.10
N ASP A 92 0.85 -1.16 -34.82
CA ASP A 92 1.22 -2.21 -33.89
C ASP A 92 1.84 -3.37 -34.65
N LEU A 93 1.16 -4.51 -34.68
CA LEU A 93 1.57 -5.65 -35.48
C LEU A 93 0.92 -5.53 -36.85
N CYS A 94 1.71 -5.15 -37.86
CA CYS A 94 1.16 -5.05 -39.21
C CYS A 94 0.56 -6.37 -39.66
N TYR A 95 1.22 -7.47 -39.34
CA TYR A 95 0.62 -8.79 -39.46
C TYR A 95 0.07 -9.20 -38.11
N PRO A 96 -1.21 -9.52 -37.99
CA PRO A 96 -1.81 -9.69 -36.65
C PRO A 96 -1.26 -10.90 -35.93
N GLY A 97 -1.33 -10.83 -34.60
CA GLY A 97 -0.85 -11.91 -33.76
C GLY A 97 -0.80 -11.46 -32.31
N ASP A 98 0.01 -12.17 -31.53
CA ASP A 98 0.19 -11.87 -30.12
C ASP A 98 1.68 -11.78 -29.82
N PHE A 99 2.00 -11.34 -28.60
CA PHE A 99 3.38 -11.21 -28.14
C PHE A 99 3.47 -11.81 -26.75
N ASN A 100 4.30 -12.83 -26.60
CA ASN A 100 4.42 -13.53 -25.32
C ASN A 100 5.19 -12.69 -24.32
N ASP A 101 4.64 -12.56 -23.11
CA ASP A 101 5.21 -11.70 -22.08
C ASP A 101 5.44 -10.29 -22.59
N TYR A 102 4.47 -9.79 -23.34
CA TYR A 102 4.57 -8.44 -23.90
C TYR A 102 4.60 -7.38 -22.80
N GLU A 103 3.83 -7.59 -21.74
CA GLU A 103 3.82 -6.64 -20.64
C GLU A 103 5.12 -6.67 -19.86
N GLU A 104 5.66 -7.86 -19.61
CA GLU A 104 6.93 -7.98 -18.91
C GLU A 104 8.08 -7.41 -19.74
N LEU A 105 8.01 -7.58 -21.07
CA LEU A 105 9.08 -7.10 -21.94
C LEU A 105 9.12 -5.57 -21.96
N LYS A 106 7.95 -4.92 -21.96
CA LYS A 106 7.92 -3.46 -21.98
C LYS A 106 8.50 -2.87 -20.71
N HIS A 107 8.21 -3.47 -19.56
CA HIS A 107 8.77 -2.98 -18.30
C HIS A 107 10.28 -3.11 -18.28
N LEU A 108 10.84 -4.08 -19.00
CA LEU A 108 12.28 -4.21 -19.09
C LEU A 108 12.91 -3.08 -19.89
N LEU A 109 12.30 -2.76 -21.04
CA LEU A 109 12.80 -1.71 -21.91
C LEU A 109 12.45 -0.30 -21.44
N SER A 110 11.78 -0.18 -20.28
CA SER A 110 11.36 1.13 -19.80
C SER A 110 12.55 2.04 -19.51
N ARG A 111 13.67 1.48 -19.04
CA ARG A 111 14.89 2.25 -18.81
C ARG A 111 16.07 1.42 -19.28
N ILE A 112 16.75 1.89 -20.34
CA ILE A 112 17.89 1.21 -20.92
C ILE A 112 19.03 2.20 -21.04
N ASN A 113 20.21 1.81 -20.55
CA ASN A 113 21.37 2.68 -20.59
C ASN A 113 22.18 2.55 -21.87
N HIS A 114 22.09 1.43 -22.57
CA HIS A 114 22.67 1.31 -23.90
C HIS A 114 21.82 0.36 -24.74
N PHE A 115 21.45 0.82 -25.94
CA PHE A 115 20.61 0.04 -26.84
C PHE A 115 21.23 0.13 -28.24
N GLU A 116 21.57 -1.02 -28.81
CA GLU A 116 22.30 -1.06 -30.08
C GLU A 116 21.81 -2.26 -30.87
N LYS A 117 21.10 -2.01 -31.97
CA LYS A 117 20.61 -3.09 -32.81
C LYS A 117 21.78 -3.82 -33.47
N ILE A 118 21.62 -5.14 -33.62
CA ILE A 118 22.66 -6.00 -34.20
C ILE A 118 21.98 -7.03 -35.09
N GLN A 119 22.52 -7.20 -36.30
CA GLN A 119 22.08 -8.26 -37.19
C GLN A 119 22.87 -9.52 -36.85
N ILE A 120 22.18 -10.56 -36.39
CA ILE A 120 22.86 -11.77 -35.96
C ILE A 120 22.88 -12.82 -37.07
N ILE A 121 21.78 -12.96 -37.79
CA ILE A 121 21.63 -13.92 -38.88
C ILE A 121 21.01 -13.20 -40.07
N PRO A 122 21.81 -12.94 -41.12
CA PRO A 122 21.33 -12.12 -42.24
C PRO A 122 20.22 -12.81 -43.02
N LYS A 123 19.57 -12.04 -43.91
CA LYS A 123 18.47 -12.56 -44.73
C LYS A 123 18.95 -13.63 -45.69
N SER A 124 20.14 -13.43 -46.27
CA SER A 124 20.69 -14.38 -47.24
C SER A 124 20.99 -15.73 -46.62
N SER A 125 21.48 -15.74 -45.38
CA SER A 125 21.81 -17.01 -44.74
C SER A 125 20.57 -17.88 -44.58
N TRP A 126 19.44 -17.28 -44.22
CA TRP A 126 18.22 -18.07 -44.07
C TRP A 126 17.78 -18.67 -45.40
N SER A 127 18.02 -17.96 -46.51
CA SER A 127 17.68 -18.52 -47.81
C SER A 127 18.58 -19.70 -48.12
N SER A 128 17.98 -20.83 -48.52
CA SER A 128 18.73 -22.03 -48.88
C SER A 128 17.91 -22.96 -49.78
N SER A 132 11.49 -19.08 -50.70
CA SER A 132 12.58 -18.55 -49.91
C SER A 132 12.06 -17.74 -48.71
N LEU A 133 11.76 -16.47 -48.97
CA LEU A 133 11.30 -15.55 -47.94
C LEU A 133 9.86 -15.12 -48.22
N GLY A 134 9.13 -14.82 -47.15
CA GLY A 134 7.71 -14.58 -47.20
C GLY A 134 7.34 -13.11 -47.04
N VAL A 135 6.24 -12.72 -47.67
CA VAL A 135 5.74 -11.35 -47.66
C VAL A 135 4.22 -11.39 -47.51
N SER A 136 3.66 -10.40 -46.82
CA SER A 136 2.23 -10.29 -46.65
C SER A 136 1.76 -8.90 -47.06
N SER A 137 0.51 -8.84 -47.55
CA SER A 137 -0.10 -7.56 -47.88
C SER A 137 -0.51 -6.77 -46.65
N ALA A 138 -0.55 -7.40 -45.47
CA ALA A 138 -0.86 -6.69 -44.24
C ALA A 138 0.29 -5.82 -43.75
N CYS A 139 1.48 -5.96 -44.35
CA CYS A 139 2.65 -5.16 -44.00
C CYS A 139 3.19 -4.47 -45.26
N PRO A 140 2.48 -3.45 -45.75
CA PRO A 140 2.96 -2.75 -46.95
C PRO A 140 4.04 -1.73 -46.60
N TYR A 141 5.18 -1.83 -47.28
CA TYR A 141 6.26 -0.88 -47.04
C TYR A 141 6.01 0.43 -47.77
N GLN A 142 5.90 0.38 -49.09
CA GLN A 142 5.67 1.55 -49.91
C GLN A 142 4.77 1.14 -51.09
N GLY A 143 3.52 0.81 -50.77
CA GLY A 143 2.58 0.34 -51.77
C GLY A 143 2.81 -1.12 -52.09
N LYS A 144 4.05 -1.44 -52.41
CA LYS A 144 4.48 -2.81 -52.63
C LYS A 144 4.68 -3.50 -51.28
N SER A 145 4.02 -4.63 -51.09
CA SER A 145 3.98 -5.29 -49.79
C SER A 145 5.35 -5.77 -49.36
N SER A 146 5.62 -5.64 -48.06
CA SER A 146 6.85 -6.16 -47.47
C SER A 146 6.51 -6.94 -46.20
N PHE A 147 7.40 -6.89 -45.21
CA PHE A 147 7.22 -7.62 -43.97
C PHE A 147 7.98 -6.90 -42.87
N PHE A 148 8.02 -7.48 -41.68
CA PHE A 148 8.82 -6.94 -40.60
C PHE A 148 10.29 -6.88 -41.02
N ARG A 149 10.95 -5.78 -40.69
CA ARG A 149 12.34 -5.56 -41.08
C ARG A 149 13.31 -6.35 -40.22
N ASN A 150 12.95 -6.65 -38.96
CA ASN A 150 13.88 -7.24 -38.02
C ASN A 150 13.73 -8.76 -37.87
N VAL A 151 12.59 -9.33 -38.26
CA VAL A 151 12.38 -10.76 -38.25
C VAL A 151 11.95 -11.20 -39.64
N VAL A 152 12.39 -12.39 -40.06
CA VAL A 152 12.21 -12.87 -41.42
C VAL A 152 11.20 -14.01 -41.43
N TRP A 153 10.23 -13.93 -42.33
CA TRP A 153 9.24 -14.98 -42.51
C TRP A 153 9.79 -16.01 -43.50
N LEU A 154 9.81 -17.27 -43.07
CA LEU A 154 10.38 -18.36 -43.86
C LEU A 154 9.27 -19.15 -44.54
N ILE A 155 9.37 -19.28 -45.87
CA ILE A 155 8.45 -20.08 -46.67
C ILE A 155 9.27 -21.18 -47.33
N LYS A 156 8.56 -22.21 -47.81
CA LYS A 156 9.22 -23.34 -48.45
C LYS A 156 10.11 -22.88 -49.60
N LYS A 157 11.19 -23.63 -49.82
CA LYS A 157 12.14 -23.35 -50.89
C LYS A 157 12.13 -24.51 -51.86
N ASN A 158 11.86 -24.23 -53.14
CA ASN A 158 11.80 -25.26 -54.18
C ASN A 158 10.74 -26.33 -53.89
N SER A 159 9.56 -25.87 -53.46
CA SER A 159 8.36 -26.68 -53.20
C SER A 159 8.55 -27.75 -52.12
N THR A 160 9.68 -27.80 -51.42
CA THR A 160 9.93 -28.77 -50.36
C THR A 160 10.78 -28.08 -49.29
N ALA A 161 10.21 -27.88 -48.11
CA ALA A 161 10.89 -27.16 -47.04
C ALA A 161 11.54 -28.14 -46.07
N PRO A 162 12.87 -28.29 -46.06
CA PRO A 162 13.47 -29.21 -45.08
C PRO A 162 13.72 -28.56 -43.74
N THR A 163 14.27 -29.34 -42.81
CA THR A 163 14.58 -28.82 -41.48
C THR A 163 15.64 -27.72 -41.57
N ILE A 164 15.37 -26.61 -40.91
CA ILE A 164 16.31 -25.49 -40.83
C ILE A 164 16.98 -25.51 -39.47
N LYS A 165 18.31 -25.62 -39.46
CA LYS A 165 19.10 -25.64 -38.23
C LYS A 165 20.13 -24.52 -38.30
N ARG A 166 19.83 -23.39 -37.66
CA ARG A 166 20.73 -22.25 -37.59
C ARG A 166 20.78 -21.76 -36.15
N SER A 167 21.99 -21.59 -35.62
CA SER A 167 22.17 -21.17 -34.23
C SER A 167 23.09 -19.96 -34.15
N TYR A 168 22.83 -19.08 -33.19
CA TYR A 168 23.64 -17.91 -32.95
C TYR A 168 24.25 -17.97 -31.55
N ASN A 169 25.50 -17.53 -31.45
CA ASN A 169 26.24 -17.49 -30.19
C ASN A 169 26.54 -16.03 -29.87
N ASN A 170 26.11 -15.59 -28.69
CA ASN A 170 26.40 -14.24 -28.25
C ASN A 170 27.89 -14.10 -27.96
N THR A 171 28.56 -13.22 -28.70
CA THR A 171 29.98 -12.94 -28.51
C THR A 171 30.22 -11.54 -27.99
N ASN A 172 29.17 -10.77 -27.72
CA ASN A 172 29.31 -9.39 -27.28
C ASN A 172 29.57 -9.35 -25.77
N GLN A 173 29.57 -8.14 -25.20
CA GLN A 173 29.85 -7.95 -23.80
C GLN A 173 28.60 -7.75 -22.94
N GLU A 174 27.46 -7.42 -23.55
CA GLU A 174 26.23 -7.17 -22.84
C GLU A 174 25.20 -8.24 -23.14
N ASP A 175 24.16 -8.28 -22.31
CA ASP A 175 23.00 -9.09 -22.62
C ASP A 175 22.34 -8.57 -23.89
N LEU A 176 21.81 -9.48 -24.71
CA LEU A 176 21.13 -9.07 -25.93
C LEU A 176 19.79 -9.78 -26.04
N LEU A 177 18.80 -9.06 -26.58
CA LEU A 177 17.42 -9.49 -26.63
C LEU A 177 17.11 -10.07 -28.01
N VAL A 178 16.79 -11.35 -28.06
CA VAL A 178 16.46 -12.04 -29.31
C VAL A 178 14.94 -12.10 -29.46
N LEU A 179 14.46 -11.88 -30.68
CA LEU A 179 13.04 -11.98 -31.00
C LEU A 179 12.86 -12.96 -32.15
N TRP A 180 11.91 -13.88 -32.00
CA TRP A 180 11.52 -14.79 -33.05
C TRP A 180 10.01 -14.96 -33.02
N GLY A 181 9.48 -15.79 -33.92
CA GLY A 181 8.04 -15.96 -33.99
C GLY A 181 7.64 -17.20 -34.75
N ILE A 182 6.35 -17.51 -34.65
CA ILE A 182 5.76 -18.66 -35.33
C ILE A 182 4.47 -18.19 -36.00
N HIS A 183 4.20 -18.75 -37.18
CA HIS A 183 3.01 -18.41 -37.94
C HIS A 183 1.94 -19.47 -37.73
N HIS A 184 0.74 -19.02 -37.35
CA HIS A 184 -0.41 -19.91 -37.23
C HIS A 184 -1.26 -19.76 -38.47
N PRO A 185 -1.19 -20.68 -39.43
CA PRO A 185 -1.94 -20.53 -40.67
C PRO A 185 -3.45 -20.60 -40.44
N ASN A 186 -4.19 -20.09 -41.42
CA ASN A 186 -5.65 -20.03 -41.31
C ASN A 186 -6.24 -21.43 -41.26
N ASP A 187 -6.04 -22.22 -42.32
CA ASP A 187 -6.51 -23.59 -42.38
C ASP A 187 -5.35 -24.51 -42.70
N ALA A 188 -5.58 -25.82 -42.53
CA ALA A 188 -4.53 -26.79 -42.82
C ALA A 188 -4.20 -26.84 -44.31
N ALA A 189 -5.14 -26.45 -45.16
CA ALA A 189 -4.86 -26.43 -46.60
C ALA A 189 -3.86 -25.34 -46.97
N GLU A 190 -3.94 -24.19 -46.31
CA GLU A 190 -3.01 -23.10 -46.60
C GLU A 190 -1.60 -23.45 -46.15
N GLN A 191 -1.46 -24.29 -45.12
CA GLN A 191 -0.13 -24.64 -44.62
C GLN A 191 0.67 -25.38 -45.69
N THR A 192 0.06 -26.40 -46.31
CA THR A 192 0.75 -27.14 -47.36
C THR A 192 1.18 -26.21 -48.50
N LYS A 193 0.38 -25.18 -48.79
CA LYS A 193 0.77 -24.20 -49.79
C LYS A 193 2.03 -23.45 -49.36
N LEU A 194 2.11 -23.09 -48.08
CA LEU A 194 3.26 -22.34 -47.56
C LEU A 194 4.40 -23.25 -47.12
N TYR A 195 4.08 -24.30 -46.35
CA TYR A 195 5.08 -25.18 -45.78
C TYR A 195 4.68 -26.62 -46.08
N GLN A 196 5.59 -27.38 -46.71
CA GLN A 196 5.22 -28.67 -47.27
C GLN A 196 4.73 -29.64 -46.19
N ASN A 197 5.41 -29.67 -45.04
CA ASN A 197 5.07 -30.63 -44.00
C ASN A 197 3.80 -30.21 -43.28
N PRO A 198 2.82 -31.11 -43.12
CA PRO A 198 1.60 -30.74 -42.37
C PRO A 198 1.84 -30.58 -40.88
N THR A 199 2.75 -31.34 -40.30
CA THR A 199 3.11 -31.23 -38.89
C THR A 199 4.44 -30.51 -38.77
N THR A 200 4.52 -29.55 -37.84
CA THR A 200 5.64 -28.62 -37.78
C THR A 200 6.01 -28.32 -36.34
N TYR A 201 7.29 -28.03 -36.13
CA TYR A 201 7.79 -27.66 -34.82
C TYR A 201 8.80 -26.52 -34.96
N ILE A 202 9.06 -25.84 -33.85
CA ILE A 202 10.10 -24.82 -33.75
C ILE A 202 10.75 -24.97 -32.39
N SER A 203 11.98 -25.49 -32.36
CA SER A 203 12.69 -25.72 -31.11
C SER A 203 13.73 -24.62 -30.92
N VAL A 204 13.64 -23.91 -29.79
CA VAL A 204 14.58 -22.84 -29.45
C VAL A 204 15.22 -23.20 -28.13
N GLY A 205 16.55 -23.11 -28.07
CA GLY A 205 17.26 -23.55 -26.89
C GLY A 205 18.44 -22.70 -26.45
N THR A 206 18.47 -22.36 -25.16
CA THR A 206 19.62 -21.73 -24.52
C THR A 206 19.91 -22.47 -23.22
N SER A 207 20.91 -22.00 -22.49
CA SER A 207 21.10 -22.50 -21.13
C SER A 207 19.98 -22.06 -20.20
N THR A 208 19.16 -21.09 -20.63
CA THR A 208 18.02 -20.58 -19.87
C THR A 208 16.69 -21.10 -20.41
N LEU A 209 16.52 -21.11 -21.73
CA LEU A 209 15.25 -21.38 -22.36
C LEU A 209 15.17 -22.81 -22.87
N ASN A 210 13.95 -23.36 -22.86
CA ASN A 210 13.66 -24.64 -23.50
C ASN A 210 12.20 -24.61 -23.92
N GLN A 211 11.96 -24.53 -25.23
CA GLN A 211 10.58 -24.47 -25.73
C GLN A 211 10.52 -25.11 -27.10
N ARG A 212 9.32 -25.56 -27.47
CA ARG A 212 9.07 -26.17 -28.76
C ARG A 212 7.68 -25.74 -29.20
N LEU A 213 7.61 -24.95 -30.26
CA LEU A 213 6.36 -24.34 -30.70
C LEU A 213 5.67 -25.22 -31.73
N VAL A 214 4.34 -25.24 -31.67
CA VAL A 214 3.51 -26.00 -32.61
C VAL A 214 2.48 -25.07 -33.23
N PRO A 215 2.31 -25.07 -34.54
CA PRO A 215 1.28 -24.21 -35.15
C PRO A 215 -0.11 -24.58 -34.66
N ARG A 216 -0.97 -23.56 -34.58
CA ARG A 216 -2.29 -23.68 -33.97
C ARG A 216 -3.32 -23.27 -35.01
N ILE A 217 -3.78 -24.23 -35.81
CA ILE A 217 -4.70 -23.96 -36.90
C ILE A 217 -6.11 -23.79 -36.34
N ALA A 218 -6.75 -22.68 -36.68
CA ALA A 218 -8.12 -22.40 -36.25
C ALA A 218 -8.71 -21.34 -37.16
N THR A 219 -10.00 -21.47 -37.46
CA THR A 219 -10.69 -20.50 -38.30
C THR A 219 -10.91 -19.21 -37.52
N ARG A 220 -10.36 -18.10 -38.01
CA ARG A 220 -10.41 -16.83 -37.32
C ARG A 220 -10.97 -15.76 -38.24
N SER A 221 -11.41 -14.65 -37.63
CA SER A 221 -11.91 -13.52 -38.39
C SER A 221 -10.74 -12.71 -38.96
N LYS A 222 -11.00 -12.06 -40.09
CA LYS A 222 -9.96 -11.27 -40.75
C LYS A 222 -9.57 -10.08 -39.90
N VAL A 223 -8.26 -9.89 -39.71
CA VAL A 223 -7.71 -8.69 -39.10
C VAL A 223 -6.61 -8.18 -40.02
N ASN A 224 -6.78 -6.95 -40.52
CA ASN A 224 -5.91 -6.38 -41.55
C ASN A 224 -5.91 -7.25 -42.81
N GLY A 225 -7.08 -7.79 -43.15
CA GLY A 225 -7.21 -8.63 -44.31
C GLY A 225 -6.59 -10.01 -44.19
N GLN A 226 -6.15 -10.38 -43.00
CA GLN A 226 -5.48 -11.66 -42.77
C GLN A 226 -6.11 -12.34 -41.56
N SER A 227 -6.45 -13.62 -41.70
CA SER A 227 -7.01 -14.39 -40.61
C SER A 227 -5.98 -15.27 -39.91
N GLY A 228 -4.82 -15.49 -40.52
CA GLY A 228 -3.75 -16.19 -39.84
C GLY A 228 -2.99 -15.28 -38.90
N ARG A 229 -2.52 -15.87 -37.81
CA ARG A 229 -1.84 -15.12 -36.76
C ARG A 229 -0.37 -15.48 -36.70
N MET A 230 0.41 -14.59 -36.09
CA MET A 230 1.84 -14.79 -35.89
C MET A 230 2.19 -14.40 -34.46
N GLU A 231 2.51 -15.41 -33.64
CA GLU A 231 2.84 -15.18 -32.24
C GLU A 231 4.35 -15.05 -32.08
N PHE A 232 4.77 -14.14 -31.21
CA PHE A 232 6.18 -13.83 -31.01
C PHE A 232 6.60 -14.18 -29.59
N PHE A 233 7.86 -14.60 -29.45
CA PHE A 233 8.46 -14.94 -28.18
C PHE A 233 9.82 -14.25 -28.07
N TRP A 234 10.34 -14.22 -26.85
CA TRP A 234 11.60 -13.50 -26.61
C TRP A 234 12.29 -14.07 -25.38
N THR A 235 13.63 -14.00 -25.42
CA THR A 235 14.48 -14.28 -24.28
C THR A 235 15.65 -13.31 -24.29
N ILE A 236 16.40 -13.30 -23.19
CA ILE A 236 17.60 -12.49 -23.06
C ILE A 236 18.79 -13.44 -23.08
N LEU A 237 19.59 -13.36 -24.14
CA LEU A 237 20.75 -14.23 -24.31
C LEU A 237 21.89 -13.72 -23.45
N LYS A 238 22.23 -14.47 -22.40
CA LYS A 238 23.33 -14.12 -21.52
C LYS A 238 24.63 -14.01 -22.33
N PRO A 239 25.64 -13.29 -21.79
CA PRO A 239 26.81 -12.93 -22.62
C PRO A 239 27.45 -14.06 -23.40
N ASN A 240 27.74 -15.20 -22.76
CA ASN A 240 28.48 -16.27 -23.40
C ASN A 240 27.61 -17.48 -23.76
N ASP A 241 26.30 -17.39 -23.56
CA ASP A 241 25.42 -18.48 -23.97
C ASP A 241 25.04 -18.33 -25.44
N ALA A 242 24.66 -19.44 -26.05
CA ALA A 242 24.25 -19.48 -27.45
C ALA A 242 22.82 -19.97 -27.56
N ILE A 243 22.10 -19.43 -28.54
CA ILE A 243 20.73 -19.79 -28.82
C ILE A 243 20.70 -20.62 -30.10
N ASN A 244 19.93 -21.71 -30.07
CA ASN A 244 19.88 -22.66 -31.18
C ASN A 244 18.45 -22.76 -31.68
N PHE A 245 18.24 -22.49 -32.97
CA PHE A 245 16.95 -22.59 -33.60
C PHE A 245 16.90 -23.84 -34.49
N GLU A 246 15.77 -24.54 -34.42
CA GLU A 246 15.57 -25.75 -35.23
C GLU A 246 14.08 -25.84 -35.51
N SER A 247 13.69 -25.61 -36.77
CA SER A 247 12.29 -25.50 -37.13
C SER A 247 11.98 -26.38 -38.33
N ASN A 248 10.75 -26.91 -38.35
CA ASN A 248 10.33 -27.76 -39.45
C ASN A 248 9.84 -26.95 -40.65
N GLY A 249 9.22 -25.79 -40.41
CA GLY A 249 8.75 -24.98 -41.52
C GLY A 249 7.94 -23.74 -41.18
N ASN A 250 7.33 -23.66 -39.99
CA ASN A 250 6.50 -22.54 -39.60
C ASN A 250 7.29 -21.41 -38.95
N PHE A 251 8.52 -21.18 -39.39
CA PHE A 251 9.47 -20.36 -38.65
C PHE A 251 9.42 -18.91 -39.11
N ILE A 252 9.34 -17.99 -38.15
CA ILE A 252 9.67 -16.58 -38.34
C ILE A 252 10.99 -16.36 -37.63
N ALA A 253 12.07 -16.32 -38.40
CA ALA A 253 13.41 -16.39 -37.85
C ALA A 253 13.91 -15.00 -37.43
N PRO A 254 14.85 -14.95 -36.49
CA PRO A 254 15.43 -13.66 -36.11
C PRO A 254 16.52 -13.24 -37.10
N GLU A 255 16.41 -12.00 -37.59
CA GLU A 255 17.48 -11.38 -38.36
C GLU A 255 18.24 -10.34 -37.55
N TYR A 256 17.54 -9.58 -36.72
CA TYR A 256 18.15 -8.52 -35.92
C TYR A 256 17.89 -8.77 -34.44
N ALA A 257 18.86 -8.36 -33.61
CA ALA A 257 18.75 -8.44 -32.17
C ALA A 257 19.12 -7.10 -31.56
N TYR A 258 19.21 -7.03 -30.23
CA TYR A 258 19.46 -5.77 -29.54
C TYR A 258 20.30 -6.01 -28.30
N LYS A 259 21.51 -5.46 -28.28
CA LYS A 259 22.29 -5.42 -27.05
C LYS A 259 21.64 -4.47 -26.05
N ILE A 260 21.57 -4.89 -24.78
CA ILE A 260 20.91 -4.11 -23.75
C ILE A 260 21.84 -3.95 -22.55
N VAL A 261 21.68 -2.83 -21.86
CA VAL A 261 22.36 -2.56 -20.59
C VAL A 261 21.30 -2.08 -19.60
N LYS A 262 21.12 -2.82 -18.51
CA LYS A 262 20.06 -2.56 -17.54
C LYS A 262 20.70 -2.07 -16.24
N LYS A 263 20.44 -0.80 -15.89
CA LYS A 263 20.93 -0.22 -14.65
C LYS A 263 19.82 0.51 -13.90
N GLY A 264 18.57 0.28 -14.25
CA GLY A 264 17.45 0.94 -13.60
C GLY A 264 16.12 0.63 -14.27
N ASP A 265 15.03 0.81 -13.54
CA ASP A 265 13.69 0.49 -14.03
C ASP A 265 12.83 1.74 -14.08
N SER A 266 11.82 1.69 -14.95
CA SER A 266 10.84 2.76 -15.07
C SER A 266 9.51 2.11 -15.49
N THR A 267 8.65 2.87 -16.15
CA THR A 267 7.37 2.37 -16.61
C THR A 267 7.09 2.94 -17.99
N ILE A 268 6.03 2.42 -18.61
CA ILE A 268 5.56 2.91 -19.91
C ILE A 268 4.55 4.01 -19.66
N MET A 269 4.70 5.13 -20.36
CA MET A 269 3.89 6.31 -20.15
C MET A 269 2.93 6.50 -21.31
N LYS A 270 1.71 6.95 -21.01
CA LYS A 270 0.68 7.22 -22.00
C LYS A 270 0.43 8.71 -22.05
N SER A 271 0.78 9.34 -23.17
CA SER A 271 0.53 10.76 -23.36
C SER A 271 0.55 11.05 -24.86
N GLU A 272 -0.13 12.14 -25.24
CA GLU A 272 -0.20 12.53 -26.64
C GLU A 272 0.79 13.62 -27.00
N LEU A 273 1.38 14.30 -26.02
CA LEU A 273 2.41 15.30 -26.28
C LEU A 273 3.65 14.63 -26.84
N GLU A 274 4.54 15.45 -27.41
CA GLU A 274 5.82 14.97 -27.89
C GLU A 274 6.93 15.86 -27.33
N TYR A 275 8.16 15.59 -27.76
CA TYR A 275 9.33 16.06 -27.04
C TYR A 275 9.48 17.58 -27.12
N GLY A 276 9.72 18.19 -25.97
CA GLY A 276 10.25 19.54 -25.88
C GLY A 276 11.61 19.47 -25.23
N ASN A 277 12.51 20.36 -25.62
CA ASN A 277 13.89 20.35 -25.11
C ASN A 277 13.90 20.99 -23.72
N CYS A 278 13.48 20.19 -22.74
CA CYS A 278 13.43 20.62 -21.35
C CYS A 278 13.93 19.50 -20.46
N ASN A 279 14.00 19.77 -19.16
CA ASN A 279 14.48 18.81 -18.18
C ASN A 279 13.60 18.88 -16.94
N THR A 280 13.54 17.77 -16.21
CA THR A 280 12.72 17.72 -15.01
C THR A 280 13.17 16.56 -14.13
N LYS A 281 12.77 16.64 -12.86
CA LYS A 281 12.92 15.52 -11.94
C LYS A 281 11.61 14.74 -11.76
N CYS A 282 10.49 15.30 -12.20
CA CYS A 282 9.19 14.65 -12.11
C CYS A 282 8.42 14.92 -13.39
N GLN A 283 7.80 13.87 -13.95
CA GLN A 283 7.10 13.95 -15.21
C GLN A 283 5.65 13.54 -15.02
N THR A 284 4.78 14.11 -15.86
CA THR A 284 3.34 13.90 -15.83
C THR A 284 2.84 13.90 -17.26
N PRO A 285 1.90 13.00 -17.61
CA PRO A 285 1.39 12.97 -18.99
C PRO A 285 0.78 14.29 -19.45
N MET A 286 0.47 15.20 -18.53
CA MET A 286 0.02 16.54 -18.87
C MET A 286 1.15 17.55 -18.97
N GLY A 287 2.37 17.19 -18.56
CA GLY A 287 3.49 18.09 -18.54
C GLY A 287 4.27 17.97 -17.25
N ALA A 288 5.58 18.16 -17.34
CA ALA A 288 6.48 17.92 -16.22
C ALA A 288 6.18 18.89 -15.07
N ILE A 289 6.84 18.62 -13.93
CA ILE A 289 6.63 19.37 -12.70
C ILE A 289 7.97 19.82 -12.15
N ASN A 290 8.08 21.12 -11.87
CA ASN A 290 9.22 21.67 -11.13
C ASN A 290 8.73 21.96 -9.72
N SER A 291 9.24 21.22 -8.74
CA SER A 291 8.67 21.28 -7.41
C SER A 291 9.71 21.06 -6.34
N SER A 292 9.78 21.99 -5.38
CA SER A 292 10.29 21.71 -4.05
C SER A 292 9.17 21.31 -3.11
N MET A 293 7.92 21.57 -3.48
CA MET A 293 6.78 21.22 -2.67
C MET A 293 6.70 19.70 -2.48
N PRO A 294 6.25 19.23 -1.32
CA PRO A 294 6.07 17.80 -1.09
C PRO A 294 4.73 17.24 -1.55
N PHE A 295 3.84 18.07 -2.08
CA PHE A 295 2.52 17.62 -2.51
C PHE A 295 2.16 18.28 -3.83
N HIS A 296 1.29 17.60 -4.58
CA HIS A 296 0.76 18.13 -5.84
C HIS A 296 -0.57 17.47 -6.12
N ASN A 297 -1.35 18.08 -7.01
CA ASN A 297 -2.66 17.57 -7.38
C ASN A 297 -2.82 17.42 -8.90
N ILE A 298 -1.72 17.27 -9.62
CA ILE A 298 -1.74 17.26 -11.08
C ILE A 298 -2.33 15.95 -11.59
N HIS A 299 -1.56 14.87 -11.48
CA HIS A 299 -1.94 13.59 -12.08
C HIS A 299 -1.39 12.46 -11.22
N PRO A 300 -2.05 11.31 -11.18
CA PRO A 300 -1.52 10.18 -10.39
C PRO A 300 -0.39 9.44 -11.08
N LEU A 301 -0.46 9.31 -12.40
CA LEU A 301 0.51 8.52 -13.17
C LEU A 301 1.77 9.36 -13.39
N THR A 302 2.59 9.45 -12.34
CA THR A 302 3.80 10.25 -12.37
C THR A 302 5.03 9.37 -12.55
N ILE A 303 6.07 9.95 -13.13
CA ILE A 303 7.38 9.32 -13.26
C ILE A 303 8.42 10.31 -12.77
N GLY A 304 9.33 9.85 -11.91
CA GLY A 304 10.41 10.67 -11.41
C GLY A 304 10.33 10.86 -9.90
N GLU A 305 11.34 11.52 -9.38
CA GLU A 305 11.35 11.95 -7.98
C GLU A 305 10.29 13.03 -7.82
N CYS A 306 9.12 12.64 -7.32
CA CYS A 306 7.95 13.51 -7.37
C CYS A 306 7.43 13.84 -5.98
N PRO A 307 6.71 14.94 -5.84
CA PRO A 307 5.90 15.15 -4.64
C PRO A 307 4.76 14.15 -4.60
N LYS A 308 4.20 13.98 -3.40
CA LYS A 308 3.16 12.99 -3.18
C LYS A 308 1.83 13.49 -3.72
N TYR A 309 1.13 12.62 -4.46
CA TYR A 309 -0.13 12.99 -5.08
C TYR A 309 -1.22 13.13 -4.02
N VAL A 310 -1.96 14.24 -4.08
CA VAL A 310 -2.94 14.60 -3.07
C VAL A 310 -4.17 15.17 -3.75
N LYS A 311 -5.35 14.81 -3.25
CA LYS A 311 -6.62 15.37 -3.75
C LYS A 311 -6.94 16.62 -2.95
N SER A 312 -6.50 17.76 -3.45
CA SER A 312 -6.80 19.04 -2.84
C SER A 312 -6.53 20.15 -3.84
N ASN A 313 -7.12 21.31 -3.59
CA ASN A 313 -6.90 22.49 -4.41
C ASN A 313 -6.10 23.57 -3.72
N ARG A 314 -6.17 23.65 -2.39
CA ARG A 314 -5.51 24.69 -1.62
C ARG A 314 -4.94 24.09 -0.34
N LEU A 315 -3.61 24.17 -0.19
CA LEU A 315 -2.92 23.75 1.02
C LEU A 315 -2.03 24.92 1.47
N VAL A 316 -2.68 25.98 1.95
CA VAL A 316 -2.01 27.25 2.24
C VAL A 316 -1.74 27.34 3.74
N LEU A 317 -0.49 27.59 4.10
CA LEU A 317 -0.11 27.85 5.48
C LEU A 317 -0.19 29.35 5.77
N ALA A 318 0.02 29.70 7.03
CA ALA A 318 -0.03 31.09 7.49
C ALA A 318 1.39 31.53 7.81
N THR A 319 1.92 32.46 7.01
CA THR A 319 3.24 33.01 7.24
C THR A 319 3.21 34.37 7.95
N GLY A 320 2.03 34.96 8.13
CA GLY A 320 1.91 36.21 8.84
C GLY A 320 0.88 36.10 9.95
N LEU A 321 0.81 37.16 10.75
CA LEU A 321 -0.14 37.20 11.85
C LEU A 321 -1.52 37.59 11.35
N ARG A 322 -2.54 37.29 12.15
CA ARG A 322 -3.92 37.55 11.74
C ARG A 322 -4.16 39.05 11.66
N ASN A 323 -4.91 39.45 10.63
CA ASN A 323 -5.11 40.85 10.30
C ASN A 323 -6.57 41.24 10.50
N SER A 324 -6.78 42.49 10.90
CA SER A 324 -8.12 43.04 11.07
C SER A 324 -8.35 44.22 10.15
N ILE B 10 -6.10 44.00 23.01
CA ILE B 10 -5.72 44.79 21.84
C ILE B 10 -6.75 44.56 20.73
N GLU B 11 -7.84 45.31 20.79
CA GLU B 11 -8.90 45.18 19.80
C GLU B 11 -8.39 45.52 18.40
N GLY B 12 -7.96 46.76 18.21
CA GLY B 12 -7.49 47.20 16.90
C GLY B 12 -6.03 46.86 16.71
N GLY B 13 -5.71 46.31 15.53
CA GLY B 13 -4.33 46.09 15.17
C GLY B 13 -3.66 47.37 14.72
N TRP B 14 -2.33 47.38 14.80
CA TRP B 14 -1.55 48.54 14.38
C TRP B 14 -1.45 48.53 12.86
N GLN B 15 -2.47 49.13 12.22
CA GLN B 15 -2.50 49.18 10.77
C GLN B 15 -1.36 50.01 10.21
N GLY B 16 -0.95 51.05 10.93
CA GLY B 16 0.04 51.98 10.47
C GLY B 16 1.49 51.61 10.73
N MET B 17 1.76 50.41 11.22
CA MET B 17 3.13 49.98 11.45
C MET B 17 3.61 49.07 10.33
N GLY B 23 5.86 45.50 18.11
CA GLY B 23 6.44 46.81 18.20
C GLY B 23 5.93 47.61 19.37
N TYR B 24 6.22 48.92 19.39
CA TYR B 24 5.80 49.82 20.45
C TYR B 24 5.21 51.08 19.85
N HIS B 25 4.26 51.67 20.58
CA HIS B 25 3.69 52.96 20.22
C HIS B 25 3.57 53.81 21.49
N HIS B 26 4.03 55.05 21.40
CA HIS B 26 4.08 55.94 22.55
C HIS B 26 3.42 57.28 22.21
N SER B 27 2.91 57.94 23.24
CA SER B 27 2.35 59.28 23.13
C SER B 27 3.25 60.22 23.93
N ASN B 28 4.16 60.89 23.23
CA ASN B 28 5.10 61.79 23.87
C ASN B 28 4.86 63.22 23.37
N SER B 32 5.25 61.15 19.21
CA SER B 32 4.46 59.95 19.02
C SER B 32 4.79 59.27 17.70
N GLY B 33 5.23 58.01 17.78
CA GLY B 33 5.57 57.28 16.57
C GLY B 33 5.67 55.79 16.86
N TYR B 34 5.76 55.02 15.78
CA TYR B 34 5.87 53.58 15.85
C TYR B 34 7.31 53.15 15.66
N ALA B 35 7.74 52.15 16.44
CA ALA B 35 9.09 51.61 16.33
C ALA B 35 9.01 50.13 16.67
N ALA B 36 9.18 49.28 15.65
CA ALA B 36 9.07 47.84 15.86
C ALA B 36 10.24 47.32 16.70
N ASP B 37 9.98 46.23 17.42
CA ASP B 37 10.99 45.58 18.25
C ASP B 37 11.78 44.61 17.39
N LYS B 38 13.06 44.90 17.18
CA LYS B 38 13.90 44.06 16.32
C LYS B 38 14.30 42.76 17.00
N GLU B 39 14.44 42.77 18.33
CA GLU B 39 14.85 41.55 19.03
C GLU B 39 13.76 40.49 18.98
N SER B 40 12.50 40.89 19.16
CA SER B 40 11.42 39.92 19.23
C SER B 40 10.93 39.49 17.84
N THR B 41 11.05 40.36 16.84
CA THR B 41 10.53 40.04 15.52
C THR B 41 11.42 39.05 14.77
N GLN B 42 12.73 39.33 14.70
CA GLN B 42 13.63 38.44 13.97
C GLN B 42 13.76 37.08 14.65
N LYS B 43 13.55 37.02 15.96
CA LYS B 43 13.50 35.73 16.65
C LYS B 43 12.29 34.91 16.20
N ALA B 44 11.15 35.58 16.01
CA ALA B 44 9.95 34.86 15.57
C ALA B 44 10.02 34.52 14.09
N ILE B 45 10.66 35.37 13.29
CA ILE B 45 10.82 35.07 11.86
C ILE B 45 11.75 33.88 11.67
N ASP B 46 12.81 33.77 12.47
CA ASP B 46 13.70 32.62 12.39
C ASP B 46 13.02 31.34 12.84
N GLY B 47 12.01 31.45 13.72
CA GLY B 47 11.32 30.28 14.21
C GLY B 47 10.34 29.70 13.20
N VAL B 48 9.55 30.57 12.56
CA VAL B 48 8.56 30.09 11.60
C VAL B 48 9.22 29.63 10.31
N THR B 49 10.32 30.28 9.92
CA THR B 49 11.06 29.83 8.74
C THR B 49 11.54 28.40 8.90
N ASN B 50 12.02 28.04 10.09
CA ASN B 50 12.41 26.67 10.36
C ASN B 50 11.21 25.73 10.40
N LYS B 51 9.99 26.25 10.56
CA LYS B 51 8.81 25.39 10.59
C LYS B 51 8.39 25.01 9.17
N VAL B 52 8.25 25.99 8.29
CA VAL B 52 7.85 25.70 6.91
C VAL B 52 8.94 24.89 6.21
N ASN B 53 10.21 25.19 6.49
CA ASN B 53 11.29 24.41 5.90
C ASN B 53 11.24 22.96 6.37
N SER B 54 11.14 22.74 7.68
CA SER B 54 11.13 21.38 8.19
C SER B 54 9.91 20.59 7.71
N ILE B 55 8.82 21.27 7.39
CA ILE B 55 7.67 20.59 6.78
C ILE B 55 8.03 20.12 5.38
N ILE B 56 8.71 20.96 4.61
CA ILE B 56 9.06 20.58 3.24
C ILE B 56 10.33 19.72 3.21
N ASP B 57 11.27 19.96 4.12
CA ASP B 57 12.54 19.24 4.07
C ASP B 57 12.46 17.82 4.61
N LYS B 58 11.62 17.59 5.63
CA LYS B 58 11.52 16.25 6.21
C LYS B 58 10.80 15.27 5.29
N MET B 59 10.25 15.73 4.18
CA MET B 59 9.63 14.83 3.20
C MET B 59 10.71 14.09 2.42
N ASN B 60 10.54 12.78 2.27
CA ASN B 60 11.48 11.94 1.55
C ASN B 60 10.85 11.43 0.27
N THR B 61 11.57 11.58 -0.84
CA THR B 61 11.13 11.13 -2.15
C THR B 61 12.21 10.27 -2.77
N GLN B 62 11.81 9.14 -3.34
CA GLN B 62 12.79 8.15 -3.80
C GLN B 62 12.40 7.57 -5.16
N PHE B 63 11.92 8.43 -6.06
CA PHE B 63 11.76 8.07 -7.47
C PHE B 63 10.89 6.85 -7.68
N GLU B 64 9.58 7.02 -7.72
CA GLU B 64 8.66 5.95 -8.07
C GLU B 64 7.98 6.28 -9.41
N ALA B 65 7.90 5.27 -10.27
CA ALA B 65 7.29 5.41 -11.58
C ALA B 65 5.92 4.74 -11.57
N VAL B 66 4.87 5.52 -11.79
CA VAL B 66 3.49 5.06 -11.71
C VAL B 66 2.92 4.97 -13.11
N GLY B 67 2.39 3.80 -13.47
CA GLY B 67 1.77 3.58 -14.77
C GLY B 67 0.96 2.30 -14.80
N ARG B 68 -0.07 2.25 -15.63
CA ARG B 68 -0.93 1.07 -15.73
C ARG B 68 -0.32 0.11 -16.74
N GLU B 69 0.20 -1.02 -16.24
CA GLU B 69 0.92 -1.99 -17.07
C GLU B 69 0.29 -3.37 -17.07
N PHE B 70 -0.93 -3.53 -16.57
CA PHE B 70 -1.57 -4.84 -16.47
C PHE B 70 -2.61 -5.01 -17.57
N ASN B 71 -2.69 -6.21 -18.13
CA ASN B 71 -3.55 -6.46 -19.28
C ASN B 71 -5.01 -6.72 -18.88
N ASN B 72 -5.78 -7.30 -19.81
CA ASN B 72 -7.19 -7.53 -19.56
C ASN B 72 -7.39 -8.64 -18.53
N LEU B 73 -6.61 -9.72 -18.63
CA LEU B 73 -6.71 -10.85 -17.71
C LEU B 73 -5.83 -10.68 -16.48
N GLU B 74 -5.47 -9.44 -16.13
CA GLU B 74 -4.74 -9.15 -14.91
C GLU B 74 -5.43 -8.04 -14.13
N ARG B 75 -6.76 -7.99 -14.20
CA ARG B 75 -7.50 -6.93 -13.52
C ARG B 75 -7.38 -7.02 -12.01
N ARG B 76 -7.30 -8.23 -11.47
CA ARG B 76 -7.20 -8.39 -10.02
C ARG B 76 -5.90 -7.78 -9.49
N ILE B 77 -4.78 -8.05 -10.17
CA ILE B 77 -3.54 -7.35 -9.83
C ILE B 77 -3.66 -5.88 -10.17
N GLU B 78 -4.37 -5.55 -11.25
CA GLU B 78 -4.64 -4.16 -11.58
C GLU B 78 -5.53 -3.50 -10.53
N ASN B 79 -6.48 -4.26 -9.98
CA ASN B 79 -7.33 -3.72 -8.91
C ASN B 79 -6.56 -3.59 -7.61
N LEU B 80 -5.56 -4.44 -7.38
CA LEU B 80 -4.74 -4.31 -6.19
C LEU B 80 -3.92 -3.02 -6.22
N ASN B 81 -3.37 -2.68 -7.38
CA ASN B 81 -2.65 -1.42 -7.51
C ASN B 81 -3.58 -0.23 -7.31
N LYS B 82 -4.86 -0.38 -7.64
CA LYS B 82 -5.84 0.68 -7.38
C LYS B 82 -6.00 0.91 -5.88
N LYS B 83 -6.07 -0.17 -5.11
CA LYS B 83 -6.29 -0.03 -3.66
C LYS B 83 -5.11 0.68 -3.00
N MET B 84 -3.89 0.44 -3.48
CA MET B 84 -2.75 1.10 -2.86
C MET B 84 -2.51 2.50 -3.43
N GLU B 85 -2.84 2.73 -4.71
CA GLU B 85 -2.79 4.09 -5.24
C GLU B 85 -3.84 4.96 -4.58
N ASP B 86 -5.08 4.46 -4.47
CA ASP B 86 -6.13 5.19 -3.78
C ASP B 86 -5.87 5.28 -2.28
N GLY B 87 -5.28 4.24 -1.71
CA GLY B 87 -5.03 4.24 -0.27
C GLY B 87 -4.03 5.29 0.15
N PHE B 88 -2.90 5.38 -0.57
CA PHE B 88 -1.91 6.39 -0.26
C PHE B 88 -2.44 7.80 -0.55
N LEU B 89 -3.31 7.93 -1.55
CA LEU B 89 -3.94 9.22 -1.81
C LEU B 89 -4.72 9.71 -0.60
N ASP B 90 -5.43 8.79 0.06
CA ASP B 90 -6.25 9.19 1.21
C ASP B 90 -5.39 9.55 2.41
N VAL B 91 -4.31 8.81 2.65
CA VAL B 91 -3.42 9.13 3.75
C VAL B 91 -2.78 10.49 3.54
N TRP B 92 -2.28 10.74 2.33
CA TRP B 92 -1.60 12.00 2.07
C TRP B 92 -2.57 13.17 2.04
N THR B 93 -3.75 12.99 1.44
CA THR B 93 -4.73 14.06 1.37
C THR B 93 -5.21 14.44 2.77
N TYR B 94 -5.53 13.44 3.59
CA TYR B 94 -6.05 13.72 4.93
C TYR B 94 -4.99 14.35 5.81
N ASN B 95 -3.79 13.77 5.82
CA ASN B 95 -2.73 14.30 6.68
C ASN B 95 -2.29 15.69 6.25
N ALA B 96 -2.31 15.98 4.94
CA ALA B 96 -1.92 17.30 4.49
C ALA B 96 -2.96 18.35 4.87
N GLU B 97 -4.25 18.01 4.76
CA GLU B 97 -5.29 18.97 5.12
C GLU B 97 -5.27 19.30 6.61
N LEU B 98 -5.07 18.29 7.46
CA LEU B 98 -5.09 18.53 8.90
C LEU B 98 -3.78 19.10 9.42
N LEU B 99 -2.64 18.72 8.82
CA LEU B 99 -1.37 19.32 9.21
C LEU B 99 -1.39 20.83 8.95
N VAL B 100 -2.07 21.25 7.88
CA VAL B 100 -2.26 22.68 7.64
C VAL B 100 -3.11 23.28 8.75
N LEU B 101 -4.23 22.61 9.08
CA LEU B 101 -5.11 23.12 10.12
C LEU B 101 -4.42 23.11 11.48
N MET B 102 -3.70 22.03 11.80
CA MET B 102 -3.07 21.93 13.11
C MET B 102 -1.93 22.94 13.25
N GLU B 103 -1.15 23.14 12.19
CA GLU B 103 -0.02 24.06 12.28
C GLU B 103 -0.42 25.52 12.05
N ASN B 104 -1.56 25.77 11.42
CA ASN B 104 -2.05 27.14 11.33
C ASN B 104 -2.48 27.65 12.70
N GLU B 105 -3.15 26.81 13.49
CA GLU B 105 -3.54 27.21 14.84
C GLU B 105 -2.33 27.41 15.73
N ARG B 106 -1.31 26.56 15.57
CA ARG B 106 -0.08 26.73 16.33
C ARG B 106 0.58 28.08 16.06
N THR B 107 0.46 28.59 14.84
CA THR B 107 1.05 29.88 14.50
C THR B 107 0.24 31.03 15.07
N LEU B 108 -1.08 31.02 14.88
CA LEU B 108 -1.90 32.12 15.35
C LEU B 108 -2.00 32.16 16.88
N ASP B 109 -1.86 31.01 17.54
CA ASP B 109 -1.74 31.03 18.99
C ASP B 109 -0.33 31.42 19.43
N PHE B 110 0.67 31.15 18.60
CA PHE B 110 2.02 31.63 18.89
C PHE B 110 2.11 33.14 18.77
N HIS B 111 1.28 33.75 17.91
CA HIS B 111 1.27 35.21 17.80
C HIS B 111 0.57 35.83 18.99
N ASP B 112 -0.50 35.22 19.48
CA ASP B 112 -1.09 35.64 20.74
C ASP B 112 -0.13 35.35 21.91
N SER B 113 0.67 34.30 21.79
CA SER B 113 1.67 34.01 22.81
C SER B 113 2.81 35.02 22.80
N ASN B 114 3.17 35.53 21.62
CA ASN B 114 4.24 36.50 21.52
C ASN B 114 3.82 37.90 21.95
N VAL B 115 2.52 38.22 21.86
CA VAL B 115 2.04 39.51 22.34
C VAL B 115 2.19 39.60 23.86
N LYS B 116 1.81 38.54 24.57
CA LYS B 116 1.87 38.56 26.03
C LYS B 116 3.30 38.45 26.53
N ASN B 117 4.14 37.64 25.87
CA ASN B 117 5.52 37.49 26.32
C ASN B 117 6.32 38.79 26.17
N LEU B 118 6.00 39.59 25.16
CA LEU B 118 6.57 40.92 25.07
C LEU B 118 5.87 41.91 25.99
N TYR B 119 4.59 41.65 26.28
CA TYR B 119 3.83 42.52 27.18
C TYR B 119 4.28 42.33 28.63
N ASP B 120 4.51 41.08 29.04
CA ASP B 120 4.97 40.82 30.40
C ASP B 120 6.40 41.31 30.61
N LYS B 121 7.22 41.30 29.55
CA LYS B 121 8.58 41.82 29.68
C LYS B 121 8.58 43.32 29.96
N VAL B 122 7.62 44.06 29.41
CA VAL B 122 7.50 45.48 29.70
C VAL B 122 6.79 45.70 31.03
N ARG B 123 5.77 44.89 31.33
CA ARG B 123 5.03 45.05 32.57
C ARG B 123 5.89 44.73 33.79
N LEU B 124 6.72 43.68 33.69
CA LEU B 124 7.63 43.38 34.79
C LEU B 124 8.84 44.28 34.82
N GLN B 125 9.10 45.02 33.73
CA GLN B 125 10.21 45.96 33.72
C GLN B 125 9.91 47.18 34.58
N LEU B 126 8.82 47.87 34.28
CA LEU B 126 8.30 48.95 35.12
C LEU B 126 7.25 48.33 36.05
N ARG B 127 7.54 48.28 37.35
CA ARG B 127 6.62 47.55 38.21
C ARG B 127 5.52 48.46 38.73
N ASP B 128 5.86 49.36 39.64
CA ASP B 128 4.90 50.32 40.18
C ASP B 128 5.07 51.70 39.58
N ASN B 129 5.75 51.81 38.43
CA ASN B 129 6.05 53.08 37.79
C ASN B 129 5.10 53.42 36.65
N ALA B 130 4.04 52.64 36.45
CA ALA B 130 2.99 53.00 35.50
C ALA B 130 1.72 52.22 35.83
N LYS B 131 0.72 52.39 34.98
CA LYS B 131 -0.63 51.91 35.22
C LYS B 131 -1.15 51.21 33.98
N GLU B 132 -1.59 49.97 34.13
CA GLU B 132 -2.18 49.22 33.03
C GLU B 132 -3.55 49.79 32.68
N LEU B 133 -3.70 50.25 31.44
CA LEU B 133 -4.96 50.86 31.03
C LEU B 133 -5.98 49.80 30.63
N GLY B 134 -5.63 48.93 29.69
CA GLY B 134 -6.55 47.91 29.22
C GLY B 134 -6.37 47.61 27.74
N ASN B 135 -5.85 48.58 27.00
CA ASN B 135 -5.54 48.40 25.59
C ASN B 135 -4.19 47.75 25.36
N GLY B 136 -3.53 47.29 26.42
CA GLY B 136 -2.14 46.88 26.33
C GLY B 136 -1.16 48.00 26.49
N CYS B 137 -1.60 49.15 27.01
CA CYS B 137 -0.76 50.33 27.16
C CYS B 137 -0.56 50.64 28.64
N PHE B 138 0.55 51.32 28.93
CA PHE B 138 0.84 51.82 30.27
C PHE B 138 0.97 53.34 30.21
N GLU B 139 0.32 54.03 31.14
CA GLU B 139 0.55 55.45 31.35
C GLU B 139 1.53 55.61 32.51
N PHE B 140 2.70 56.17 32.22
CA PHE B 140 3.73 56.34 33.23
C PHE B 140 3.25 57.25 34.36
N TYR B 141 3.61 56.89 35.59
CA TYR B 141 3.37 57.79 36.71
C TYR B 141 4.32 58.97 36.70
N HIS B 142 5.45 58.85 36.02
CA HIS B 142 6.40 59.94 35.81
C HIS B 142 6.38 60.34 34.33
N LYS B 143 7.30 61.21 33.95
CA LYS B 143 7.46 61.59 32.55
C LYS B 143 8.61 60.81 31.95
N CYS B 144 8.37 60.19 30.79
CA CYS B 144 9.34 59.34 30.11
C CYS B 144 9.50 59.85 28.69
N ASP B 145 10.69 60.37 28.37
CA ASP B 145 10.95 60.97 27.08
C ASP B 145 11.39 59.89 26.08
N ASN B 146 11.95 60.32 24.95
CA ASN B 146 12.35 59.39 23.91
C ASN B 146 13.60 58.61 24.31
N GLU B 147 14.56 59.27 24.96
CA GLU B 147 15.71 58.54 25.49
C GLU B 147 15.34 57.69 26.70
N CYS B 148 14.21 57.99 27.34
CA CYS B 148 13.75 57.17 28.46
C CYS B 148 13.05 55.91 27.97
N MET B 149 12.44 55.96 26.79
CA MET B 149 11.71 54.83 26.27
C MET B 149 12.59 53.84 25.51
N GLU B 150 13.86 54.17 25.25
CA GLU B 150 14.81 53.14 24.86
C GLU B 150 15.01 52.15 25.99
N SER B 151 15.02 52.64 27.24
CA SER B 151 15.15 51.76 28.40
C SER B 151 14.06 50.71 28.43
N VAL B 152 12.83 51.07 28.03
CA VAL B 152 11.74 50.11 27.99
C VAL B 152 11.93 49.14 26.82
N ARG B 153 12.39 49.66 25.67
CA ARG B 153 12.59 48.80 24.50
C ARG B 153 13.86 47.96 24.63
N ASN B 154 14.99 48.59 24.97
CA ASN B 154 16.25 47.86 25.03
C ASN B 154 16.25 46.78 26.11
N GLY B 155 15.39 46.90 27.11
CA GLY B 155 15.50 46.08 28.29
C GLY B 155 16.37 46.66 29.37
N THR B 156 16.94 47.84 29.15
CA THR B 156 17.82 48.52 30.11
C THR B 156 17.06 49.59 30.88
N TYR B 157 15.91 49.23 31.44
CA TYR B 157 15.08 50.19 32.16
C TYR B 157 15.44 50.18 33.64
N ASP B 158 15.58 51.38 34.21
CA ASP B 158 15.95 51.55 35.62
C ASP B 158 14.70 51.91 36.41
N TYR B 159 14.30 51.03 37.31
CA TYR B 159 13.13 51.24 38.16
C TYR B 159 13.40 52.23 39.29
N PRO B 160 14.46 52.06 40.11
CA PRO B 160 14.60 52.93 41.29
C PRO B 160 14.84 54.40 40.97
N GLN B 161 15.19 54.76 39.73
CA GLN B 161 15.37 56.16 39.38
C GLN B 161 14.05 56.93 39.48
N TYR B 162 13.04 56.47 38.76
CA TYR B 162 11.72 57.09 38.77
C TYR B 162 10.78 56.47 39.80
N SER B 163 11.33 55.93 40.89
CA SER B 163 10.50 55.20 41.86
C SER B 163 9.66 56.16 42.69
N GLU B 164 10.31 57.15 43.33
CA GLU B 164 9.58 58.05 44.21
C GLU B 164 8.64 58.96 43.44
N GLU B 165 8.92 59.21 42.16
CA GLU B 165 8.02 60.02 41.34
C GLU B 165 6.66 59.34 41.19
N ALA B 166 6.62 58.01 41.27
CA ALA B 166 5.36 57.28 41.23
C ALA B 166 4.68 57.30 42.60
N CYS C 8 12.29 33.36 45.18
CA CYS C 8 12.38 33.13 43.75
C CYS C 8 11.72 31.81 43.34
N ILE C 9 11.51 31.64 42.04
CA ILE C 9 10.96 30.41 41.48
C ILE C 9 11.74 30.10 40.20
N GLY C 10 12.39 28.94 40.15
CA GLY C 10 13.20 28.59 39.00
C GLY C 10 13.01 27.17 38.52
N TYR C 11 13.86 26.73 37.59
CA TYR C 11 13.74 25.41 36.98
C TYR C 11 15.09 24.69 37.05
N HIS C 12 15.12 23.50 36.45
CA HIS C 12 16.21 22.54 36.61
C HIS C 12 17.31 22.76 35.58
N ALA C 13 18.47 22.14 35.84
CA ALA C 13 19.61 22.12 34.93
C ALA C 13 20.59 21.08 35.43
N ASN C 14 21.30 20.45 34.50
CA ASN C 14 22.27 19.41 34.85
C ASN C 14 23.37 19.38 33.79
N ASN C 15 24.22 18.36 33.86
CA ASN C 15 25.33 18.18 32.93
C ASN C 15 24.84 17.42 31.70
N SER C 16 24.09 18.14 30.86
CA SER C 16 23.45 17.58 29.69
C SER C 16 24.16 18.02 28.43
N THR C 17 24.47 17.06 27.55
CA THR C 17 25.05 17.34 26.24
C THR C 17 24.15 16.91 25.08
N GLU C 18 23.15 16.07 25.33
CA GLU C 18 22.26 15.63 24.27
C GLU C 18 21.44 16.81 23.73
N GLN C 19 21.30 16.87 22.42
CA GLN C 19 20.54 17.91 21.74
C GLN C 19 19.34 17.31 21.04
N VAL C 20 18.28 18.12 20.92
CA VAL C 20 17.06 17.72 20.24
C VAL C 20 16.72 18.76 19.18
N ASP C 21 15.93 18.35 18.21
CA ASP C 21 15.36 19.25 17.22
C ASP C 21 13.89 19.46 17.51
N THR C 22 13.40 20.66 17.21
CA THR C 22 11.99 20.97 17.38
C THR C 22 11.50 21.74 16.17
N ILE C 23 10.18 21.91 16.08
CA ILE C 23 9.57 22.36 14.83
C ILE C 23 9.94 23.80 14.48
N MET C 24 10.32 24.62 15.46
CA MET C 24 10.69 26.00 15.19
C MET C 24 12.13 26.35 15.56
N GLU C 25 12.82 25.48 16.30
CA GLU C 25 14.22 25.71 16.66
C GLU C 25 15.02 24.45 16.37
N LYS C 26 16.29 24.64 16.02
CA LYS C 26 17.19 23.53 15.74
C LYS C 26 18.35 23.56 16.71
N ASN C 27 18.65 22.40 17.29
CA ASN C 27 19.73 22.21 18.25
C ASN C 27 19.50 23.08 19.50
N VAL C 28 18.56 22.61 20.32
CA VAL C 28 18.25 23.22 21.61
C VAL C 28 18.68 22.24 22.68
N THR C 29 19.68 22.63 23.48
CA THR C 29 20.16 21.76 24.54
C THR C 29 19.07 21.52 25.57
N VAL C 30 18.91 20.26 25.97
CA VAL C 30 17.81 19.83 26.81
C VAL C 30 18.35 18.97 27.94
N THR C 31 17.75 19.09 29.13
CA THR C 31 18.12 18.32 30.31
C THR C 31 18.21 16.82 30.02
N HIS C 32 17.07 16.20 29.70
CA HIS C 32 17.01 14.76 29.45
C HIS C 32 16.30 14.52 28.13
N ALA C 33 16.75 13.49 27.41
CA ALA C 33 16.20 13.18 26.09
C ALA C 33 16.18 11.67 25.90
N GLN C 34 15.23 11.20 25.10
CA GLN C 34 15.08 9.78 24.81
C GLN C 34 14.83 9.60 23.32
N ASP C 35 15.44 8.57 22.74
CA ASP C 35 15.29 8.25 21.33
C ASP C 35 14.29 7.13 21.16
N ILE C 36 13.38 7.29 20.19
CA ILE C 36 12.37 6.29 19.90
C ILE C 36 12.69 5.47 18.67
N LEU C 37 13.84 5.71 18.04
CA LEU C 37 14.26 5.00 16.84
C LEU C 37 15.30 3.94 17.22
N GLU C 38 14.95 2.68 17.02
CA GLU C 38 15.87 1.59 17.32
C GLU C 38 16.88 1.45 16.20
N LYS C 39 18.17 1.54 16.55
CA LYS C 39 19.25 1.41 15.57
C LYS C 39 20.16 0.22 15.88
N LYS C 40 19.80 -0.62 16.84
CA LYS C 40 20.67 -1.68 17.32
C LYS C 40 20.16 -3.04 16.86
N HIS C 41 21.10 -3.92 16.54
CA HIS C 41 20.79 -5.30 16.16
C HIS C 41 21.93 -6.19 16.64
N ASN C 42 21.59 -7.42 17.04
CA ASN C 42 22.60 -8.33 17.57
C ASN C 42 23.40 -9.03 16.48
N GLY C 43 23.00 -8.91 15.22
CA GLY C 43 23.84 -9.37 14.13
C GLY C 43 23.88 -10.85 13.90
N LYS C 44 22.94 -11.62 14.47
CA LYS C 44 22.90 -13.06 14.27
C LYS C 44 21.46 -13.52 14.17
N LEU C 45 21.27 -14.63 13.46
CA LEU C 45 19.93 -15.19 13.28
C LEU C 45 19.46 -15.87 14.57
N CYS C 46 18.20 -15.64 14.93
CA CYS C 46 17.61 -16.29 16.09
C CYS C 46 16.32 -17.00 15.69
N ASP C 47 15.58 -17.49 16.68
CA ASP C 47 14.29 -18.14 16.43
C ASP C 47 13.24 -17.06 16.14
N LEU C 48 11.98 -17.47 16.03
CA LEU C 48 10.88 -16.54 15.77
C LEU C 48 9.69 -16.97 16.62
N ASP C 49 9.44 -16.21 17.70
CA ASP C 49 8.35 -16.48 18.63
C ASP C 49 8.47 -17.85 19.29
N GLY C 50 9.65 -18.44 19.26
CA GLY C 50 9.91 -19.71 19.90
C GLY C 50 10.15 -20.88 18.96
N VAL C 51 10.34 -20.65 17.65
CA VAL C 51 10.55 -21.71 16.69
C VAL C 51 11.83 -21.42 15.90
N LYS C 52 12.72 -22.42 15.83
CA LYS C 52 13.96 -22.24 15.09
C LYS C 52 13.69 -22.25 13.59
N PRO C 53 14.40 -21.41 12.82
CA PRO C 53 14.18 -21.39 11.36
C PRO C 53 14.98 -22.48 10.65
N LEU C 54 14.46 -22.87 9.49
CA LEU C 54 15.15 -23.84 8.64
C LEU C 54 16.22 -23.13 7.83
N ILE C 55 17.48 -23.46 8.08
CA ILE C 55 18.61 -22.81 7.44
C ILE C 55 19.25 -23.78 6.47
N LEU C 56 19.49 -23.31 5.24
CA LEU C 56 20.18 -24.08 4.20
C LEU C 56 21.47 -23.35 3.89
N ARG C 57 22.60 -23.93 4.29
CA ARG C 57 23.89 -23.28 4.13
C ARG C 57 24.24 -23.06 2.67
N ASP C 58 24.47 -24.14 1.92
CA ASP C 58 24.87 -24.05 0.52
C ASP C 58 23.84 -24.66 -0.42
N CYS C 59 22.63 -24.95 0.05
CA CYS C 59 21.63 -25.63 -0.75
C CYS C 59 20.40 -24.75 -0.91
N SER C 60 19.74 -24.88 -2.06
CA SER C 60 18.52 -24.14 -2.33
C SER C 60 17.31 -24.91 -1.79
N VAL C 61 16.16 -24.23 -1.80
CA VAL C 61 14.93 -24.90 -1.38
C VAL C 61 14.60 -26.05 -2.33
N ALA C 62 14.92 -25.90 -3.62
CA ALA C 62 14.71 -27.00 -4.56
C ALA C 62 15.76 -28.10 -4.37
N GLY C 63 17.02 -27.71 -4.14
CA GLY C 63 18.07 -28.68 -3.95
C GLY C 63 17.91 -29.47 -2.66
N TRP C 64 17.35 -28.85 -1.62
CA TRP C 64 17.11 -29.56 -0.37
C TRP C 64 15.84 -30.41 -0.44
N LEU C 65 14.82 -29.93 -1.14
CA LEU C 65 13.58 -30.69 -1.26
C LEU C 65 13.82 -31.97 -2.06
N LEU C 66 14.44 -31.85 -3.23
CA LEU C 66 14.86 -33.02 -3.99
C LEU C 66 16.12 -33.62 -3.38
N GLY C 67 16.48 -34.81 -3.85
CA GLY C 67 17.59 -35.53 -3.28
C GLY C 67 18.95 -35.23 -3.89
N ASN C 68 19.32 -33.97 -3.95
CA ASN C 68 20.62 -33.59 -4.51
C ASN C 68 21.73 -34.16 -3.64
N PRO C 69 22.64 -34.96 -4.19
CA PRO C 69 23.69 -35.57 -3.36
C PRO C 69 24.61 -34.55 -2.70
N MET C 70 24.69 -33.33 -3.22
CA MET C 70 25.53 -32.30 -2.62
C MET C 70 24.95 -31.74 -1.33
N CYS C 71 23.74 -32.14 -0.95
CA CYS C 71 23.06 -31.63 0.23
C CYS C 71 22.89 -32.72 1.28
N ASP C 72 22.61 -32.28 2.50
CA ASP C 72 22.47 -33.20 3.64
C ASP C 72 21.09 -33.84 3.69
N ASN C 76 17.01 -33.43 8.92
CA ASN C 76 15.57 -33.59 8.88
C ASN C 76 14.92 -32.97 10.12
N VAL C 77 14.69 -31.67 10.06
CA VAL C 77 14.04 -30.92 11.14
C VAL C 77 12.55 -30.85 10.85
N PRO C 78 11.68 -31.18 11.80
CA PRO C 78 10.25 -31.27 11.49
C PRO C 78 9.48 -29.96 11.56
N GLU C 79 10.08 -28.88 12.07
CA GLU C 79 9.34 -27.63 12.21
C GLU C 79 10.29 -26.45 12.06
N TRP C 80 9.78 -25.37 11.47
CA TRP C 80 10.54 -24.14 11.34
C TRP C 80 9.59 -22.98 11.14
N SER C 81 10.01 -21.79 11.59
CA SER C 81 9.20 -20.59 11.46
C SER C 81 9.39 -19.93 10.11
N TYR C 82 10.63 -19.90 9.61
CA TYR C 82 10.92 -19.32 8.29
C TYR C 82 12.14 -20.03 7.71
N ILE C 83 12.33 -19.83 6.41
CA ILE C 83 13.42 -20.48 5.66
C ILE C 83 14.50 -19.45 5.38
N VAL C 84 15.75 -19.85 5.56
CA VAL C 84 16.91 -19.03 5.21
C VAL C 84 17.73 -19.80 4.18
N GLU C 85 17.95 -19.19 3.03
CA GLU C 85 18.92 -19.68 2.06
C GLU C 85 19.79 -18.51 1.63
N LYS C 86 21.06 -18.80 1.36
CA LYS C 86 22.00 -17.77 0.98
C LYS C 86 21.57 -17.15 -0.36
N ALA C 87 22.25 -16.06 -0.73
CA ALA C 87 21.87 -15.29 -1.91
C ALA C 87 21.76 -16.19 -3.14
N ASN C 88 22.82 -16.96 -3.42
CA ASN C 88 22.81 -17.94 -4.49
C ASN C 88 23.44 -19.22 -3.98
N PRO C 89 22.65 -20.16 -3.47
CA PRO C 89 23.20 -21.44 -3.01
C PRO C 89 23.92 -22.17 -4.13
N VAL C 90 25.03 -22.83 -3.77
CA VAL C 90 25.87 -23.46 -4.77
C VAL C 90 25.32 -24.79 -5.27
N ASN C 91 24.22 -25.29 -4.69
CA ASN C 91 23.67 -26.60 -5.03
C ASN C 91 22.17 -26.46 -5.28
N ASP C 92 21.82 -26.06 -6.50
CA ASP C 92 20.41 -26.03 -6.90
C ASP C 92 20.05 -27.37 -7.52
N LEU C 93 19.94 -27.40 -8.85
CA LEU C 93 19.70 -28.63 -9.58
C LEU C 93 21.01 -29.08 -10.22
N CYS C 94 21.59 -30.15 -9.69
CA CYS C 94 22.84 -30.67 -10.25
C CYS C 94 22.66 -31.05 -11.71
N TYR C 95 21.56 -31.73 -12.02
CA TYR C 95 21.15 -31.89 -13.41
C TYR C 95 20.29 -30.70 -13.79
N PRO C 96 20.66 -29.93 -14.82
CA PRO C 96 19.98 -28.65 -15.05
C PRO C 96 18.51 -28.84 -15.40
N GLY C 97 17.73 -27.82 -15.07
CA GLY C 97 16.30 -27.86 -15.31
C GLY C 97 15.61 -26.74 -14.57
N ASP C 98 14.28 -26.80 -14.56
CA ASP C 98 13.43 -25.80 -13.95
C ASP C 98 12.46 -26.48 -12.98
N PHE C 99 11.68 -25.65 -12.29
CA PHE C 99 10.71 -26.11 -11.30
C PHE C 99 9.39 -25.38 -11.55
N ASN C 100 8.30 -26.13 -11.60
CA ASN C 100 6.99 -25.54 -11.87
C ASN C 100 6.41 -24.94 -10.60
N ASP C 101 5.97 -23.68 -10.69
CA ASP C 101 5.46 -22.93 -9.55
C ASP C 101 6.46 -22.97 -8.39
N TYR C 102 7.73 -22.71 -8.73
CA TYR C 102 8.81 -22.82 -7.76
C TYR C 102 8.67 -21.79 -6.64
N GLU C 103 8.32 -20.54 -7.00
CA GLU C 103 8.23 -19.50 -5.98
C GLU C 103 7.03 -19.69 -5.07
N GLU C 104 5.92 -20.22 -5.60
CA GLU C 104 4.77 -20.49 -4.76
C GLU C 104 4.99 -21.70 -3.86
N LEU C 105 5.75 -22.69 -4.34
CA LEU C 105 6.11 -23.82 -3.48
C LEU C 105 7.07 -23.39 -2.38
N LYS C 106 7.99 -22.48 -2.69
CA LYS C 106 8.84 -21.92 -1.63
C LYS C 106 8.02 -21.12 -0.63
N HIS C 107 7.02 -20.38 -1.11
CA HIS C 107 6.16 -19.61 -0.21
C HIS C 107 5.28 -20.53 0.64
N LEU C 108 4.86 -21.67 0.08
CA LEU C 108 4.05 -22.60 0.84
C LEU C 108 4.84 -23.19 1.99
N LEU C 109 6.12 -23.47 1.77
CA LEU C 109 6.98 -24.09 2.78
C LEU C 109 7.70 -23.07 3.63
N SER C 110 7.37 -21.77 3.51
CA SER C 110 8.06 -20.76 4.28
C SER C 110 7.84 -20.94 5.78
N ARG C 111 6.64 -21.37 6.17
CA ARG C 111 6.32 -21.64 7.57
C ARG C 111 5.52 -22.93 7.63
N ILE C 112 6.09 -23.94 8.29
CA ILE C 112 5.49 -25.27 8.38
C ILE C 112 5.48 -25.70 9.84
N ASN C 113 4.34 -26.21 10.31
CA ASN C 113 4.24 -26.65 11.68
C ASN C 113 4.75 -28.08 11.87
N HIS C 114 4.58 -28.93 10.87
CA HIS C 114 5.08 -30.30 10.92
C HIS C 114 5.47 -30.75 9.52
N PHE C 115 6.68 -31.29 9.39
CA PHE C 115 7.23 -31.68 8.10
C PHE C 115 7.98 -32.99 8.28
N GLU C 116 7.62 -33.99 7.48
CA GLU C 116 8.15 -35.33 7.67
C GLU C 116 8.28 -36.04 6.32
N LYS C 117 9.50 -36.43 5.96
CA LYS C 117 9.72 -37.16 4.73
C LYS C 117 9.18 -38.58 4.86
N ILE C 118 8.52 -39.06 3.81
CA ILE C 118 7.85 -40.36 3.83
C ILE C 118 8.10 -41.07 2.51
N GLN C 119 8.64 -42.29 2.58
CA GLN C 119 8.80 -43.12 1.40
C GLN C 119 7.44 -43.69 0.98
N ILE C 120 7.04 -43.42 -0.27
CA ILE C 120 5.74 -43.80 -0.77
C ILE C 120 5.83 -44.96 -1.76
N ILE C 121 6.77 -44.91 -2.69
CA ILE C 121 7.00 -46.01 -3.63
C ILE C 121 8.51 -46.30 -3.67
N PRO C 122 8.95 -47.45 -3.17
CA PRO C 122 10.39 -47.71 -3.05
C PRO C 122 11.11 -47.71 -4.39
N LYS C 123 12.45 -47.61 -4.32
CA LYS C 123 13.27 -47.70 -5.52
C LYS C 123 13.11 -49.06 -6.19
N SER C 124 12.97 -50.12 -5.39
CA SER C 124 12.88 -51.46 -5.95
C SER C 124 11.59 -51.66 -6.73
N SER C 125 10.53 -50.96 -6.35
CA SER C 125 9.21 -51.14 -6.96
C SER C 125 9.12 -50.63 -8.39
N TRP C 126 10.23 -50.25 -9.02
CA TRP C 126 10.20 -49.83 -10.41
C TRP C 126 11.17 -50.64 -11.27
N SER C 127 11.46 -51.87 -10.85
CA SER C 127 12.32 -52.75 -11.64
C SER C 127 11.49 -53.66 -12.53
N ALA C 131 11.15 -51.43 -16.44
CA ALA C 131 11.85 -50.16 -16.48
C ALA C 131 13.12 -50.20 -15.64
N SER C 132 14.08 -49.33 -15.95
CA SER C 132 15.36 -49.29 -15.27
C SER C 132 15.60 -47.87 -14.74
N LEU C 133 16.72 -47.71 -14.02
CA LEU C 133 17.07 -46.45 -13.37
C LEU C 133 18.25 -45.79 -14.09
N GLY C 134 18.56 -44.56 -13.66
CA GLY C 134 19.56 -43.76 -14.31
C GLY C 134 20.44 -43.01 -13.32
N VAL C 135 21.57 -42.52 -13.85
CA VAL C 135 22.60 -41.85 -13.06
C VAL C 135 23.45 -40.98 -13.99
N SER C 136 23.42 -39.67 -13.78
CA SER C 136 24.18 -38.74 -14.62
C SER C 136 25.44 -38.29 -13.90
N SER C 137 26.48 -38.02 -14.69
CA SER C 137 27.76 -37.59 -14.13
C SER C 137 27.72 -36.18 -13.56
N ALA C 138 26.65 -35.42 -13.81
CA ALA C 138 26.52 -34.08 -13.27
C ALA C 138 26.09 -34.06 -11.81
N CYS C 139 25.67 -35.21 -11.25
CA CYS C 139 25.23 -35.31 -9.88
C CYS C 139 26.09 -36.34 -9.16
N PRO C 140 27.29 -35.96 -8.72
CA PRO C 140 28.16 -36.91 -8.03
C PRO C 140 27.73 -37.13 -6.59
N TYR C 141 27.76 -38.40 -6.17
CA TYR C 141 27.39 -38.78 -4.82
C TYR C 141 28.65 -39.07 -4.00
N GLN C 142 29.27 -40.21 -4.24
CA GLN C 142 30.50 -40.60 -3.57
C GLN C 142 31.60 -40.84 -4.59
N GLY C 143 31.91 -39.81 -5.38
CA GLY C 143 32.84 -39.95 -6.48
C GLY C 143 32.18 -40.61 -7.67
N LYS C 144 31.63 -41.80 -7.44
CA LYS C 144 30.80 -42.45 -8.44
C LYS C 144 29.49 -41.69 -8.61
N SER C 145 29.18 -41.32 -9.85
CA SER C 145 28.03 -40.47 -10.12
C SER C 145 26.75 -41.13 -9.61
N SER C 146 25.73 -40.29 -9.37
CA SER C 146 24.43 -40.78 -8.95
C SER C 146 23.36 -39.81 -9.44
N PHE C 147 22.17 -39.91 -8.87
CA PHE C 147 21.02 -39.11 -9.30
C PHE C 147 20.42 -38.48 -8.04
N PHE C 148 19.21 -37.95 -8.15
CA PHE C 148 18.52 -37.46 -6.96
C PHE C 148 18.11 -38.63 -6.07
N ARG C 149 18.23 -38.44 -4.76
CA ARG C 149 17.91 -39.53 -3.84
C ARG C 149 16.40 -39.74 -3.73
N ASN C 150 15.63 -38.64 -3.75
CA ASN C 150 14.21 -38.71 -3.43
C ASN C 150 13.32 -39.01 -4.63
N VAL C 151 13.86 -39.02 -5.85
CA VAL C 151 13.09 -39.34 -7.04
C VAL C 151 13.87 -40.34 -7.89
N VAL C 152 13.14 -41.09 -8.72
CA VAL C 152 13.68 -42.20 -9.50
C VAL C 152 13.49 -41.88 -10.99
N TRP C 153 14.55 -42.08 -11.77
CA TRP C 153 14.54 -41.82 -13.21
C TRP C 153 14.21 -43.11 -13.93
N LEU C 154 13.06 -43.15 -14.59
CA LEU C 154 12.58 -44.37 -15.25
C LEU C 154 13.07 -44.40 -16.69
N ILE C 155 13.94 -45.36 -16.98
CA ILE C 155 14.39 -45.60 -18.34
C ILE C 155 13.71 -46.87 -18.85
N LYS C 156 13.86 -47.14 -20.14
CA LYS C 156 13.37 -48.39 -20.69
C LYS C 156 14.28 -49.54 -20.26
N LYS C 157 13.86 -50.76 -20.56
CA LYS C 157 14.62 -51.94 -20.19
C LYS C 157 14.61 -52.92 -21.35
N ASN C 158 15.70 -53.69 -21.47
CA ASN C 158 15.94 -54.63 -22.56
C ASN C 158 15.48 -54.13 -23.93
N SER C 159 14.61 -54.90 -24.59
CA SER C 159 14.29 -54.68 -26.00
C SER C 159 13.17 -53.68 -26.23
N THR C 160 12.32 -53.41 -25.24
CA THR C 160 11.15 -52.56 -25.44
C THR C 160 10.93 -51.65 -24.23
N ALA C 161 10.13 -50.61 -24.44
CA ALA C 161 9.77 -49.67 -23.38
C ALA C 161 8.31 -49.88 -23.00
N PRO C 162 8.01 -50.70 -22.00
CA PRO C 162 6.61 -50.94 -21.62
C PRO C 162 6.02 -49.74 -20.89
N THR C 163 4.70 -49.75 -20.81
CA THR C 163 3.96 -48.68 -20.14
C THR C 163 3.91 -48.94 -18.64
N ILE C 164 4.06 -47.87 -17.86
CA ILE C 164 4.08 -47.94 -16.40
C ILE C 164 2.78 -47.35 -15.87
N LYS C 165 2.12 -48.10 -14.99
CA LYS C 165 0.90 -47.64 -14.33
C LYS C 165 1.06 -47.87 -12.83
N ARG C 166 1.31 -46.79 -12.08
CA ARG C 166 1.46 -46.86 -10.64
C ARG C 166 0.65 -45.76 -9.99
N SER C 167 -0.02 -46.07 -8.89
CA SER C 167 -0.91 -45.14 -8.22
C SER C 167 -0.73 -45.27 -6.71
N TYR C 168 -0.48 -44.15 -6.05
CA TYR C 168 -0.33 -44.08 -4.60
C TYR C 168 -1.55 -43.38 -4.01
N ASN C 169 -2.17 -44.00 -3.02
CA ASN C 169 -3.29 -43.43 -2.30
C ASN C 169 -2.82 -42.95 -0.94
N ASN C 170 -3.24 -41.75 -0.56
CA ASN C 170 -2.83 -41.19 0.72
C ASN C 170 -3.66 -41.82 1.83
N THR C 171 -2.97 -42.36 2.84
CA THR C 171 -3.62 -42.92 4.02
C THR C 171 -3.24 -42.22 5.30
N ASN C 172 -2.38 -41.19 5.23
CA ASN C 172 -2.03 -40.41 6.41
C ASN C 172 -3.20 -39.49 6.79
N GLN C 173 -3.04 -38.78 7.90
CA GLN C 173 -4.05 -37.84 8.36
C GLN C 173 -3.68 -36.39 8.05
N GLU C 174 -2.54 -36.15 7.41
CA GLU C 174 -2.12 -34.82 7.03
C GLU C 174 -2.00 -34.70 5.52
N ASP C 175 -1.91 -33.47 5.04
CA ASP C 175 -1.59 -33.23 3.64
C ASP C 175 -0.15 -33.64 3.37
N LEU C 176 0.09 -34.28 2.22
CA LEU C 176 1.44 -34.67 1.83
C LEU C 176 1.76 -34.09 0.46
N LEU C 177 3.02 -33.69 0.30
CA LEU C 177 3.49 -33.01 -0.90
C LEU C 177 4.19 -34.02 -1.80
N VAL C 178 3.75 -34.12 -3.05
CA VAL C 178 4.33 -35.02 -4.04
C VAL C 178 5.17 -34.21 -5.02
N LEU C 179 6.33 -34.75 -5.38
CA LEU C 179 7.22 -34.13 -6.37
C LEU C 179 7.53 -35.15 -7.45
N TRP C 180 7.38 -34.76 -8.70
CA TRP C 180 7.74 -35.61 -9.83
C TRP C 180 8.30 -34.72 -10.94
N GLY C 181 8.77 -35.34 -12.01
CA GLY C 181 9.39 -34.57 -13.07
C GLY C 181 9.38 -35.31 -14.39
N ILE C 182 9.90 -34.63 -15.41
CA ILE C 182 10.02 -35.16 -16.77
C ILE C 182 11.40 -34.78 -17.30
N HIS C 183 11.99 -35.68 -18.10
CA HIS C 183 13.30 -35.46 -18.68
C HIS C 183 13.16 -34.99 -20.11
N HIS C 184 13.85 -33.90 -20.45
CA HIS C 184 13.84 -33.37 -21.79
C HIS C 184 15.13 -33.79 -22.50
N PRO C 185 15.07 -34.70 -23.46
CA PRO C 185 16.29 -35.21 -24.08
C PRO C 185 16.96 -34.16 -24.97
N ASN C 186 18.16 -34.51 -25.44
CA ASN C 186 18.94 -33.59 -26.26
C ASN C 186 18.51 -33.67 -27.72
N ASP C 187 18.42 -34.87 -28.28
CA ASP C 187 17.98 -35.06 -29.66
C ASP C 187 16.97 -36.21 -29.72
N ALA C 188 16.25 -36.27 -30.83
CA ALA C 188 15.20 -37.28 -30.99
C ALA C 188 15.81 -38.68 -31.06
N ALA C 189 16.99 -38.82 -31.66
CA ALA C 189 17.64 -40.13 -31.73
C ALA C 189 18.14 -40.57 -30.37
N GLU C 190 18.51 -39.62 -29.50
CA GLU C 190 18.98 -39.97 -28.17
C GLU C 190 17.84 -40.46 -27.28
N GLN C 191 16.62 -39.97 -27.51
CA GLN C 191 15.48 -40.46 -26.75
C GLN C 191 15.18 -41.91 -27.08
N THR C 192 15.23 -42.26 -28.37
CA THR C 192 15.01 -43.65 -28.79
C THR C 192 15.97 -44.60 -28.08
N LYS C 193 17.18 -44.13 -27.77
CA LYS C 193 18.11 -44.93 -26.96
C LYS C 193 17.57 -45.13 -25.56
N LEU C 194 17.20 -44.05 -24.88
CA LEU C 194 16.74 -44.14 -23.50
C LEU C 194 15.34 -44.74 -23.41
N TYR C 195 14.42 -44.24 -24.25
CA TYR C 195 13.04 -44.68 -24.22
C TYR C 195 12.63 -45.08 -25.62
N GLN C 196 12.30 -46.37 -25.80
CA GLN C 196 12.13 -46.93 -27.13
C GLN C 196 11.11 -46.16 -27.96
N ASN C 197 10.09 -45.61 -27.33
CA ASN C 197 9.05 -44.93 -28.08
C ASN C 197 9.44 -43.47 -28.35
N PRO C 198 9.38 -43.01 -29.60
CA PRO C 198 9.64 -41.59 -29.87
C PRO C 198 8.57 -40.67 -29.32
N THR C 199 7.32 -41.13 -29.28
CA THR C 199 6.21 -40.37 -28.72
C THR C 199 6.01 -40.80 -27.27
N THR C 200 6.15 -39.86 -26.34
CA THR C 200 6.15 -40.17 -24.92
C THR C 200 5.22 -39.20 -24.18
N TYR C 201 4.80 -39.60 -22.99
CA TYR C 201 3.90 -38.79 -22.18
C TYR C 201 4.07 -39.17 -20.72
N ILE C 202 3.57 -38.28 -19.85
CA ILE C 202 3.42 -38.54 -18.43
C ILE C 202 2.07 -37.99 -18.00
N SER C 203 1.21 -38.84 -17.45
CA SER C 203 -0.12 -38.46 -17.02
C SER C 203 -0.22 -38.59 -15.51
N VAL C 204 -0.44 -37.47 -14.83
CA VAL C 204 -0.56 -37.42 -13.37
C VAL C 204 -2.00 -37.06 -13.03
N GLY C 205 -2.70 -37.98 -12.37
CA GLY C 205 -4.12 -37.84 -12.08
C GLY C 205 -4.37 -37.60 -10.60
N THR C 206 -5.37 -36.77 -10.32
CA THR C 206 -5.78 -36.43 -8.96
C THR C 206 -7.20 -35.86 -9.06
N SER C 207 -7.90 -35.87 -7.93
CA SER C 207 -9.19 -35.20 -7.86
C SER C 207 -9.09 -33.74 -8.25
N THR C 208 -7.95 -33.11 -7.95
CA THR C 208 -7.69 -31.72 -8.33
C THR C 208 -6.87 -31.63 -9.62
N LEU C 209 -5.73 -32.32 -9.67
CA LEU C 209 -4.78 -32.16 -10.76
C LEU C 209 -5.16 -33.01 -11.96
N ASN C 210 -4.91 -32.48 -13.16
CA ASN C 210 -5.03 -33.23 -14.40
C ASN C 210 -4.03 -32.63 -15.39
N GLN C 211 -2.85 -33.23 -15.47
CA GLN C 211 -1.81 -32.73 -16.35
C GLN C 211 -1.28 -33.88 -17.22
N ARG C 212 -0.68 -33.49 -18.35
CA ARG C 212 -0.12 -34.47 -19.29
C ARG C 212 1.11 -33.83 -19.92
N LEU C 213 2.28 -34.38 -19.62
CA LEU C 213 3.55 -33.79 -20.02
C LEU C 213 4.12 -34.49 -21.24
N VAL C 214 4.68 -33.71 -22.17
CA VAL C 214 5.33 -34.25 -23.36
C VAL C 214 6.72 -33.66 -23.44
N PRO C 215 7.76 -34.46 -23.71
CA PRO C 215 9.12 -33.91 -23.74
C PRO C 215 9.31 -32.98 -24.94
N ARG C 216 10.03 -31.88 -24.68
CA ARG C 216 10.38 -30.91 -25.71
C ARG C 216 11.82 -31.16 -26.13
N ILE C 217 12.01 -31.71 -27.33
CA ILE C 217 13.33 -32.00 -27.87
C ILE C 217 13.90 -30.71 -28.45
N ALA C 218 15.00 -30.22 -27.86
CA ALA C 218 15.59 -28.97 -28.30
C ALA C 218 17.09 -28.98 -28.01
N THR C 219 17.84 -28.31 -28.88
CA THR C 219 19.29 -28.18 -28.71
C THR C 219 19.58 -27.07 -27.71
N ARG C 220 20.29 -27.40 -26.64
CA ARG C 220 20.56 -26.47 -25.56
C ARG C 220 22.03 -26.48 -25.19
N SER C 221 22.46 -25.43 -24.50
CA SER C 221 23.84 -25.33 -24.05
C SER C 221 24.07 -26.23 -22.86
N LYS C 222 25.31 -26.70 -22.73
CA LYS C 222 25.65 -27.61 -21.63
C LYS C 222 25.76 -26.84 -20.32
N VAL C 223 24.94 -27.23 -19.34
CA VAL C 223 25.03 -26.71 -17.98
C VAL C 223 25.41 -27.89 -17.08
N ASN C 224 26.51 -27.74 -16.35
CA ASN C 224 27.13 -28.84 -15.63
C ASN C 224 27.42 -30.01 -16.58
N GLY C 225 27.88 -29.67 -17.78
CA GLY C 225 28.15 -30.67 -18.80
C GLY C 225 26.91 -31.36 -19.32
N GLN C 226 25.76 -30.69 -19.32
CA GLN C 226 24.49 -31.31 -19.66
C GLN C 226 23.71 -30.42 -20.60
N SER C 227 23.43 -30.93 -21.81
CA SER C 227 22.55 -30.23 -22.74
C SER C 227 21.09 -30.54 -22.50
N GLY C 228 20.77 -31.63 -21.81
CA GLY C 228 19.40 -31.96 -21.50
C GLY C 228 18.94 -31.33 -20.20
N ARG C 229 17.63 -31.13 -20.09
CA ARG C 229 17.02 -30.49 -18.93
C ARG C 229 15.97 -31.42 -18.33
N MET C 230 15.60 -31.12 -17.08
CA MET C 230 14.57 -31.86 -16.37
C MET C 230 13.66 -30.90 -15.64
N GLU C 231 12.36 -31.01 -15.91
CA GLU C 231 11.34 -30.10 -15.40
C GLU C 231 10.49 -30.81 -14.35
N PHE C 232 10.36 -30.19 -13.18
CA PHE C 232 9.66 -30.80 -12.05
C PHE C 232 8.33 -30.10 -11.80
N PHE C 233 7.41 -30.83 -11.17
CA PHE C 233 6.07 -30.36 -10.85
C PHE C 233 5.73 -30.78 -9.43
N TRP C 234 4.57 -30.35 -8.94
CA TRP C 234 4.17 -30.69 -7.58
C TRP C 234 2.71 -30.36 -7.37
N THR C 235 2.08 -31.12 -6.46
CA THR C 235 0.77 -30.82 -5.91
C THR C 235 0.77 -31.21 -4.44
N ILE C 236 -0.33 -30.92 -3.75
CA ILE C 236 -0.55 -31.39 -2.39
C ILE C 236 -1.73 -32.36 -2.43
N LEU C 237 -1.49 -33.59 -1.96
CA LEU C 237 -2.50 -34.64 -2.02
C LEU C 237 -3.30 -34.65 -0.73
N LYS C 238 -4.63 -34.53 -0.87
CA LYS C 238 -5.51 -34.50 0.28
C LYS C 238 -5.45 -35.83 1.02
N PRO C 239 -5.79 -35.84 2.31
CA PRO C 239 -5.49 -37.02 3.15
C PRO C 239 -6.09 -38.32 2.67
N ASN C 240 -7.23 -38.29 1.97
CA ASN C 240 -7.86 -39.52 1.49
C ASN C 240 -8.03 -39.55 -0.03
N ASP C 241 -7.21 -38.78 -0.75
CA ASP C 241 -7.22 -38.81 -2.20
C ASP C 241 -6.02 -39.59 -2.72
N ALA C 242 -6.15 -40.12 -3.93
CA ALA C 242 -5.11 -40.93 -4.56
C ALA C 242 -4.59 -40.23 -5.81
N ILE C 243 -3.27 -40.26 -5.97
CA ILE C 243 -2.61 -39.74 -7.16
C ILE C 243 -2.19 -40.92 -8.03
N ASN C 244 -2.32 -40.75 -9.35
CA ASN C 244 -2.10 -41.85 -10.29
C ASN C 244 -1.16 -41.39 -11.39
N PHE C 245 -0.04 -42.11 -11.56
CA PHE C 245 0.92 -41.82 -12.61
C PHE C 245 0.77 -42.84 -13.74
N GLU C 246 1.15 -42.42 -14.94
CA GLU C 246 1.21 -43.30 -16.10
C GLU C 246 2.20 -42.71 -17.09
N SER C 247 3.13 -43.54 -17.57
CA SER C 247 4.23 -43.06 -18.38
C SER C 247 4.54 -44.02 -19.51
N ASN C 248 5.09 -43.45 -20.59
CA ASN C 248 5.65 -44.21 -21.69
C ASN C 248 7.17 -44.09 -21.75
N GLY C 249 7.77 -43.44 -20.76
CA GLY C 249 9.17 -43.10 -20.68
C GLY C 249 9.32 -41.66 -20.27
N ASN C 250 10.57 -41.18 -20.29
CA ASN C 250 10.91 -39.80 -19.92
C ASN C 250 10.41 -39.44 -18.53
N PHE C 251 10.19 -40.43 -17.68
CA PHE C 251 9.52 -40.24 -16.40
C PHE C 251 10.55 -40.19 -15.27
N ILE C 252 10.48 -39.14 -14.47
CA ILE C 252 11.17 -39.07 -13.18
C ILE C 252 10.11 -39.30 -12.11
N ALA C 253 10.14 -40.46 -11.51
CA ALA C 253 9.10 -40.92 -10.59
C ALA C 253 9.45 -40.56 -9.15
N PRO C 254 8.45 -40.34 -8.29
CA PRO C 254 8.72 -39.99 -6.89
C PRO C 254 8.97 -41.20 -6.01
N GLU C 255 9.99 -41.16 -5.16
CA GLU C 255 10.19 -42.20 -4.16
C GLU C 255 9.75 -41.77 -2.77
N TYR C 256 10.06 -40.53 -2.38
CA TYR C 256 9.68 -39.98 -1.09
C TYR C 256 8.57 -38.96 -1.26
N ALA C 257 7.97 -38.59 -0.13
CA ALA C 257 6.95 -37.56 -0.06
C ALA C 257 7.20 -36.75 1.22
N TYR C 258 6.25 -35.87 1.55
CA TYR C 258 6.43 -35.00 2.71
C TYR C 258 5.07 -34.69 3.32
N LYS C 259 4.79 -35.27 4.48
CA LYS C 259 3.59 -34.91 5.22
C LYS C 259 3.72 -33.47 5.72
N ILE C 260 2.69 -32.66 5.48
CA ILE C 260 2.72 -31.23 5.76
C ILE C 260 1.58 -30.87 6.69
N VAL C 261 1.90 -30.11 7.73
CA VAL C 261 0.91 -29.45 8.58
C VAL C 261 1.11 -27.95 8.40
N LYS C 262 0.12 -27.30 7.81
CA LYS C 262 0.20 -25.89 7.42
C LYS C 262 -0.62 -25.06 8.39
N LYS C 263 0.04 -24.11 9.07
CA LYS C 263 -0.63 -23.27 10.06
C LYS C 263 -0.48 -21.78 9.81
N GLY C 264 0.51 -21.34 9.04
CA GLY C 264 0.70 -19.93 8.80
C GLY C 264 1.58 -19.70 7.59
N ASP C 265 1.86 -18.42 7.33
CA ASP C 265 2.68 -18.02 6.20
C ASP C 265 3.89 -17.23 6.67
N SER C 266 4.90 -17.18 5.81
CA SER C 266 6.10 -16.40 6.05
C SER C 266 6.75 -16.12 4.69
N THR C 267 8.06 -15.89 4.69
CA THR C 267 8.80 -15.66 3.46
C THR C 267 10.18 -16.28 3.56
N ILE C 268 10.88 -16.32 2.43
CA ILE C 268 12.23 -16.83 2.37
C ILE C 268 13.20 -15.68 2.60
N MET C 269 13.96 -15.74 3.69
CA MET C 269 14.91 -14.70 4.03
C MET C 269 16.26 -14.98 3.37
N LYS C 270 16.84 -13.94 2.78
CA LYS C 270 18.14 -14.04 2.11
C LYS C 270 19.19 -13.43 3.03
N SER C 271 20.05 -14.27 3.60
CA SER C 271 21.12 -13.78 4.46
C SER C 271 22.25 -14.81 4.48
N GLU C 272 23.48 -14.31 4.41
CA GLU C 272 24.65 -15.17 4.49
C GLU C 272 25.06 -15.48 5.93
N LEU C 273 24.40 -14.85 6.91
CA LEU C 273 24.72 -15.09 8.30
C LEU C 273 24.33 -16.50 8.71
N GLU C 274 24.72 -16.88 9.93
CA GLU C 274 24.49 -18.23 10.41
C GLU C 274 23.87 -18.19 11.80
N TYR C 275 23.47 -19.37 12.27
CA TYR C 275 22.54 -19.48 13.38
C TYR C 275 23.18 -19.11 14.72
N GLY C 276 22.33 -18.62 15.61
CA GLY C 276 22.69 -18.46 17.01
C GLY C 276 21.56 -18.93 17.89
N ASN C 277 21.92 -19.58 18.99
CA ASN C 277 20.93 -20.15 19.92
C ASN C 277 20.29 -19.03 20.73
N CYS C 278 19.26 -18.42 20.13
CA CYS C 278 18.56 -17.29 20.74
C CYS C 278 17.11 -17.29 20.27
N ASN C 279 16.36 -16.28 20.70
CA ASN C 279 14.96 -16.12 20.36
C ASN C 279 14.67 -14.65 20.17
N THR C 280 13.80 -14.33 19.22
CA THR C 280 13.49 -12.93 18.92
C THR C 280 12.08 -12.82 18.38
N LYS C 281 11.59 -11.57 18.32
CA LYS C 281 10.29 -11.26 17.75
C LYS C 281 10.38 -10.66 16.36
N CYS C 282 11.52 -10.08 16.00
CA CYS C 282 11.72 -9.48 14.69
C CYS C 282 13.08 -9.92 14.15
N GLN C 283 13.09 -10.46 12.93
CA GLN C 283 14.29 -10.98 12.31
C GLN C 283 14.68 -10.11 11.11
N THR C 284 15.99 -10.04 10.86
CA THR C 284 16.57 -9.20 9.82
C THR C 284 17.78 -9.92 9.24
N PRO C 285 17.96 -9.88 7.91
CA PRO C 285 19.12 -10.54 7.31
C PRO C 285 20.45 -10.01 7.81
N MET C 286 20.48 -8.84 8.44
CA MET C 286 21.66 -8.31 9.11
C MET C 286 21.72 -8.71 10.57
N GLY C 287 20.79 -9.52 11.05
CA GLY C 287 20.74 -9.92 12.45
C GLY C 287 19.44 -9.55 13.13
N ALA C 288 19.01 -10.39 14.07
CA ALA C 288 17.72 -10.19 14.72
C ALA C 288 17.68 -8.86 15.50
N ILE C 289 16.48 -8.52 15.96
CA ILE C 289 16.25 -7.29 16.69
C ILE C 289 15.45 -7.61 17.94
N ASN C 290 15.85 -7.04 19.07
CA ASN C 290 15.13 -7.16 20.34
C ASN C 290 14.75 -5.74 20.75
N SER C 291 13.61 -5.27 20.26
CA SER C 291 13.21 -3.88 20.46
C SER C 291 11.71 -3.80 20.72
N SER C 292 11.34 -2.93 21.67
CA SER C 292 9.95 -2.54 21.88
C SER C 292 9.66 -1.16 21.32
N MET C 293 10.58 -0.61 20.51
CA MET C 293 10.41 0.72 19.95
C MET C 293 9.36 0.71 18.84
N PRO C 294 8.85 1.88 18.46
CA PRO C 294 7.90 1.96 17.34
C PRO C 294 8.52 2.11 15.97
N PHE C 295 9.82 2.41 15.87
CA PHE C 295 10.46 2.63 14.57
C PHE C 295 11.86 2.02 14.58
N HIS C 296 12.35 1.71 13.38
CA HIS C 296 13.70 1.18 13.21
C HIS C 296 14.18 1.50 11.81
N ASN C 297 15.50 1.58 11.65
CA ASN C 297 16.14 1.84 10.37
C ASN C 297 17.18 0.77 10.05
N ILE C 298 16.89 -0.47 10.44
CA ILE C 298 17.86 -1.55 10.25
C ILE C 298 17.83 -2.08 8.84
N HIS C 299 16.68 -2.61 8.41
CA HIS C 299 16.60 -3.26 7.11
C HIS C 299 15.14 -3.31 6.67
N PRO C 300 14.86 -3.18 5.37
CA PRO C 300 13.46 -3.25 4.92
C PRO C 300 12.88 -4.66 4.97
N LEU C 301 13.68 -5.68 4.70
CA LEU C 301 13.19 -7.06 4.64
C LEU C 301 13.21 -7.65 6.06
N THR C 302 12.09 -7.52 6.75
CA THR C 302 11.96 -8.04 8.11
C THR C 302 10.94 -9.18 8.15
N ILE C 303 11.10 -10.06 9.13
CA ILE C 303 10.16 -11.14 9.38
C ILE C 303 9.74 -11.09 10.84
N GLY C 304 8.44 -11.18 11.08
CA GLY C 304 7.89 -11.13 12.42
C GLY C 304 7.24 -9.80 12.72
N GLU C 305 6.68 -9.72 13.93
CA GLU C 305 6.10 -8.48 14.42
C GLU C 305 7.22 -7.46 14.66
N CYS C 306 7.34 -6.49 13.76
CA CYS C 306 8.45 -5.55 13.74
C CYS C 306 7.95 -4.12 13.82
N PRO C 307 8.78 -3.18 14.30
CA PRO C 307 8.42 -1.77 14.23
C PRO C 307 8.40 -1.26 12.79
N LYS C 308 8.05 0.00 12.59
CA LYS C 308 7.90 0.55 11.26
C LYS C 308 9.25 1.06 10.74
N TYR C 309 9.55 0.72 9.49
CA TYR C 309 10.82 1.08 8.87
C TYR C 309 10.81 2.55 8.47
N VAL C 310 11.85 3.27 8.85
CA VAL C 310 11.92 4.73 8.70
C VAL C 310 13.32 5.11 8.23
N LYS C 311 13.37 6.06 7.28
CA LYS C 311 14.63 6.58 6.76
C LYS C 311 15.01 7.83 7.54
N SER C 312 15.70 7.62 8.66
CA SER C 312 16.23 8.71 9.47
C SER C 312 17.23 8.12 10.45
N ASN C 313 18.03 9.00 11.05
CA ASN C 313 19.06 8.58 11.99
C ASN C 313 18.72 8.90 13.44
N ARG C 314 17.96 9.96 13.69
CA ARG C 314 17.68 10.42 15.05
C ARG C 314 16.23 10.83 15.15
N LEU C 315 15.49 10.17 16.05
CA LEU C 315 14.10 10.52 16.36
C LEU C 315 13.99 10.72 17.88
N VAL C 316 14.67 11.75 18.37
CA VAL C 316 14.82 11.99 19.80
C VAL C 316 13.76 12.99 20.25
N LEU C 317 12.97 12.61 21.25
CA LEU C 317 12.04 13.52 21.91
C LEU C 317 12.71 14.19 23.09
N ALA C 318 12.13 15.29 23.53
CA ALA C 318 12.63 16.05 24.67
C ALA C 318 11.82 15.67 25.91
N THR C 319 12.43 14.90 26.80
CA THR C 319 11.78 14.50 28.05
C THR C 319 11.99 15.49 29.17
N GLY C 320 13.05 16.31 29.10
CA GLY C 320 13.31 17.34 30.08
C GLY C 320 13.18 18.73 29.50
N LEU C 321 13.37 19.72 30.37
CA LEU C 321 13.31 21.11 29.96
C LEU C 321 14.66 21.55 29.39
N ARG C 322 14.64 22.66 28.68
CA ARG C 322 15.86 23.15 28.03
C ARG C 322 16.86 23.63 29.07
N ASN C 323 18.13 23.32 28.83
CA ASN C 323 19.20 23.66 29.77
C ASN C 323 20.02 24.85 29.26
N GLY D 13 17.98 29.63 34.36
CA GLY D 13 17.45 29.06 35.58
C GLY D 13 18.51 28.53 36.52
N TRP D 14 18.09 27.99 37.66
CA TRP D 14 19.05 27.46 38.62
C TRP D 14 19.60 26.13 38.14
N GLN D 15 20.91 25.94 38.31
CA GLN D 15 21.54 24.68 37.96
C GLN D 15 21.69 23.74 39.15
N GLY D 16 21.83 24.29 40.35
CA GLY D 16 22.02 23.48 41.55
C GLY D 16 20.78 22.85 42.12
N MET D 17 19.62 22.99 41.48
CA MET D 17 18.37 22.43 41.99
C MET D 17 18.24 21.00 41.49
N VAL D 18 18.55 20.04 42.35
CA VAL D 18 18.38 18.62 42.04
C VAL D 18 17.19 18.01 42.77
N ASP D 19 16.59 18.72 43.73
CA ASP D 19 15.39 18.23 44.39
C ASP D 19 14.31 17.87 43.37
N GLY D 20 14.12 18.72 42.37
CA GLY D 20 13.17 18.46 41.32
C GLY D 20 13.39 19.41 40.15
N TRP D 21 12.40 19.45 39.27
CA TRP D 21 12.44 20.33 38.11
C TRP D 21 11.94 21.72 38.43
N TYR D 24 11.39 26.48 43.96
CA TYR D 24 11.44 27.76 44.66
C TYR D 24 12.86 28.11 45.12
N HIS D 25 13.06 29.37 45.46
CA HIS D 25 14.28 29.82 46.11
C HIS D 25 13.90 30.79 47.21
N HIS D 26 14.68 30.76 48.30
CA HIS D 26 14.33 31.45 49.53
C HIS D 26 15.31 32.58 49.82
N SER D 27 14.80 33.66 50.40
CA SER D 27 15.62 34.81 50.79
C SER D 27 15.46 35.07 52.29
N TYR D 34 17.49 25.75 48.24
CA TYR D 34 16.40 25.58 47.30
C TYR D 34 15.46 24.46 47.73
N ALA D 35 14.23 24.50 47.21
CA ALA D 35 13.26 23.45 47.45
C ALA D 35 12.27 23.44 46.30
N ALA D 36 12.41 22.46 45.40
CA ALA D 36 11.56 22.39 44.23
C ALA D 36 10.12 22.07 44.62
N ASP D 37 9.18 22.52 43.78
CA ASP D 37 7.77 22.28 44.02
C ASP D 37 7.44 20.82 43.78
N LYS D 38 7.19 20.08 44.85
CA LYS D 38 6.90 18.65 44.72
C LYS D 38 5.58 18.39 44.00
N GLU D 39 4.66 19.36 43.98
CA GLU D 39 3.38 19.15 43.33
C GLU D 39 3.50 19.29 41.82
N SER D 40 4.03 20.42 41.35
CA SER D 40 4.13 20.64 39.91
C SER D 40 5.16 19.73 39.26
N THR D 41 6.21 19.34 39.99
CA THR D 41 7.17 18.39 39.45
C THR D 41 6.54 17.01 39.32
N GLN D 42 5.71 16.60 40.27
CA GLN D 42 5.03 15.32 40.17
C GLN D 42 4.00 15.32 39.05
N LYS D 43 3.33 16.46 38.83
CA LYS D 43 2.37 16.55 37.74
C LYS D 43 3.06 16.57 36.39
N ALA D 44 4.30 17.08 36.34
CA ALA D 44 5.01 17.17 35.06
C ALA D 44 5.69 15.86 34.70
N ILE D 45 6.38 15.24 35.66
CA ILE D 45 7.08 13.98 35.38
C ILE D 45 6.09 12.88 35.01
N ASP D 46 4.94 12.83 35.71
CA ASP D 46 3.93 11.83 35.38
C ASP D 46 3.29 12.08 34.02
N GLY D 47 3.10 13.34 33.66
CA GLY D 47 2.48 13.69 32.40
C GLY D 47 3.35 13.43 31.18
N VAL D 48 4.59 13.92 31.19
CA VAL D 48 5.48 13.73 30.05
C VAL D 48 5.82 12.25 29.85
N THR D 49 5.90 11.49 30.95
CA THR D 49 6.09 10.05 30.82
C THR D 49 4.91 9.40 30.10
N ASN D 50 3.70 9.91 30.33
CA ASN D 50 2.53 9.36 29.67
C ASN D 50 2.51 9.71 28.17
N LYS D 51 3.12 10.82 27.78
CA LYS D 51 3.15 11.18 26.37
C LYS D 51 4.04 10.24 25.57
N VAL D 52 5.23 9.95 26.09
CA VAL D 52 6.10 8.98 25.44
C VAL D 52 5.48 7.58 25.47
N ASN D 53 4.75 7.26 26.55
CA ASN D 53 4.06 5.98 26.62
C ASN D 53 3.00 5.86 25.54
N SER D 54 2.23 6.93 25.33
CA SER D 54 1.18 6.88 24.31
C SER D 54 1.75 6.90 22.90
N ILE D 55 2.93 7.51 22.72
CA ILE D 55 3.54 7.53 21.40
C ILE D 55 3.99 6.13 20.99
N ILE D 56 4.49 5.35 21.95
CA ILE D 56 5.01 4.02 21.64
C ILE D 56 3.91 2.97 21.67
N ASP D 57 2.99 3.04 22.63
CA ASP D 57 2.01 1.99 22.83
C ASP D 57 0.87 2.03 21.82
N LYS D 58 0.56 3.20 21.26
CA LYS D 58 -0.50 3.28 20.25
C LYS D 58 -0.09 2.65 18.92
N MET D 59 1.18 2.30 18.75
CA MET D 59 1.61 1.64 17.53
C MET D 59 1.06 0.22 17.46
N ASN D 60 0.57 -0.16 16.29
CA ASN D 60 0.00 -1.47 16.06
C ASN D 60 0.98 -2.30 15.24
N THR D 61 1.43 -3.42 15.80
CA THR D 61 2.42 -4.28 15.17
C THR D 61 1.79 -5.63 14.87
N GLN D 62 1.86 -6.05 13.61
CA GLN D 62 1.34 -7.33 13.16
C GLN D 62 2.46 -8.13 12.51
N PHE D 63 2.24 -9.44 12.42
CA PHE D 63 3.22 -10.32 11.79
C PHE D 63 3.21 -10.10 10.28
N GLU D 64 4.35 -9.68 9.73
CA GLU D 64 4.49 -9.48 8.30
C GLU D 64 5.80 -10.10 7.82
N ALA D 65 5.80 -10.56 6.57
CA ALA D 65 6.95 -11.22 5.97
C ALA D 65 7.33 -10.50 4.69
N VAL D 66 8.62 -10.13 4.58
CA VAL D 66 9.15 -9.43 3.42
C VAL D 66 10.32 -10.24 2.89
N GLY D 67 10.28 -10.60 1.61
CA GLY D 67 11.29 -11.51 1.09
C GLY D 67 11.64 -11.46 -0.38
N ARG D 68 10.97 -10.62 -1.17
CA ARG D 68 11.25 -10.51 -2.61
C ARG D 68 11.13 -11.86 -3.30
N GLU D 69 9.89 -12.35 -3.37
CA GLU D 69 9.60 -13.71 -3.81
C GLU D 69 9.20 -13.81 -5.28
N PHE D 70 9.39 -12.75 -6.06
CA PHE D 70 8.97 -12.74 -7.46
C PHE D 70 10.19 -12.88 -8.36
N ASN D 71 10.11 -13.78 -9.33
CA ASN D 71 11.21 -14.00 -10.25
C ASN D 71 11.28 -12.86 -11.28
N ASN D 72 12.27 -12.93 -12.17
CA ASN D 72 12.51 -11.85 -13.11
C ASN D 72 11.46 -11.77 -14.21
N LEU D 73 10.59 -12.77 -14.36
CA LEU D 73 9.45 -12.68 -15.26
C LEU D 73 8.18 -12.24 -14.54
N GLU D 74 8.29 -11.84 -13.27
CA GLU D 74 7.20 -11.23 -12.53
C GLU D 74 7.62 -9.84 -12.04
N ARG D 75 8.41 -9.13 -12.85
CA ARG D 75 9.00 -7.88 -12.39
C ARG D 75 7.96 -6.78 -12.22
N ARG D 76 6.84 -6.85 -12.93
CA ARG D 76 5.79 -5.86 -12.75
C ARG D 76 5.19 -5.94 -11.34
N ILE D 77 4.87 -7.16 -10.89
CA ILE D 77 4.41 -7.33 -9.52
C ILE D 77 5.53 -7.01 -8.54
N GLU D 78 6.77 -7.34 -8.90
CA GLU D 78 7.92 -6.96 -8.08
C GLU D 78 7.98 -5.44 -7.91
N ASN D 79 7.61 -4.69 -8.95
CA ASN D 79 7.55 -3.24 -8.84
C ASN D 79 6.35 -2.77 -8.04
N LEU D 80 5.24 -3.53 -8.09
CA LEU D 80 4.08 -3.18 -7.27
C LEU D 80 4.38 -3.34 -5.79
N ASN D 81 5.11 -4.40 -5.44
CA ASN D 81 5.56 -4.55 -4.06
C ASN D 81 6.52 -3.42 -3.66
N LYS D 82 7.33 -2.97 -4.61
CA LYS D 82 8.23 -1.85 -4.32
C LYS D 82 7.44 -0.58 -4.02
N LYS D 83 6.42 -0.29 -4.84
CA LYS D 83 5.67 0.95 -4.66
C LYS D 83 4.94 1.00 -3.33
N MET D 84 4.62 -0.15 -2.73
CA MET D 84 3.98 -0.12 -1.43
C MET D 84 5.01 -0.19 -0.29
N GLU D 85 6.10 -0.93 -0.49
CA GLU D 85 7.20 -0.89 0.48
C GLU D 85 7.81 0.50 0.55
N ASP D 86 8.11 1.07 -0.62
CA ASP D 86 8.67 2.42 -0.65
C ASP D 86 7.64 3.47 -0.26
N GLY D 87 6.36 3.21 -0.52
CA GLY D 87 5.32 4.15 -0.14
C GLY D 87 5.14 4.24 1.37
N PHE D 88 5.19 3.10 2.05
CA PHE D 88 5.00 3.11 3.51
C PHE D 88 6.19 3.73 4.22
N LEU D 89 7.40 3.53 3.68
CA LEU D 89 8.57 4.17 4.28
C LEU D 89 8.47 5.69 4.19
N ASP D 90 7.88 6.21 3.11
CA ASP D 90 7.70 7.64 2.96
C ASP D 90 6.69 8.18 3.96
N VAL D 91 5.64 7.39 4.25
CA VAL D 91 4.59 7.86 5.16
C VAL D 91 5.09 7.86 6.60
N TRP D 92 5.63 6.72 7.06
CA TRP D 92 6.06 6.61 8.45
C TRP D 92 7.16 7.62 8.77
N THR D 93 8.14 7.76 7.88
CA THR D 93 9.24 8.67 8.14
C THR D 93 8.74 10.11 8.29
N TYR D 94 7.80 10.52 7.43
CA TYR D 94 7.29 11.89 7.51
C TYR D 94 6.48 12.09 8.79
N ASN D 95 5.66 11.10 9.16
CA ASN D 95 4.91 11.22 10.41
C ASN D 95 5.84 11.17 11.62
N ALA D 96 6.76 10.20 11.65
CA ALA D 96 7.64 10.07 12.80
C ALA D 96 8.52 11.30 12.97
N GLU D 97 9.04 11.85 11.87
CA GLU D 97 9.85 13.05 11.96
C GLU D 97 9.03 14.24 12.42
N LEU D 98 7.85 14.46 11.83
CA LEU D 98 7.04 15.61 12.21
C LEU D 98 6.42 15.42 13.59
N LEU D 99 6.08 14.18 13.97
CA LEU D 99 5.58 13.96 15.31
C LEU D 99 6.64 14.32 16.35
N VAL D 100 7.90 13.99 16.07
CA VAL D 100 8.98 14.35 16.98
C VAL D 100 9.13 15.87 17.04
N LEU D 101 9.14 16.53 15.90
CA LEU D 101 9.33 17.98 15.88
C LEU D 101 8.13 18.71 16.46
N MET D 102 6.92 18.20 16.22
CA MET D 102 5.72 18.85 16.74
C MET D 102 5.62 18.69 18.26
N GLU D 103 5.87 17.48 18.76
CA GLU D 103 5.74 17.25 20.19
C GLU D 103 6.88 17.85 21.00
N ASN D 104 8.02 18.12 20.36
CA ASN D 104 9.15 18.66 21.11
C ASN D 104 8.92 20.12 21.50
N GLU D 105 8.39 20.93 20.58
CA GLU D 105 8.03 22.30 20.95
C GLU D 105 6.87 22.31 21.92
N ARG D 106 5.87 21.46 21.68
CA ARG D 106 4.77 21.31 22.64
C ARG D 106 5.29 20.91 24.02
N THR D 107 6.45 20.26 24.07
CA THR D 107 7.08 19.98 25.35
C THR D 107 7.89 21.17 25.85
N LEU D 108 8.67 21.80 24.96
CA LEU D 108 9.48 22.94 25.37
C LEU D 108 8.61 24.16 25.64
N ASP D 109 7.45 24.27 25.00
CA ASP D 109 6.50 25.32 25.39
C ASP D 109 5.61 24.88 26.55
N PHE D 110 5.57 23.59 26.86
CA PHE D 110 4.90 23.13 28.07
C PHE D 110 5.66 23.56 29.31
N HIS D 111 6.99 23.64 29.22
CA HIS D 111 7.80 24.14 30.33
C HIS D 111 7.82 25.66 30.40
N ASP D 112 7.56 26.36 29.29
CA ASP D 112 7.41 27.80 29.35
C ASP D 112 6.18 28.21 30.16
N SER D 113 5.19 27.34 30.26
CA SER D 113 3.96 27.63 31.00
C SER D 113 4.09 27.28 32.48
N ASN D 114 4.77 26.18 32.82
CA ASN D 114 4.85 25.76 34.21
C ASN D 114 5.55 26.79 35.08
N VAL D 115 6.51 27.54 34.52
CA VAL D 115 7.19 28.56 35.30
C VAL D 115 6.23 29.71 35.61
N LYS D 116 5.54 30.22 34.59
CA LYS D 116 4.60 31.32 34.81
C LYS D 116 3.36 30.87 35.56
N ASN D 117 2.98 29.59 35.43
CA ASN D 117 1.87 29.08 36.21
C ASN D 117 2.24 28.87 37.66
N LEU D 118 3.50 28.52 37.94
CA LEU D 118 3.96 28.44 39.33
C LEU D 118 4.29 29.82 39.88
N TYR D 119 4.65 30.76 39.00
CA TYR D 119 4.88 32.14 39.43
C TYR D 119 3.58 32.79 39.87
N ASP D 120 2.54 32.69 39.04
CA ASP D 120 1.24 33.24 39.42
C ASP D 120 0.61 32.48 40.58
N LYS D 121 0.96 31.20 40.74
CA LYS D 121 0.47 30.43 41.88
C LYS D 121 0.96 31.02 43.19
N VAL D 122 2.20 31.49 43.22
CA VAL D 122 2.73 32.15 44.39
C VAL D 122 2.42 33.66 44.39
N ARG D 123 2.39 34.29 43.21
CA ARG D 123 2.09 35.71 43.14
C ARG D 123 0.67 36.00 43.65
N LEU D 124 -0.32 35.24 43.18
CA LEU D 124 -1.67 35.43 43.68
C LEU D 124 -1.88 34.87 45.08
N GLN D 125 -0.91 34.12 45.60
CA GLN D 125 -1.01 33.61 46.97
C GLN D 125 -0.72 34.71 47.98
N LEU D 126 0.52 35.22 47.98
CA LEU D 126 0.86 36.41 48.76
C LEU D 126 0.64 37.62 47.86
N ARG D 127 -0.35 38.45 48.21
CA ARG D 127 -0.82 39.48 47.29
C ARG D 127 -0.04 40.79 47.43
N ASP D 128 -0.01 41.38 48.62
CA ASP D 128 0.72 42.62 48.83
C ASP D 128 1.83 42.49 49.87
N ASN D 129 2.21 41.27 50.24
CA ASN D 129 3.25 41.04 51.22
C ASN D 129 4.66 41.06 50.61
N ALA D 130 4.78 41.31 49.31
CA ALA D 130 6.09 41.34 48.67
C ALA D 130 6.00 42.19 47.41
N LYS D 131 7.16 42.39 46.79
CA LYS D 131 7.29 43.18 45.57
C LYS D 131 7.78 42.27 44.45
N GLU D 132 7.14 42.35 43.29
CA GLU D 132 7.52 41.53 42.14
C GLU D 132 8.84 41.99 41.54
N ASN D 135 12.30 38.98 38.06
CA ASN D 135 13.21 37.86 37.82
C ASN D 135 12.58 36.54 38.26
N GLY D 136 11.26 36.56 38.45
CA GLY D 136 10.61 35.45 39.11
C GLY D 136 10.83 35.41 40.60
N CYS D 137 11.39 36.47 41.18
CA CYS D 137 11.70 36.55 42.59
C CYS D 137 10.78 37.53 43.29
N PHE D 138 10.65 37.35 44.60
CA PHE D 138 9.89 38.26 45.44
C PHE D 138 10.76 38.67 46.63
N GLU D 139 10.78 39.96 46.92
CA GLU D 139 11.33 40.47 48.18
C GLU D 139 10.16 40.78 49.11
N PHE D 140 10.09 40.07 50.23
CA PHE D 140 8.99 40.22 51.16
C PHE D 140 9.03 41.58 51.86
N HIS D 142 7.80 42.38 55.21
CA HIS D 142 8.04 41.62 56.43
C HIS D 142 9.03 40.49 56.17
N LYS D 143 9.92 40.23 57.14
CA LYS D 143 10.84 39.12 57.01
C LYS D 143 10.08 37.79 57.14
N CYS D 144 10.60 36.77 56.45
CA CYS D 144 9.89 35.51 56.31
C CYS D 144 10.89 34.37 56.53
N ASP D 145 10.51 33.43 57.39
CA ASP D 145 11.40 32.38 57.88
C ASP D 145 11.21 31.09 57.09
N ASN D 146 11.79 30.00 57.60
CA ASN D 146 11.69 28.71 56.93
C ASN D 146 10.28 28.15 56.99
N GLU D 147 9.66 28.18 58.17
CA GLU D 147 8.26 27.77 58.27
C GLU D 147 7.34 28.72 57.52
N CYS D 148 7.81 29.93 57.23
CA CYS D 148 7.01 30.88 56.46
C CYS D 148 7.11 30.63 54.96
N MET D 149 8.23 30.08 54.49
CA MET D 149 8.38 29.81 53.06
C MET D 149 8.01 28.38 52.69
N GLU D 150 8.18 27.42 53.61
CA GLU D 150 7.63 26.10 53.38
C GLU D 150 6.11 26.12 53.30
N SER D 151 5.48 27.11 53.91
CA SER D 151 4.05 27.32 53.74
C SER D 151 3.72 27.94 52.39
N VAL D 152 4.67 28.69 51.81
CA VAL D 152 4.48 29.21 50.45
C VAL D 152 4.50 28.06 49.44
N ARG D 153 5.38 27.09 49.65
CA ARG D 153 5.47 25.96 48.73
C ARG D 153 4.25 25.05 48.86
N ASN D 154 3.72 24.90 50.08
CA ASN D 154 2.58 24.02 50.31
C ASN D 154 1.31 24.54 49.63
N GLY D 155 1.28 25.81 49.24
CA GLY D 155 0.03 26.43 48.87
C GLY D 155 -0.82 26.87 50.04
N THR D 156 -0.36 26.63 51.26
CA THR D 156 -1.08 27.04 52.47
C THR D 156 -0.41 28.24 53.12
N TYR D 157 -0.34 29.35 52.40
CA TYR D 157 0.22 30.58 52.92
C TYR D 157 -0.90 31.44 53.50
N ASP D 158 -0.73 31.87 54.75
CA ASP D 158 -1.74 32.64 55.45
C ASP D 158 -1.47 34.12 55.21
N TYR D 159 -2.34 34.76 54.41
CA TYR D 159 -2.14 36.16 54.07
C TYR D 159 -2.40 37.10 55.25
N PRO D 160 -3.52 37.01 55.98
CA PRO D 160 -3.75 37.96 57.08
C PRO D 160 -2.75 37.85 58.23
N GLN D 161 -1.88 36.84 58.24
CA GLN D 161 -0.87 36.77 59.29
C GLN D 161 0.22 37.81 59.10
N TYR D 162 0.49 38.21 57.85
CA TYR D 162 1.53 39.19 57.54
C TYR D 162 0.98 40.32 56.69
N SER D 163 -0.31 40.62 56.82
CA SER D 163 -0.95 41.57 55.93
C SER D 163 -0.55 43.00 56.26
N GLU D 164 -0.65 43.41 57.52
CA GLU D 164 -0.42 44.80 57.89
C GLU D 164 1.05 45.18 57.73
N GLU D 165 1.97 44.23 57.91
CA GLU D 165 3.39 44.52 57.84
C GLU D 165 3.83 44.89 56.44
N CYS E 8 -16.99 36.56 40.67
CA CYS E 8 -16.45 35.21 40.53
C CYS E 8 -16.56 34.71 39.09
N ILE E 9 -15.48 34.08 38.61
CA ILE E 9 -15.42 33.52 37.27
C ILE E 9 -15.11 32.04 37.40
N GLY E 10 -15.74 31.23 36.54
CA GLY E 10 -15.49 29.79 36.57
C GLY E 10 -16.04 29.14 35.33
N TYR E 11 -15.83 27.83 35.26
CA TYR E 11 -16.26 27.02 34.12
C TYR E 11 -17.32 26.02 34.55
N HIS E 12 -18.03 25.51 33.55
CA HIS E 12 -19.16 24.61 33.77
C HIS E 12 -18.69 23.30 34.40
N ALA E 13 -19.66 22.53 34.90
CA ALA E 13 -19.47 21.18 35.40
C ALA E 13 -20.84 20.55 35.60
N ASN E 14 -20.96 19.27 35.24
CA ASN E 14 -22.21 18.54 35.39
C ASN E 14 -21.93 17.13 35.88
N ASN E 15 -23.00 16.36 36.04
CA ASN E 15 -22.90 14.98 36.54
C ASN E 15 -22.69 14.02 35.38
N SER E 16 -21.52 14.17 34.75
CA SER E 16 -21.16 13.39 33.57
C SER E 16 -20.19 12.29 33.94
N THR E 17 -20.35 11.14 33.29
CA THR E 17 -19.44 10.02 33.45
C THR E 17 -18.53 9.79 32.24
N GLU E 18 -18.72 10.58 31.17
CA GLU E 18 -17.91 10.38 29.97
C GLU E 18 -16.44 10.69 30.24
N GLN E 19 -15.56 9.83 29.74
CA GLN E 19 -14.13 9.98 29.90
C GLN E 19 -13.46 10.05 28.53
N VAL E 20 -12.43 10.89 28.43
CA VAL E 20 -11.55 10.92 27.27
C VAL E 20 -10.13 10.68 27.75
N ASP E 21 -9.21 10.58 26.79
CA ASP E 21 -7.80 10.35 27.07
C ASP E 21 -6.98 11.52 26.55
N THR E 22 -6.17 12.09 27.43
CA THR E 22 -5.21 13.13 27.10
C THR E 22 -3.86 12.47 26.81
N ILE E 23 -3.12 13.04 25.85
CA ILE E 23 -1.81 12.49 25.51
C ILE E 23 -0.87 12.52 26.71
N MET E 24 -1.16 13.35 27.71
CA MET E 24 -0.38 13.35 28.95
C MET E 24 -1.18 12.89 30.16
N GLU E 25 -2.47 12.61 30.01
CA GLU E 25 -3.29 12.17 31.13
C GLU E 25 -4.26 11.08 30.69
N LYS E 26 -4.28 9.98 31.42
CA LYS E 26 -5.28 8.93 31.21
C LYS E 26 -6.43 9.15 32.19
N ASN E 27 -7.65 8.91 31.71
CA ASN E 27 -8.88 9.03 32.50
C ASN E 27 -9.10 10.47 32.97
N VAL E 28 -9.52 11.28 31.99
CA VAL E 28 -9.98 12.64 32.25
C VAL E 28 -11.50 12.62 32.21
N THR E 29 -12.12 12.97 33.32
CA THR E 29 -13.58 13.07 33.39
C THR E 29 -14.03 14.34 32.67
N VAL E 30 -14.96 14.19 31.74
CA VAL E 30 -15.27 15.23 30.77
C VAL E 30 -16.75 15.55 30.81
N THR E 31 -17.06 16.82 30.53
CA THR E 31 -18.45 17.28 30.46
C THR E 31 -19.22 16.56 29.36
N HIS E 32 -18.72 16.63 28.13
CA HIS E 32 -19.40 16.06 26.98
C HIS E 32 -18.37 15.50 26.02
N ALA E 33 -18.70 14.37 25.39
CA ALA E 33 -17.78 13.69 24.50
C ALA E 33 -18.52 13.19 23.27
N GLN E 34 -17.81 13.14 22.14
CA GLN E 34 -18.34 12.65 20.88
C GLN E 34 -17.43 11.57 20.32
N ASP E 35 -18.02 10.47 19.86
CA ASP E 35 -17.28 9.33 19.32
C ASP E 35 -17.31 9.39 17.80
N ILE E 36 -16.15 9.16 17.18
CA ILE E 36 -16.02 9.15 15.73
C ILE E 36 -15.72 7.76 15.18
N LEU E 37 -15.70 6.74 16.03
CA LEU E 37 -15.41 5.37 15.60
C LEU E 37 -16.74 4.63 15.48
N GLU E 38 -17.12 4.32 14.24
CA GLU E 38 -18.36 3.56 14.00
C GLU E 38 -18.16 2.12 14.42
N LYS E 39 -19.04 1.64 15.32
CA LYS E 39 -18.94 0.28 15.83
C LYS E 39 -20.19 -0.55 15.57
N LYS E 40 -21.18 -0.04 14.84
CA LYS E 40 -22.45 -0.71 14.68
C LYS E 40 -22.77 -0.93 13.20
N HIS E 41 -23.45 -2.05 12.95
CA HIS E 41 -23.93 -2.40 11.61
C HIS E 41 -25.34 -2.94 11.74
N ASN E 42 -26.06 -2.98 10.61
CA ASN E 42 -27.45 -3.43 10.61
C ASN E 42 -27.59 -4.94 10.40
N GLY E 43 -26.49 -5.64 10.15
CA GLY E 43 -26.51 -7.10 10.19
C GLY E 43 -27.21 -7.80 9.05
N LYS E 44 -27.27 -7.19 7.87
CA LYS E 44 -27.87 -7.86 6.72
C LYS E 44 -27.35 -7.21 5.44
N LEU E 45 -27.32 -8.01 4.37
CA LEU E 45 -26.88 -7.52 3.08
C LEU E 45 -27.89 -6.53 2.52
N CYS E 46 -27.39 -5.47 1.88
CA CYS E 46 -28.24 -4.41 1.35
C CYS E 46 -27.79 -4.07 -0.08
N ASP E 47 -28.48 -3.10 -0.66
CA ASP E 47 -28.06 -2.55 -1.94
C ASP E 47 -26.81 -1.68 -1.76
N LEU E 48 -26.05 -1.53 -2.83
CA LEU E 48 -24.86 -0.70 -2.83
C LEU E 48 -25.11 0.48 -3.76
N ASP E 49 -25.32 1.66 -3.17
CA ASP E 49 -25.68 2.87 -3.91
C ASP E 49 -26.94 2.67 -4.74
N GLY E 50 -27.93 2.00 -4.15
CA GLY E 50 -29.20 1.79 -4.81
C GLY E 50 -29.19 0.72 -5.89
N VAL E 51 -28.32 -0.28 -5.78
CA VAL E 51 -28.25 -1.37 -6.74
C VAL E 51 -28.19 -2.68 -5.97
N LYS E 52 -29.08 -3.61 -6.32
CA LYS E 52 -29.18 -4.87 -5.59
C LYS E 52 -27.95 -5.74 -5.84
N PRO E 53 -27.48 -6.47 -4.83
CA PRO E 53 -26.39 -7.43 -5.06
C PRO E 53 -26.89 -8.73 -5.66
N LEU E 54 -26.03 -9.34 -6.48
CA LEU E 54 -26.30 -10.67 -7.02
C LEU E 54 -25.91 -11.71 -5.98
N ILE E 55 -26.89 -12.32 -5.35
CA ILE E 55 -26.68 -13.22 -4.21
C ILE E 55 -26.96 -14.63 -4.67
N LEU E 56 -25.93 -15.47 -4.66
CA LEU E 56 -26.04 -16.87 -5.01
C LEU E 56 -26.34 -17.68 -3.76
N ARG E 57 -27.45 -18.41 -3.76
CA ARG E 57 -27.91 -19.11 -2.57
C ARG E 57 -26.93 -20.20 -2.15
N ASP E 58 -26.87 -21.27 -2.92
CA ASP E 58 -25.96 -22.39 -2.67
C ASP E 58 -25.11 -22.70 -3.88
N CYS E 59 -24.87 -21.70 -4.73
CA CYS E 59 -24.23 -21.91 -6.02
C CYS E 59 -23.01 -21.02 -6.14
N SER E 60 -22.02 -21.53 -6.87
CA SER E 60 -20.83 -20.76 -7.21
C SER E 60 -21.11 -19.91 -8.45
N VAL E 61 -20.16 -19.03 -8.75
CA VAL E 61 -20.28 -18.22 -9.97
C VAL E 61 -20.24 -19.12 -11.21
N ALA E 62 -19.53 -20.25 -11.12
CA ALA E 62 -19.48 -21.18 -12.24
C ALA E 62 -20.82 -21.88 -12.42
N GLY E 63 -21.37 -22.44 -11.35
CA GLY E 63 -22.64 -23.13 -11.45
C GLY E 63 -23.79 -22.22 -11.80
N TRP E 64 -23.69 -20.94 -11.46
CA TRP E 64 -24.72 -19.98 -11.82
C TRP E 64 -24.58 -19.53 -13.27
N LEU E 65 -23.36 -19.22 -13.69
CA LEU E 65 -23.12 -18.81 -15.07
C LEU E 65 -23.45 -19.96 -16.03
N LEU E 66 -22.89 -21.13 -15.76
CA LEU E 66 -23.32 -22.33 -16.46
C LEU E 66 -24.72 -22.73 -16.01
N GLY E 67 -25.28 -23.75 -16.65
CA GLY E 67 -26.63 -24.16 -16.34
C GLY E 67 -26.72 -25.32 -15.39
N ASN E 68 -26.06 -25.21 -14.23
CA ASN E 68 -26.11 -26.26 -13.22
C ASN E 68 -27.55 -26.55 -12.84
N PRO E 69 -28.05 -27.77 -13.08
CA PRO E 69 -29.47 -28.04 -12.80
C PRO E 69 -29.86 -27.83 -11.36
N MET E 70 -28.95 -28.07 -10.42
CA MET E 70 -29.24 -27.81 -9.02
C MET E 70 -29.28 -26.32 -8.69
N CYS E 71 -28.93 -25.46 -9.63
CA CYS E 71 -28.91 -24.02 -9.42
C CYS E 71 -30.11 -23.35 -10.07
N ASP E 72 -30.61 -22.30 -9.42
CA ASP E 72 -31.78 -21.59 -9.89
C ASP E 72 -31.45 -20.74 -11.11
N GLU E 73 -32.44 -20.60 -11.98
CA GLU E 73 -32.27 -19.88 -13.24
C GLU E 73 -32.44 -18.37 -13.06
N VAL E 77 -31.66 -11.45 -12.41
CA VAL E 77 -31.44 -10.02 -12.19
C VAL E 77 -30.39 -9.51 -13.17
N PRO E 78 -30.76 -8.51 -13.97
CA PRO E 78 -29.87 -8.04 -15.05
C PRO E 78 -28.88 -6.96 -14.65
N GLU E 79 -28.84 -6.55 -13.38
CA GLU E 79 -27.90 -5.52 -12.94
C GLU E 79 -27.60 -5.71 -11.47
N TRP E 80 -26.32 -5.62 -11.11
CA TRP E 80 -25.91 -5.76 -9.73
C TRP E 80 -24.63 -4.98 -9.48
N SER E 81 -24.44 -4.58 -8.22
CA SER E 81 -23.26 -3.84 -7.82
C SER E 81 -22.14 -4.73 -7.31
N TYR E 82 -22.48 -5.85 -6.67
CA TYR E 82 -21.48 -6.80 -6.20
C TYR E 82 -22.14 -8.17 -6.09
N ILE E 83 -21.29 -9.20 -5.98
CA ILE E 83 -21.73 -10.59 -5.94
C ILE E 83 -21.47 -11.15 -4.55
N VAL E 84 -22.43 -11.92 -4.05
CA VAL E 84 -22.31 -12.61 -2.76
C VAL E 84 -22.49 -14.10 -3.00
N GLU E 85 -21.51 -14.89 -2.58
CA GLU E 85 -21.63 -16.34 -2.54
C GLU E 85 -21.16 -16.83 -1.19
N LYS E 86 -21.75 -17.94 -0.75
CA LYS E 86 -21.41 -18.52 0.55
C LYS E 86 -19.91 -18.82 0.62
N ALA E 87 -19.41 -19.00 1.84
CA ALA E 87 -18.00 -19.29 2.04
C ALA E 87 -17.60 -20.55 1.30
N ASN E 88 -18.43 -21.60 1.39
CA ASN E 88 -18.22 -22.85 0.67
C ASN E 88 -19.51 -23.21 -0.05
N PRO E 89 -19.71 -22.71 -1.27
CA PRO E 89 -20.90 -23.09 -2.03
C PRO E 89 -20.92 -24.59 -2.29
N VAL E 90 -22.12 -25.16 -2.28
CA VAL E 90 -22.26 -26.61 -2.43
C VAL E 90 -22.34 -27.03 -3.90
N ASN E 91 -22.85 -26.16 -4.77
CA ASN E 91 -23.07 -26.48 -6.18
C ASN E 91 -22.08 -25.68 -7.02
N ASP E 92 -20.94 -26.28 -7.33
CA ASP E 92 -19.96 -25.67 -8.21
C ASP E 92 -20.12 -26.22 -9.62
N LEU E 93 -19.47 -27.34 -9.90
CA LEU E 93 -19.62 -28.06 -11.15
C LEU E 93 -20.12 -29.46 -10.82
N CYS E 94 -21.37 -29.75 -11.19
CA CYS E 94 -21.92 -31.09 -10.95
C CYS E 94 -21.08 -32.16 -11.61
N TYR E 95 -20.52 -31.87 -12.79
CA TYR E 95 -19.48 -32.71 -13.37
C TYR E 95 -18.13 -32.07 -13.07
N PRO E 96 -17.21 -32.77 -12.41
CA PRO E 96 -15.99 -32.11 -11.93
C PRO E 96 -15.13 -31.60 -13.08
N GLY E 97 -14.45 -30.48 -12.83
CA GLY E 97 -13.58 -29.90 -13.83
C GLY E 97 -13.01 -28.58 -13.35
N ASP E 98 -12.54 -27.78 -14.31
CA ASP E 98 -11.93 -26.49 -14.04
C ASP E 98 -12.64 -25.39 -14.80
N PHE E 99 -12.23 -24.15 -14.51
CA PHE E 99 -12.71 -22.97 -15.22
C PHE E 99 -11.49 -22.09 -15.47
N ASN E 100 -11.14 -21.90 -16.74
CA ASN E 100 -9.93 -21.16 -17.08
C ASN E 100 -10.09 -19.68 -16.74
N ASP E 101 -9.08 -19.11 -16.08
CA ASP E 101 -9.13 -17.72 -15.63
C ASP E 101 -10.40 -17.45 -14.82
N TYR E 102 -10.75 -18.42 -13.96
CA TYR E 102 -11.99 -18.34 -13.22
C TYR E 102 -12.02 -17.12 -12.31
N GLU E 103 -10.90 -16.84 -11.64
CA GLU E 103 -10.85 -15.68 -10.75
C GLU E 103 -10.90 -14.38 -11.52
N GLU E 104 -10.38 -14.35 -12.74
CA GLU E 104 -10.52 -13.17 -13.59
C GLU E 104 -11.92 -13.07 -14.20
N LEU E 105 -12.57 -14.21 -14.44
CA LEU E 105 -13.95 -14.18 -14.91
C LEU E 105 -14.89 -13.71 -13.82
N LYS E 106 -14.64 -14.12 -12.57
CA LYS E 106 -15.48 -13.68 -11.46
C LYS E 106 -15.33 -12.18 -11.22
N HIS E 107 -14.08 -11.69 -11.22
CA HIS E 107 -13.86 -10.26 -11.02
C HIS E 107 -14.45 -9.43 -12.15
N LEU E 108 -14.57 -10.02 -13.34
CA LEU E 108 -15.19 -9.29 -14.45
C LEU E 108 -16.69 -9.16 -14.26
N LEU E 109 -17.33 -10.18 -13.70
CA LEU E 109 -18.77 -10.19 -13.50
C LEU E 109 -19.19 -9.63 -12.14
N SER E 110 -18.24 -9.18 -11.33
CA SER E 110 -18.56 -8.73 -9.98
C SER E 110 -19.52 -7.54 -9.99
N ARG E 111 -19.33 -6.62 -10.92
CA ARG E 111 -20.23 -5.47 -11.10
C ARG E 111 -20.57 -5.38 -12.58
N ILE E 112 -21.86 -5.55 -12.90
CA ILE E 112 -22.32 -5.56 -14.28
C ILE E 112 -23.51 -4.62 -14.41
N ASN E 113 -23.51 -3.84 -15.49
CA ASN E 113 -24.59 -2.88 -15.75
C ASN E 113 -25.74 -3.50 -16.54
N HIS E 114 -25.47 -4.48 -17.40
CA HIS E 114 -26.51 -5.11 -18.20
C HIS E 114 -26.13 -6.56 -18.45
N PHE E 115 -27.08 -7.47 -18.20
CA PHE E 115 -26.84 -8.90 -18.30
C PHE E 115 -28.07 -9.56 -18.89
N GLU E 116 -27.88 -10.39 -19.93
CA GLU E 116 -29.01 -10.97 -20.65
C GLU E 116 -28.60 -12.32 -21.22
N LYS E 117 -29.37 -13.36 -20.90
CA LYS E 117 -29.13 -14.69 -21.44
C LYS E 117 -29.74 -14.79 -22.83
N ILE E 118 -28.95 -15.27 -23.79
CA ILE E 118 -29.33 -15.29 -25.20
C ILE E 118 -29.01 -16.64 -25.80
N GLN E 119 -29.98 -17.24 -26.48
CA GLN E 119 -29.75 -18.45 -27.27
C GLN E 119 -29.14 -18.03 -28.60
N ILE E 120 -27.89 -18.45 -28.83
CA ILE E 120 -27.15 -18.07 -30.02
C ILE E 120 -27.23 -19.14 -31.10
N ILE E 121 -26.93 -20.39 -30.75
CA ILE E 121 -27.12 -21.53 -31.65
C ILE E 121 -27.76 -22.64 -30.82
N PRO E 122 -29.00 -23.01 -31.11
CA PRO E 122 -29.77 -23.86 -30.19
C PRO E 122 -29.36 -25.33 -30.27
N LYS E 123 -30.03 -26.15 -29.46
CA LYS E 123 -29.78 -27.58 -29.47
C LYS E 123 -30.14 -28.21 -30.81
N SER E 124 -31.08 -27.60 -31.55
CA SER E 124 -31.48 -28.15 -32.83
C SER E 124 -30.36 -28.04 -33.87
N SER E 125 -29.62 -26.93 -33.84
CA SER E 125 -28.52 -26.76 -34.78
C SER E 125 -27.41 -27.77 -34.55
N TRP E 126 -27.36 -28.39 -33.37
CA TRP E 126 -26.42 -29.48 -33.09
C TRP E 126 -27.11 -30.79 -33.47
N SER E 127 -27.04 -31.14 -34.75
CA SER E 127 -27.66 -32.37 -35.24
C SER E 127 -27.01 -32.82 -36.54
N ALA E 131 -24.63 -35.00 -34.95
CA ALA E 131 -24.20 -35.53 -33.66
C ALA E 131 -25.34 -35.52 -32.65
N SER E 132 -25.20 -36.31 -31.60
CA SER E 132 -26.21 -36.46 -30.56
C SER E 132 -25.78 -35.74 -29.29
N LEU E 133 -26.71 -35.68 -28.34
CA LEU E 133 -26.48 -35.03 -27.06
C LEU E 133 -26.19 -36.07 -25.98
N GLY E 134 -25.51 -35.64 -24.92
CA GLY E 134 -25.05 -36.54 -23.90
C GLY E 134 -25.34 -36.04 -22.49
N VAL E 135 -25.48 -37.00 -21.58
CA VAL E 135 -25.81 -36.73 -20.18
C VAL E 135 -24.99 -37.67 -19.29
N SER E 136 -24.80 -37.26 -18.04
CA SER E 136 -24.23 -38.12 -17.02
C SER E 136 -24.98 -37.91 -15.71
N SER E 137 -24.87 -38.89 -14.82
CA SER E 137 -25.63 -38.89 -13.56
C SER E 137 -25.04 -37.97 -12.51
N ALA E 138 -23.90 -37.35 -12.75
CA ALA E 138 -23.33 -36.42 -11.79
C ALA E 138 -24.09 -35.11 -11.71
N CYS E 139 -25.00 -34.85 -12.66
CA CYS E 139 -25.81 -33.64 -12.68
C CYS E 139 -27.28 -34.03 -12.57
N PRO E 140 -27.76 -34.35 -11.37
CA PRO E 140 -29.17 -34.71 -11.22
C PRO E 140 -30.05 -33.48 -11.12
N TYR E 141 -31.17 -33.51 -11.83
CA TYR E 141 -32.13 -32.42 -11.83
C TYR E 141 -33.42 -32.82 -11.12
N GLN E 142 -34.25 -33.63 -11.78
CA GLN E 142 -35.54 -34.07 -11.23
C GLN E 142 -35.57 -35.59 -11.31
N GLY E 143 -34.78 -36.24 -10.45
CA GLY E 143 -34.67 -37.69 -10.46
C GLY E 143 -34.13 -38.27 -11.75
N LYS E 144 -34.00 -37.49 -12.81
CA LYS E 144 -33.46 -37.96 -14.07
C LYS E 144 -32.19 -37.20 -14.39
N SER E 145 -31.13 -37.92 -14.74
CA SER E 145 -29.84 -37.29 -14.97
C SER E 145 -29.96 -36.20 -16.03
N SER E 146 -29.41 -35.03 -15.73
CA SER E 146 -29.46 -33.88 -16.62
C SER E 146 -28.04 -33.37 -16.89
N PHE E 147 -27.97 -32.29 -17.63
CA PHE E 147 -26.72 -31.61 -17.97
C PHE E 147 -26.92 -30.12 -17.75
N PHE E 148 -25.87 -29.34 -18.01
CA PHE E 148 -25.97 -27.90 -17.87
C PHE E 148 -27.01 -27.33 -18.83
N ARG E 149 -27.83 -26.41 -18.33
CA ARG E 149 -28.87 -25.81 -19.16
C ARG E 149 -28.27 -25.01 -20.31
N ASN E 150 -27.18 -24.29 -20.04
CA ASN E 150 -26.68 -23.27 -20.96
C ASN E 150 -25.67 -23.80 -21.97
N VAL E 151 -25.16 -25.02 -21.80
CA VAL E 151 -24.26 -25.62 -22.75
C VAL E 151 -24.74 -27.03 -23.10
N VAL E 152 -24.20 -27.57 -24.19
CA VAL E 152 -24.65 -28.83 -24.75
C VAL E 152 -23.45 -29.77 -24.87
N TRP E 153 -23.66 -31.03 -24.48
CA TRP E 153 -22.63 -32.06 -24.56
C TRP E 153 -22.82 -32.84 -25.85
N LEU E 154 -21.81 -32.82 -26.72
CA LEU E 154 -21.90 -33.44 -28.03
C LEU E 154 -21.36 -34.87 -27.99
N ILE E 155 -22.16 -35.81 -28.49
CA ILE E 155 -21.78 -37.21 -28.60
C ILE E 155 -22.09 -37.68 -30.01
N LYS E 156 -21.24 -38.59 -30.51
CA LYS E 156 -21.37 -39.11 -31.88
C LYS E 156 -22.75 -39.65 -32.19
N THR E 160 -21.08 -42.65 -35.90
CA THR E 160 -19.87 -42.06 -36.45
C THR E 160 -19.74 -40.60 -36.06
N ALA E 161 -18.66 -40.27 -35.35
CA ALA E 161 -18.44 -38.89 -34.90
C ALA E 161 -18.00 -38.03 -36.07
N PRO E 162 -18.81 -37.02 -36.46
CA PRO E 162 -18.41 -36.17 -37.59
C PRO E 162 -17.78 -34.86 -37.15
N THR E 163 -17.21 -34.12 -38.10
CA THR E 163 -16.63 -32.82 -37.81
C THR E 163 -17.74 -31.77 -37.77
N ILE E 164 -17.75 -30.98 -36.70
CA ILE E 164 -18.76 -29.95 -36.48
C ILE E 164 -18.16 -28.59 -36.79
N LYS E 165 -18.80 -27.84 -37.69
CA LYS E 165 -18.36 -26.50 -38.05
C LYS E 165 -19.56 -25.57 -37.97
N ARG E 166 -19.59 -24.72 -36.95
CA ARG E 166 -20.62 -23.70 -36.82
C ARG E 166 -20.05 -22.49 -36.11
N SER E 167 -20.37 -21.31 -36.64
CA SER E 167 -19.91 -20.05 -36.07
C SER E 167 -21.10 -19.19 -35.72
N TYR E 168 -20.91 -18.30 -34.74
CA TYR E 168 -21.93 -17.33 -34.35
C TYR E 168 -21.37 -15.93 -34.45
N ASN E 169 -22.07 -15.06 -35.17
CA ASN E 169 -21.73 -13.66 -35.26
C ASN E 169 -22.48 -12.88 -34.19
N ASN E 170 -21.77 -11.95 -33.55
CA ASN E 170 -22.39 -11.06 -32.58
C ASN E 170 -23.14 -9.98 -33.36
N THR E 171 -24.48 -10.11 -33.42
CA THR E 171 -25.33 -9.09 -34.00
C THR E 171 -25.86 -8.11 -32.97
N ASN E 172 -25.68 -8.40 -31.68
CA ASN E 172 -26.17 -7.53 -30.64
C ASN E 172 -25.34 -6.25 -30.55
N GLN E 173 -25.77 -5.33 -29.70
CA GLN E 173 -25.10 -4.04 -29.55
C GLN E 173 -24.04 -4.05 -28.46
N GLU E 174 -24.10 -5.00 -27.53
CA GLU E 174 -23.22 -5.03 -26.37
C GLU E 174 -22.25 -6.20 -26.46
N ASP E 175 -21.25 -6.16 -25.57
CA ASP E 175 -20.27 -7.24 -25.51
C ASP E 175 -20.94 -8.54 -25.06
N LEU E 176 -20.45 -9.65 -25.61
CA LEU E 176 -21.04 -10.96 -25.40
C LEU E 176 -20.01 -11.91 -24.80
N LEU E 177 -20.39 -12.59 -23.73
CA LEU E 177 -19.52 -13.55 -23.04
C LEU E 177 -19.93 -14.96 -23.45
N VAL E 178 -19.06 -15.63 -24.19
CA VAL E 178 -19.32 -16.98 -24.67
C VAL E 178 -18.62 -17.98 -23.77
N LEU E 179 -19.28 -19.11 -23.50
CA LEU E 179 -18.74 -20.17 -22.67
C LEU E 179 -18.73 -21.47 -23.45
N TRP E 180 -17.64 -22.23 -23.35
CA TRP E 180 -17.54 -23.54 -23.97
C TRP E 180 -16.58 -24.39 -23.16
N GLY E 181 -16.58 -25.69 -23.44
CA GLY E 181 -15.79 -26.62 -22.66
C GLY E 181 -15.28 -27.80 -23.46
N ILE E 182 -14.48 -28.63 -22.79
CA ILE E 182 -13.92 -29.85 -23.38
C ILE E 182 -13.95 -30.93 -22.31
N HIS E 183 -14.15 -32.17 -22.74
CA HIS E 183 -14.24 -33.31 -21.85
C HIS E 183 -12.95 -34.10 -21.87
N HIS E 184 -12.41 -34.39 -20.68
CA HIS E 184 -11.22 -35.23 -20.54
C HIS E 184 -11.63 -36.55 -19.92
N PRO E 185 -11.79 -37.61 -20.70
CA PRO E 185 -12.29 -38.89 -20.15
C PRO E 185 -11.25 -39.56 -19.26
N ASN E 186 -11.69 -40.63 -18.60
CA ASN E 186 -10.84 -41.37 -17.67
C ASN E 186 -9.80 -42.19 -18.43
N ASP E 187 -10.25 -43.06 -19.32
CA ASP E 187 -9.38 -43.96 -20.07
C ASP E 187 -9.54 -43.71 -21.56
N ALA E 188 -8.72 -44.39 -22.36
CA ALA E 188 -8.89 -44.35 -23.81
C ALA E 188 -10.16 -45.03 -24.26
N ALA E 189 -10.79 -45.82 -23.39
CA ALA E 189 -12.04 -46.48 -23.76
C ALA E 189 -13.21 -45.51 -23.71
N GLU E 190 -13.27 -44.65 -22.69
CA GLU E 190 -14.38 -43.72 -22.54
C GLU E 190 -14.43 -42.71 -23.69
N GLN E 191 -13.28 -42.41 -24.30
CA GLN E 191 -13.29 -41.54 -25.48
C GLN E 191 -13.89 -42.25 -26.67
N THR E 192 -13.28 -43.36 -27.10
CA THR E 192 -13.82 -44.16 -28.20
C THR E 192 -15.26 -44.56 -27.95
N LYS E 193 -15.64 -44.72 -26.68
CA LYS E 193 -17.03 -44.99 -26.33
C LYS E 193 -17.95 -43.87 -26.81
N LEU E 194 -17.57 -42.62 -26.53
CA LEU E 194 -18.38 -41.45 -26.86
C LEU E 194 -17.87 -40.69 -28.08
N TYR E 195 -16.57 -40.47 -28.18
CA TYR E 195 -15.95 -39.69 -29.24
C TYR E 195 -15.10 -40.64 -30.09
N GLN E 196 -15.58 -40.93 -31.29
CA GLN E 196 -15.05 -42.06 -32.05
C GLN E 196 -13.56 -41.90 -32.35
N ASN E 197 -13.12 -40.68 -32.67
CA ASN E 197 -11.72 -40.47 -33.00
C ASN E 197 -10.85 -40.62 -31.75
N PRO E 198 -9.77 -41.41 -31.81
CA PRO E 198 -8.85 -41.46 -30.66
C PRO E 198 -8.13 -40.13 -30.44
N THR E 199 -7.72 -39.46 -31.51
CA THR E 199 -7.10 -38.15 -31.44
C THR E 199 -8.14 -37.10 -31.78
N THR E 200 -8.20 -36.04 -30.97
CA THR E 200 -9.29 -35.07 -31.03
C THR E 200 -8.74 -33.67 -30.76
N TYR E 201 -9.40 -32.67 -31.34
CA TYR E 201 -9.05 -31.27 -31.12
C TYR E 201 -10.32 -30.44 -30.99
N ILE E 202 -10.16 -29.23 -30.46
CA ILE E 202 -11.20 -28.21 -30.43
C ILE E 202 -10.54 -26.87 -30.73
N SER E 203 -10.96 -26.21 -31.81
CA SER E 203 -10.37 -24.95 -32.24
C SER E 203 -11.42 -23.85 -32.18
N VAL E 204 -11.15 -22.81 -31.40
CA VAL E 204 -12.04 -21.66 -31.28
C VAL E 204 -11.32 -20.45 -31.88
N GLY E 205 -12.06 -19.67 -32.68
CA GLY E 205 -11.46 -18.55 -33.37
C GLY E 205 -12.20 -17.23 -33.20
N THR E 206 -11.45 -16.17 -32.91
CA THR E 206 -11.97 -14.83 -32.76
C THR E 206 -10.95 -13.86 -33.32
N SER E 207 -11.39 -12.62 -33.57
CA SER E 207 -10.45 -11.58 -33.98
C SER E 207 -9.33 -11.42 -32.97
N THR E 208 -9.58 -11.75 -31.71
CA THR E 208 -8.58 -11.77 -30.65
C THR E 208 -8.13 -13.18 -30.29
N LEU E 209 -9.09 -14.08 -30.07
CA LEU E 209 -8.78 -15.41 -29.55
C LEU E 209 -8.26 -16.34 -30.64
N ASN E 210 -7.28 -17.16 -30.27
CA ASN E 210 -6.74 -18.20 -31.15
C ASN E 210 -6.23 -19.32 -30.26
N GLN E 211 -7.03 -20.39 -30.13
CA GLN E 211 -6.67 -21.50 -29.27
C GLN E 211 -7.02 -22.81 -29.97
N ARG E 212 -6.50 -23.91 -29.42
CA ARG E 212 -6.79 -25.25 -29.91
C ARG E 212 -6.63 -26.21 -28.74
N LEU E 213 -7.72 -26.83 -28.34
CA LEU E 213 -7.75 -27.68 -27.15
C LEU E 213 -7.70 -29.15 -27.55
N VAL E 214 -6.83 -29.91 -26.90
CA VAL E 214 -6.68 -31.34 -27.14
C VAL E 214 -7.04 -32.05 -25.83
N PRO E 215 -7.88 -33.07 -25.86
CA PRO E 215 -8.23 -33.77 -24.62
C PRO E 215 -7.03 -34.46 -23.99
N ARG E 216 -6.96 -34.42 -22.67
CA ARG E 216 -5.89 -35.05 -21.89
C ARG E 216 -6.50 -36.21 -21.11
N ILE E 217 -6.27 -37.42 -21.60
CA ILE E 217 -6.78 -38.62 -20.94
C ILE E 217 -5.83 -39.01 -19.81
N ALA E 218 -6.38 -39.22 -18.62
CA ALA E 218 -5.57 -39.60 -17.46
C ALA E 218 -6.45 -40.27 -16.43
N THR E 219 -5.87 -41.23 -15.71
CA THR E 219 -6.56 -41.91 -14.63
C THR E 219 -6.66 -40.98 -13.42
N ARG E 220 -7.88 -40.65 -13.02
CA ARG E 220 -8.13 -39.69 -11.95
C ARG E 220 -9.05 -40.31 -10.91
N SER E 221 -9.13 -39.66 -9.75
CA SER E 221 -9.98 -40.12 -8.67
C SER E 221 -11.42 -39.68 -8.89
N LYS E 222 -12.35 -40.40 -8.27
CA LYS E 222 -13.77 -40.09 -8.43
C LYS E 222 -14.11 -38.80 -7.71
N VAL E 223 -14.79 -37.90 -8.42
CA VAL E 223 -15.38 -36.70 -7.84
C VAL E 223 -16.82 -36.62 -8.33
N ASN E 224 -17.77 -36.69 -7.39
CA ASN E 224 -19.19 -36.78 -7.72
C ASN E 224 -19.47 -37.97 -8.62
N GLY E 225 -18.79 -39.09 -8.35
CA GLY E 225 -18.98 -40.30 -9.14
C GLY E 225 -18.47 -40.22 -10.56
N GLN E 226 -17.53 -39.33 -10.84
CA GLN E 226 -16.99 -39.15 -12.18
C GLN E 226 -15.48 -39.09 -12.14
N SER E 227 -14.83 -39.91 -12.96
CA SER E 227 -13.39 -39.85 -13.14
C SER E 227 -12.99 -38.92 -14.27
N GLY E 228 -13.88 -38.64 -15.20
CA GLY E 228 -13.60 -37.68 -16.24
C GLY E 228 -13.67 -36.24 -15.73
N ARG E 229 -13.23 -35.33 -16.59
CA ARG E 229 -13.20 -33.91 -16.26
C ARG E 229 -13.78 -33.09 -17.41
N MET E 230 -14.11 -31.84 -17.10
CA MET E 230 -14.63 -30.90 -18.09
C MET E 230 -14.07 -29.52 -17.80
N GLU E 231 -13.28 -29.00 -18.73
CA GLU E 231 -12.58 -27.73 -18.56
C GLU E 231 -13.23 -26.67 -19.44
N PHE E 232 -13.57 -25.53 -18.85
CA PHE E 232 -14.32 -24.49 -19.53
C PHE E 232 -13.46 -23.26 -19.78
N PHE E 233 -13.75 -22.57 -20.89
CA PHE E 233 -13.02 -21.39 -21.30
C PHE E 233 -14.02 -20.29 -21.67
N TRP E 234 -13.50 -19.09 -21.92
CA TRP E 234 -14.37 -17.96 -22.23
C TRP E 234 -13.54 -16.82 -22.80
N THR E 235 -14.19 -16.01 -23.65
CA THR E 235 -13.66 -14.73 -24.12
C THR E 235 -14.82 -13.75 -24.21
N ILE E 236 -14.48 -12.51 -24.51
CA ILE E 236 -15.47 -11.45 -24.73
C ILE E 236 -15.55 -11.21 -26.23
N LEU E 237 -16.65 -11.65 -26.84
CA LEU E 237 -16.87 -11.45 -28.27
C LEU E 237 -17.27 -10.01 -28.50
N LYS E 238 -16.41 -9.25 -29.19
CA LYS E 238 -16.67 -7.86 -29.47
C LYS E 238 -17.98 -7.71 -30.24
N PRO E 239 -18.67 -6.56 -30.11
CA PRO E 239 -20.07 -6.49 -30.56
C PRO E 239 -20.30 -6.82 -32.04
N ASN E 240 -19.28 -6.70 -32.89
CA ASN E 240 -19.46 -7.05 -34.30
C ASN E 240 -18.40 -8.04 -34.78
N ASP E 241 -17.81 -8.81 -33.87
CA ASP E 241 -16.89 -9.87 -34.23
C ASP E 241 -17.64 -11.20 -34.31
N ALA E 242 -17.01 -12.20 -34.94
CA ALA E 242 -17.58 -13.52 -35.05
C ALA E 242 -16.67 -14.54 -34.40
N ILE E 243 -17.26 -15.50 -33.71
CA ILE E 243 -16.53 -16.59 -33.08
C ILE E 243 -16.80 -17.87 -33.87
N ASN E 244 -15.75 -18.66 -34.09
CA ASN E 244 -15.84 -19.85 -34.92
C ASN E 244 -15.38 -21.07 -34.13
N PHE E 245 -16.14 -22.17 -34.25
CA PHE E 245 -15.82 -23.40 -33.56
C PHE E 245 -15.56 -24.51 -34.57
N GLU E 246 -14.64 -25.41 -34.22
CA GLU E 246 -14.36 -26.61 -35.01
C GLU E 246 -13.80 -27.66 -34.06
N SER E 247 -14.51 -28.78 -33.94
CA SER E 247 -14.14 -29.81 -32.99
C SER E 247 -14.27 -31.19 -33.64
N ASN E 248 -13.45 -32.12 -33.17
CA ASN E 248 -13.51 -33.50 -33.67
C ASN E 248 -14.59 -34.31 -32.96
N GLY E 249 -14.77 -34.11 -31.65
CA GLY E 249 -15.78 -34.85 -30.94
C GLY E 249 -15.93 -34.57 -29.46
N ASN E 250 -14.87 -34.11 -28.81
CA ASN E 250 -14.90 -33.89 -27.35
C ASN E 250 -15.46 -32.53 -26.97
N PHE E 251 -16.48 -32.06 -27.69
CA PHE E 251 -16.93 -30.68 -27.59
C PHE E 251 -18.12 -30.58 -26.64
N ILE E 252 -18.01 -29.70 -25.65
CA ILE E 252 -19.14 -29.20 -24.88
C ILE E 252 -19.44 -27.81 -25.42
N ALA E 253 -20.43 -27.72 -26.31
CA ALA E 253 -20.73 -26.54 -27.11
C ALA E 253 -21.70 -25.61 -26.38
N PRO E 254 -21.65 -24.32 -26.68
CA PRO E 254 -22.59 -23.38 -26.05
C PRO E 254 -23.96 -23.39 -26.72
N GLU E 255 -24.99 -23.33 -25.88
CA GLU E 255 -26.35 -23.07 -26.34
C GLU E 255 -26.85 -21.69 -25.95
N TYR E 256 -26.44 -21.20 -24.77
CA TYR E 256 -26.77 -19.86 -24.33
C TYR E 256 -25.48 -19.06 -24.13
N ALA E 257 -25.63 -17.74 -24.22
CA ALA E 257 -24.52 -16.81 -23.98
C ALA E 257 -25.07 -15.62 -23.19
N TYR E 258 -24.18 -14.72 -22.80
CA TYR E 258 -24.53 -13.60 -21.93
C TYR E 258 -24.02 -12.30 -22.51
N LYS E 259 -24.93 -11.33 -22.71
CA LYS E 259 -24.54 -9.99 -23.10
C LYS E 259 -24.14 -9.18 -21.87
N ILE E 260 -23.14 -8.33 -22.03
CA ILE E 260 -22.51 -7.66 -20.89
C ILE E 260 -22.28 -6.19 -21.23
N VAL E 261 -22.65 -5.31 -20.29
CA VAL E 261 -22.25 -3.91 -20.30
C VAL E 261 -21.43 -3.67 -19.03
N LYS E 262 -20.19 -3.24 -19.21
CA LYS E 262 -19.22 -3.13 -18.12
C LYS E 262 -18.94 -1.66 -17.86
N LYS E 263 -19.37 -1.15 -16.70
CA LYS E 263 -19.15 0.23 -16.33
C LYS E 263 -18.25 0.41 -15.11
N GLY E 264 -18.10 -0.61 -14.27
CA GLY E 264 -17.28 -0.48 -13.08
C GLY E 264 -16.84 -1.84 -12.57
N ASP E 265 -16.00 -1.81 -11.55
CA ASP E 265 -15.45 -3.02 -10.94
C ASP E 265 -15.90 -3.16 -9.50
N SER E 266 -15.97 -4.41 -9.05
CA SER E 266 -16.28 -4.74 -7.66
C SER E 266 -15.60 -6.06 -7.33
N THR E 267 -16.01 -6.67 -6.23
CA THR E 267 -15.43 -7.94 -5.80
C THR E 267 -16.54 -8.94 -5.50
N ILE E 268 -16.14 -10.17 -5.25
CA ILE E 268 -17.04 -11.22 -4.82
C ILE E 268 -17.00 -11.28 -3.29
N MET E 269 -18.16 -11.11 -2.66
CA MET E 269 -18.26 -11.06 -1.20
C MET E 269 -18.58 -12.45 -0.66
N LYS E 270 -17.91 -12.80 0.45
CA LYS E 270 -18.10 -14.08 1.11
C LYS E 270 -18.86 -13.84 2.41
N SER E 271 -20.11 -14.32 2.47
CA SER E 271 -20.91 -14.22 3.67
C SER E 271 -22.06 -15.21 3.58
N GLU E 272 -22.50 -15.69 4.75
CA GLU E 272 -23.60 -16.64 4.84
C GLU E 272 -24.95 -15.97 4.98
N LEU E 273 -25.00 -14.63 4.96
CA LEU E 273 -26.23 -13.90 5.19
C LEU E 273 -27.10 -13.91 3.93
N GLU E 274 -28.32 -13.39 4.09
CA GLU E 274 -29.27 -13.28 2.99
C GLU E 274 -29.70 -11.82 2.84
N TYR E 275 -30.42 -11.56 1.74
CA TYR E 275 -30.75 -10.19 1.37
C TYR E 275 -31.89 -9.63 2.21
N GLY E 276 -31.76 -8.37 2.60
CA GLY E 276 -32.85 -7.60 3.14
C GLY E 276 -33.08 -6.37 2.29
N ASN E 277 -34.33 -5.90 2.27
CA ASN E 277 -34.68 -4.74 1.45
C ASN E 277 -34.15 -3.47 2.13
N CYS E 278 -32.87 -3.21 1.91
CA CYS E 278 -32.19 -2.06 2.48
C CYS E 278 -31.17 -1.54 1.48
N ASN E 279 -30.64 -0.35 1.77
CA ASN E 279 -29.66 0.30 0.92
C ASN E 279 -28.60 0.94 1.80
N THR E 280 -27.37 1.00 1.30
CA THR E 280 -26.27 1.49 2.11
C THR E 280 -25.17 2.02 1.20
N LYS E 281 -24.22 2.72 1.82
CA LYS E 281 -23.02 3.18 1.13
C LYS E 281 -21.86 2.21 1.27
N CYS E 282 -21.80 1.48 2.39
CA CYS E 282 -20.70 0.57 2.67
C CYS E 282 -21.27 -0.79 3.03
N GLN E 283 -20.71 -1.84 2.43
CA GLN E 283 -21.15 -3.21 2.67
C GLN E 283 -20.09 -3.99 3.43
N THR E 284 -20.52 -4.99 4.17
CA THR E 284 -19.67 -5.79 5.04
C THR E 284 -20.32 -7.15 5.22
N PRO E 285 -19.54 -8.25 5.17
CA PRO E 285 -20.15 -9.59 5.30
C PRO E 285 -20.87 -9.82 6.63
N MET E 286 -20.73 -8.92 7.60
CA MET E 286 -21.46 -9.00 8.86
C MET E 286 -22.65 -8.06 8.91
N GLY E 287 -22.80 -7.17 7.94
CA GLY E 287 -23.91 -6.23 7.91
C GLY E 287 -23.50 -4.89 7.31
N ALA E 288 -24.46 -4.20 6.72
CA ALA E 288 -24.20 -2.93 6.07
C ALA E 288 -23.87 -1.85 7.10
N ILE E 289 -23.35 -0.73 6.61
CA ILE E 289 -22.93 0.38 7.45
C ILE E 289 -23.52 1.67 6.89
N ASN E 290 -24.26 2.39 7.71
CA ASN E 290 -24.78 3.72 7.39
C ASN E 290 -24.07 4.69 8.33
N SER E 291 -22.94 5.23 7.88
CA SER E 291 -22.12 6.08 8.74
C SER E 291 -21.45 7.16 7.91
N SER E 292 -21.50 8.39 8.42
CA SER E 292 -20.65 9.46 7.93
C SER E 292 -19.37 9.59 8.76
N MET E 293 -19.19 8.71 9.75
CA MET E 293 -18.02 8.77 10.61
C MET E 293 -16.76 8.43 9.81
N PRO E 294 -15.59 8.89 10.28
CA PRO E 294 -14.35 8.65 9.53
C PRO E 294 -13.69 7.31 9.79
N PHE E 295 -14.14 6.52 10.77
CA PHE E 295 -13.47 5.27 11.10
C PHE E 295 -14.49 4.21 11.49
N HIS E 296 -14.10 2.95 11.30
CA HIS E 296 -14.91 1.81 11.72
C HIS E 296 -13.98 0.66 12.08
N ASN E 297 -14.54 -0.35 12.76
CA ASN E 297 -13.76 -1.50 13.19
C ASN E 297 -14.55 -2.79 13.01
N ILE E 298 -15.46 -2.83 12.04
CA ILE E 298 -16.36 -3.96 11.85
C ILE E 298 -15.63 -5.13 11.22
N HIS E 299 -15.30 -5.00 9.94
CA HIS E 299 -14.75 -6.12 9.17
C HIS E 299 -13.91 -5.55 8.04
N PRO E 300 -12.81 -6.20 7.67
CA PRO E 300 -11.95 -5.63 6.62
C PRO E 300 -12.50 -5.80 5.20
N LEU E 301 -13.27 -6.85 4.95
CA LEU E 301 -13.74 -7.16 3.59
C LEU E 301 -14.94 -6.28 3.26
N THR E 302 -14.66 -5.02 2.93
CA THR E 302 -15.70 -4.04 2.65
C THR E 302 -15.74 -3.70 1.16
N ILE E 303 -16.93 -3.32 0.69
CA ILE E 303 -17.15 -2.89 -0.68
C ILE E 303 -17.82 -1.54 -0.66
N GLY E 304 -17.33 -0.61 -1.48
CA GLY E 304 -17.91 0.71 -1.59
C GLY E 304 -17.20 1.73 -0.72
N GLU E 305 -17.76 2.94 -0.71
CA GLU E 305 -17.21 4.01 0.10
C GLU E 305 -17.40 3.69 1.58
N CYS E 306 -16.30 3.53 2.29
CA CYS E 306 -16.32 3.11 3.69
C CYS E 306 -15.34 3.95 4.49
N PRO E 307 -15.58 4.09 5.80
CA PRO E 307 -14.55 4.65 6.68
C PRO E 307 -13.37 3.71 6.77
N LYS E 308 -12.25 4.26 7.26
CA LYS E 308 -10.99 3.51 7.30
C LYS E 308 -11.03 2.46 8.41
N TYR E 309 -10.70 1.22 8.05
CA TYR E 309 -10.70 0.13 9.02
C TYR E 309 -9.58 0.30 10.03
N VAL E 310 -9.91 0.10 11.31
CA VAL E 310 -9.01 0.42 12.41
C VAL E 310 -9.09 -0.69 13.46
N LYS E 311 -7.94 -1.04 14.02
CA LYS E 311 -7.88 -1.96 15.17
C LYS E 311 -7.86 -1.14 16.45
N SER E 312 -9.06 -0.75 16.89
CA SER E 312 -9.22 -0.01 18.14
C SER E 312 -10.68 -0.10 18.55
N ASN E 313 -10.95 0.28 19.80
CA ASN E 313 -12.30 0.26 20.34
C ASN E 313 -12.81 1.62 20.76
N ARG E 314 -11.94 2.56 21.10
CA ARG E 314 -12.32 3.88 21.59
C ARG E 314 -11.65 4.95 20.74
N LEU E 315 -12.46 5.76 20.03
CA LEU E 315 -11.97 7.01 19.42
C LEU E 315 -12.87 8.17 19.86
N VAL E 316 -12.69 8.61 21.11
CA VAL E 316 -13.58 9.58 21.72
C VAL E 316 -12.86 10.92 21.78
N LEU E 317 -13.44 11.92 21.12
CA LEU E 317 -12.93 13.29 21.19
C LEU E 317 -13.53 14.00 22.40
N ALA E 318 -12.79 14.96 22.93
CA ALA E 318 -13.25 15.76 24.04
C ALA E 318 -13.93 17.01 23.50
N THR E 319 -15.26 17.07 23.59
CA THR E 319 -15.99 18.25 23.17
C THR E 319 -16.23 19.22 24.30
N GLY E 320 -16.09 18.78 25.55
CA GLY E 320 -16.29 19.65 26.69
C GLY E 320 -15.04 19.83 27.53
N LEU E 321 -15.19 20.39 28.72
CA LEU E 321 -14.08 20.65 29.63
C LEU E 321 -13.96 19.56 30.69
N ARG E 322 -12.88 19.61 31.46
CA ARG E 322 -12.65 18.63 32.50
C ARG E 322 -13.50 18.95 33.73
N ASN E 323 -13.92 17.89 34.42
CA ASN E 323 -14.87 18.00 35.52
C ASN E 323 -14.20 17.64 36.84
N SER E 324 -14.86 18.04 37.93
CA SER E 324 -14.39 17.74 39.28
C SER E 324 -15.18 16.59 39.89
N ILE F 10 -9.28 28.88 40.55
CA ILE F 10 -10.62 28.39 40.24
C ILE F 10 -10.61 26.87 40.22
N GLU F 11 -10.78 26.27 41.40
CA GLU F 11 -10.66 24.83 41.55
C GLU F 11 -11.99 24.14 41.26
N GLY F 12 -11.93 23.08 40.45
CA GLY F 12 -13.07 22.22 40.24
C GLY F 12 -14.14 22.74 39.31
N GLY F 13 -14.26 24.06 39.14
CA GLY F 13 -15.30 24.64 38.31
C GLY F 13 -16.65 24.65 39.01
N TRP F 14 -17.58 25.50 38.57
CA TRP F 14 -18.87 25.58 39.26
C TRP F 14 -19.89 24.67 38.57
N GLN F 15 -20.76 24.06 39.38
CA GLN F 15 -21.75 23.11 38.88
C GLN F 15 -23.07 23.77 38.52
N GLY F 16 -23.42 24.88 39.17
CA GLY F 16 -24.74 25.47 38.98
C GLY F 16 -24.91 26.24 37.69
N MET F 17 -23.85 26.39 36.89
CA MET F 17 -23.92 27.16 35.65
C MET F 17 -24.33 26.23 34.52
N VAL F 18 -25.59 26.34 34.10
CA VAL F 18 -26.12 25.55 32.99
C VAL F 18 -26.49 26.38 31.78
N ASP F 19 -26.46 27.71 31.89
CA ASP F 19 -26.80 28.59 30.77
C ASP F 19 -25.80 28.44 29.63
N TYR F 24 -20.83 33.71 35.00
CA TYR F 24 -20.31 34.26 36.25
C TYR F 24 -21.23 33.92 37.43
N HIS F 25 -20.74 34.19 38.63
CA HIS F 25 -21.55 34.15 39.84
C HIS F 25 -21.32 35.45 40.60
N HIS F 26 -22.41 36.16 40.89
CA HIS F 26 -22.34 37.50 41.46
C HIS F 26 -22.54 37.44 42.97
N SER F 27 -21.66 38.14 43.71
CA SER F 27 -21.77 38.28 45.15
C SER F 27 -22.33 39.66 45.44
N ASN F 28 -23.54 39.72 46.00
CA ASN F 28 -24.23 40.99 46.19
C ASN F 28 -25.26 40.83 47.29
N GLU F 29 -25.60 41.96 47.93
CA GLU F 29 -26.66 41.94 48.94
C GLU F 29 -28.03 41.69 48.30
N GLN F 30 -28.19 42.03 47.02
CA GLN F 30 -29.50 41.92 46.38
C GLN F 30 -29.76 40.50 45.90
N GLY F 31 -28.75 39.81 45.37
CA GLY F 31 -28.94 38.48 44.84
C GLY F 31 -27.72 37.61 45.06
N SER F 32 -27.88 36.33 44.73
CA SER F 32 -26.80 35.35 44.87
C SER F 32 -26.50 34.68 43.54
N ASP F 37 -22.11 33.53 30.64
CA ASP F 37 -21.26 34.28 29.72
C ASP F 37 -21.27 33.64 28.33
N LYS F 38 -22.11 34.17 27.44
CA LYS F 38 -22.23 33.65 26.10
C LYS F 38 -21.29 34.32 25.10
N GLU F 39 -20.56 35.36 25.52
CA GLU F 39 -19.59 35.99 24.62
C GLU F 39 -18.44 35.03 24.31
N SER F 40 -17.82 34.48 25.35
CA SER F 40 -16.69 33.57 25.18
C SER F 40 -17.12 32.13 24.98
N THR F 41 -18.35 31.78 25.34
CA THR F 41 -18.83 30.42 25.17
C THR F 41 -19.14 30.11 23.71
N GLN F 42 -19.88 31.01 23.04
CA GLN F 42 -20.19 30.80 21.62
C GLN F 42 -18.93 30.80 20.77
N LYS F 43 -17.91 31.56 21.16
CA LYS F 43 -16.63 31.50 20.46
C LYS F 43 -15.99 30.12 20.62
N ALA F 44 -16.14 29.52 21.79
CA ALA F 44 -15.60 28.18 22.02
C ALA F 44 -16.53 27.10 21.47
N ILE F 45 -17.83 27.36 21.39
CA ILE F 45 -18.75 26.39 20.81
C ILE F 45 -18.47 26.23 19.32
N ASP F 46 -18.33 27.36 18.61
CA ASP F 46 -18.03 27.30 17.19
C ASP F 46 -16.59 26.83 16.94
N GLY F 47 -15.70 27.03 17.90
CA GLY F 47 -14.31 26.66 17.74
C GLY F 47 -14.04 25.17 17.87
N VAL F 48 -14.62 24.54 18.89
CA VAL F 48 -14.38 23.13 19.12
C VAL F 48 -15.22 22.27 18.18
N THR F 49 -16.45 22.71 17.89
CA THR F 49 -17.26 21.99 16.92
C THR F 49 -16.65 22.04 15.52
N ASN F 50 -15.93 23.12 15.21
CA ASN F 50 -15.19 23.16 13.95
C ASN F 50 -14.11 22.09 13.91
N LYS F 51 -13.49 21.81 15.05
CA LYS F 51 -12.44 20.79 15.09
C LYS F 51 -13.00 19.40 14.85
N VAL F 52 -14.17 19.11 15.41
CA VAL F 52 -14.78 17.80 15.22
C VAL F 52 -15.27 17.64 13.78
N ASN F 53 -15.86 18.70 13.21
CA ASN F 53 -16.35 18.61 11.84
C ASN F 53 -15.20 18.43 10.85
N SER F 54 -14.08 19.11 11.08
CA SER F 54 -12.94 19.01 10.16
C SER F 54 -12.31 17.62 10.23
N ILE F 55 -12.27 17.00 11.40
CA ILE F 55 -11.73 15.65 11.52
C ILE F 55 -12.53 14.68 10.66
N ILE F 56 -13.84 14.90 10.55
CA ILE F 56 -14.68 14.03 9.74
C ILE F 56 -14.72 14.46 8.27
N ASP F 57 -14.67 15.76 7.99
CA ASP F 57 -14.93 16.26 6.65
C ASP F 57 -13.69 16.41 5.79
N LYS F 58 -12.51 16.61 6.39
CA LYS F 58 -11.31 16.74 5.58
C LYS F 58 -10.81 15.41 5.05
N MET F 59 -11.29 14.30 5.60
CA MET F 59 -11.05 12.97 5.04
C MET F 59 -12.27 12.46 4.28
N ASN F 60 -13.15 13.35 3.83
CA ASN F 60 -14.35 12.94 3.10
C ASN F 60 -14.01 12.20 1.81
N THR F 61 -12.78 12.34 1.31
CA THR F 61 -12.38 11.66 0.09
C THR F 61 -12.32 10.15 0.33
N GLN F 62 -13.21 9.41 -0.34
CA GLN F 62 -13.27 7.96 -0.23
C GLN F 62 -13.79 7.40 -1.54
N PHE F 63 -13.18 6.29 -1.99
CA PHE F 63 -13.60 5.65 -3.23
C PHE F 63 -14.15 4.26 -2.98
N GLU F 64 -14.06 3.40 -3.99
CA GLU F 64 -14.54 2.02 -3.88
C GLU F 64 -13.51 1.14 -3.19
N ALA F 65 -14.00 0.03 -2.62
CA ALA F 65 -13.16 -0.96 -1.98
C ALA F 65 -13.63 -2.34 -2.39
N VAL F 66 -12.75 -3.34 -2.21
CA VAL F 66 -13.05 -4.71 -2.62
C VAL F 66 -12.61 -5.68 -1.53
N GLY F 67 -12.56 -6.96 -1.88
CA GLY F 67 -12.18 -8.02 -0.95
C GLY F 67 -10.94 -8.79 -1.39
N ARG F 68 -11.05 -10.12 -1.48
CA ARG F 68 -9.94 -10.99 -1.79
C ARG F 68 -10.35 -11.98 -2.86
N GLU F 69 -9.51 -12.13 -3.90
CA GLU F 69 -9.89 -12.91 -5.08
C GLU F 69 -8.68 -13.64 -5.66
N PHE F 70 -7.87 -14.25 -4.80
CA PHE F 70 -6.69 -14.98 -5.24
C PHE F 70 -6.77 -16.43 -4.80
N ASN F 71 -6.38 -17.34 -5.70
CA ASN F 71 -6.54 -18.76 -5.47
C ASN F 71 -5.32 -19.33 -4.73
N ASN F 72 -5.20 -20.65 -4.70
CA ASN F 72 -4.18 -21.31 -3.88
C ASN F 72 -2.78 -21.22 -4.48
N LEU F 73 -2.68 -21.09 -5.80
CA LEU F 73 -1.39 -20.96 -6.47
C LEU F 73 -1.02 -19.50 -6.73
N GLU F 74 -1.65 -18.57 -6.01
CA GLU F 74 -1.31 -17.15 -6.10
C GLU F 74 -1.06 -16.56 -4.71
N ARG F 75 -0.65 -17.37 -3.74
CA ARG F 75 -0.54 -16.92 -2.36
C ARG F 75 0.59 -15.92 -2.15
N ARG F 76 1.47 -15.73 -3.14
CA ARG F 76 2.46 -14.66 -3.04
C ARG F 76 1.81 -13.30 -3.22
N ILE F 77 0.98 -13.16 -4.26
CA ILE F 77 0.21 -11.93 -4.44
C ILE F 77 -0.78 -11.74 -3.30
N GLU F 78 -1.33 -12.86 -2.80
CA GLU F 78 -2.22 -12.79 -1.65
C GLU F 78 -1.51 -12.19 -0.44
N ASN F 79 -0.22 -12.51 -0.27
CA ASN F 79 0.55 -11.92 0.82
C ASN F 79 0.90 -10.47 0.53
N LEU F 80 0.95 -10.09 -0.76
CA LEU F 80 1.17 -8.70 -1.11
C LEU F 80 -0.03 -7.84 -0.73
N ASN F 81 -1.25 -8.29 -1.08
CA ASN F 81 -2.45 -7.60 -0.63
C ASN F 81 -2.55 -7.59 0.88
N LYS F 82 -2.06 -8.65 1.53
CA LYS F 82 -2.03 -8.67 3.00
C LYS F 82 -1.06 -7.63 3.55
N LYS F 83 0.10 -7.47 2.92
CA LYS F 83 1.09 -6.53 3.42
C LYS F 83 0.57 -5.10 3.39
N MET F 84 -0.17 -4.74 2.35
CA MET F 84 -0.65 -3.36 2.23
C MET F 84 -1.89 -3.12 3.09
N GLU F 85 -2.77 -4.10 3.22
CA GLU F 85 -3.92 -3.95 4.11
C GLU F 85 -3.46 -3.80 5.55
N ASP F 86 -2.61 -4.71 6.02
CA ASP F 86 -2.06 -4.60 7.36
C ASP F 86 -1.21 -3.34 7.52
N GLY F 87 -0.54 -2.92 6.44
CA GLY F 87 0.21 -1.68 6.49
C GLY F 87 -0.68 -0.46 6.58
N PHE F 88 -1.87 -0.52 6.00
CA PHE F 88 -2.79 0.61 6.05
C PHE F 88 -3.52 0.67 7.39
N LEU F 89 -3.92 -0.48 7.93
CA LEU F 89 -4.54 -0.49 9.25
C LEU F 89 -3.58 0.04 10.31
N ASP F 90 -2.29 -0.30 10.19
CA ASP F 90 -1.31 0.22 11.14
C ASP F 90 -1.16 1.73 11.02
N VAL F 91 -1.32 2.27 9.81
CA VAL F 91 -1.20 3.71 9.62
C VAL F 91 -2.43 4.43 10.19
N TRP F 92 -3.62 4.03 9.73
CA TRP F 92 -4.83 4.74 10.13
C TRP F 92 -5.08 4.62 11.63
N THR F 93 -4.81 3.44 12.21
CA THR F 93 -5.03 3.27 13.64
C THR F 93 -4.08 4.15 14.45
N TYR F 94 -2.79 4.14 14.10
CA TYR F 94 -1.81 4.89 14.88
C TYR F 94 -2.05 6.39 14.78
N ASN F 95 -2.41 6.88 13.59
CA ASN F 95 -2.63 8.32 13.43
C ASN F 95 -3.92 8.75 14.11
N ALA F 96 -4.98 7.95 14.02
CA ALA F 96 -6.25 8.33 14.62
C ALA F 96 -6.16 8.31 16.14
N GLU F 97 -5.54 7.26 16.70
CA GLU F 97 -5.37 7.19 18.15
C GLU F 97 -4.55 8.38 18.66
N LEU F 98 -3.50 8.76 17.92
CA LEU F 98 -2.71 9.92 18.32
C LEU F 98 -3.48 11.22 18.10
N LEU F 99 -4.22 11.32 16.99
CA LEU F 99 -5.01 12.52 16.73
C LEU F 99 -6.03 12.75 17.84
N VAL F 100 -6.62 11.67 18.36
CA VAL F 100 -7.52 11.80 19.50
C VAL F 100 -6.78 12.35 20.71
N LEU F 101 -5.65 11.73 21.06
CA LEU F 101 -4.89 12.17 22.23
C LEU F 101 -4.37 13.60 22.04
N MET F 102 -3.90 13.92 20.84
CA MET F 102 -3.39 15.27 20.59
C MET F 102 -4.50 16.30 20.66
N GLU F 103 -5.62 16.06 19.99
CA GLU F 103 -6.70 17.03 19.97
C GLU F 103 -7.56 17.00 21.22
N ASN F 104 -7.42 15.97 22.07
CA ASN F 104 -8.14 15.99 23.33
C ASN F 104 -7.47 16.91 24.35
N GLU F 105 -6.14 16.87 24.43
CA GLU F 105 -5.46 17.80 25.33
C GLU F 105 -5.48 19.22 24.78
N ARG F 106 -5.22 19.38 23.48
CA ARG F 106 -5.30 20.69 22.85
C ARG F 106 -6.70 21.28 22.96
N THR F 107 -7.71 20.46 23.23
CA THR F 107 -9.03 20.97 23.54
C THR F 107 -9.12 21.41 25.00
N LEU F 108 -8.65 20.55 25.92
CA LEU F 108 -8.72 20.87 27.33
C LEU F 108 -7.81 22.04 27.69
N ASP F 109 -6.64 22.13 27.03
CA ASP F 109 -5.78 23.28 27.28
C ASP F 109 -6.41 24.58 26.79
N PHE F 110 -7.32 24.50 25.82
CA PHE F 110 -8.00 25.69 25.34
C PHE F 110 -8.98 26.23 26.38
N HIS F 111 -9.50 25.35 27.24
CA HIS F 111 -10.42 25.80 28.28
C HIS F 111 -9.67 26.58 29.37
N ASP F 112 -8.57 26.00 29.88
CA ASP F 112 -7.76 26.72 30.84
C ASP F 112 -7.12 27.97 30.25
N SER F 113 -6.98 28.02 28.93
CA SER F 113 -6.42 29.21 28.29
C SER F 113 -7.43 30.35 28.28
N ASN F 114 -8.67 30.07 27.87
CA ASN F 114 -9.71 31.10 27.83
C ASN F 114 -10.11 31.58 29.21
N VAL F 115 -9.90 30.77 30.25
CA VAL F 115 -10.27 31.20 31.60
C VAL F 115 -9.42 32.38 32.03
N LYS F 116 -8.10 32.26 31.90
CA LYS F 116 -7.22 33.37 32.26
C LYS F 116 -7.43 34.57 31.33
N ASN F 117 -7.73 34.32 30.05
CA ASN F 117 -8.07 35.42 29.16
C ASN F 117 -9.31 36.16 29.64
N LEU F 118 -10.28 35.42 30.19
CA LEU F 118 -11.46 36.06 30.75
C LEU F 118 -11.24 36.52 32.18
N TYR F 119 -10.42 35.79 32.95
CA TYR F 119 -10.11 36.23 34.31
C TYR F 119 -9.34 37.54 34.30
N ASP F 120 -8.37 37.67 33.39
CA ASP F 120 -7.64 38.93 33.28
C ASP F 120 -8.53 40.04 32.72
N LYS F 121 -9.54 39.69 31.93
CA LYS F 121 -10.44 40.69 31.38
C LYS F 121 -11.14 41.47 32.49
N VAL F 122 -11.61 40.79 33.53
CA VAL F 122 -12.18 41.47 34.68
C VAL F 122 -11.09 42.14 35.50
N ARG F 123 -9.93 41.49 35.62
CA ARG F 123 -8.82 42.08 36.35
C ARG F 123 -8.30 43.34 35.65
N LEU F 124 -8.30 43.34 34.32
CA LEU F 124 -7.92 44.54 33.58
C LEU F 124 -8.98 45.62 33.70
N GLN F 125 -10.26 45.23 33.67
CA GLN F 125 -11.36 46.17 33.71
C GLN F 125 -11.38 46.95 35.03
N LEU F 126 -11.69 46.26 36.12
CA LEU F 126 -11.62 46.85 37.45
C LEU F 126 -10.25 46.55 38.05
N ARG F 127 -9.55 47.59 38.50
CA ARG F 127 -8.20 47.45 39.03
C ARG F 127 -8.17 47.72 40.54
N ASP F 128 -8.32 48.97 40.96
CA ASP F 128 -8.30 49.31 42.37
C ASP F 128 -9.69 49.39 42.98
N ASN F 129 -10.73 49.08 42.21
CA ASN F 129 -12.10 49.05 42.73
C ASN F 129 -12.44 47.71 43.35
N ALA F 130 -11.51 46.75 43.35
CA ALA F 130 -11.73 45.45 43.97
C ALA F 130 -10.37 44.81 44.23
N LYS F 131 -10.38 43.74 45.01
CA LYS F 131 -9.18 43.00 45.37
C LYS F 131 -9.25 41.60 44.81
N GLU F 132 -8.12 41.10 44.32
CA GLU F 132 -8.07 39.76 43.74
C GLU F 132 -8.27 38.68 44.80
N ASN F 135 -8.57 32.56 43.63
CA ASN F 135 -9.66 31.62 43.39
C ASN F 135 -10.51 32.05 42.20
N GLY F 136 -10.09 33.14 41.55
CA GLY F 136 -10.86 33.67 40.44
C GLY F 136 -12.06 34.48 40.83
N CYS F 137 -12.17 34.90 42.08
CA CYS F 137 -13.28 35.69 42.57
C CYS F 137 -12.82 37.10 42.92
N PHE F 138 -13.80 38.00 43.03
CA PHE F 138 -13.54 39.39 43.41
C PHE F 138 -14.68 39.89 44.28
N GLU F 139 -14.32 40.75 45.24
CA GLU F 139 -15.30 41.49 46.03
C GLU F 139 -14.89 42.95 46.01
N PHE F 140 -15.83 43.83 45.66
CA PHE F 140 -15.51 45.21 45.39
C PHE F 140 -15.18 45.97 46.68
N TYR F 141 -14.31 46.98 46.53
CA TYR F 141 -14.11 47.95 47.59
C TYR F 141 -15.35 48.80 47.83
N HIS F 142 -16.23 48.90 46.85
CA HIS F 142 -17.46 49.69 46.92
C HIS F 142 -18.66 48.74 46.83
N LYS F 143 -19.84 49.34 46.70
CA LYS F 143 -21.08 48.57 46.53
C LYS F 143 -21.39 48.42 45.04
N CYS F 144 -21.68 47.19 44.63
CA CYS F 144 -21.99 46.86 43.25
C CYS F 144 -23.25 46.01 43.24
N ASP F 145 -24.34 46.57 42.72
CA ASP F 145 -25.65 45.92 42.78
C ASP F 145 -25.85 44.98 41.59
N ASN F 146 -27.09 44.54 41.39
CA ASN F 146 -27.39 43.63 40.29
C ASN F 146 -27.24 44.31 38.92
N GLU F 147 -27.42 45.63 38.86
CA GLU F 147 -27.22 46.36 37.62
C GLU F 147 -25.79 46.87 37.45
N CYS F 148 -25.02 46.98 38.53
CA CYS F 148 -23.61 47.34 38.41
C CYS F 148 -22.80 46.22 37.77
N MET F 149 -23.24 44.98 37.93
CA MET F 149 -22.57 43.85 37.30
C MET F 149 -22.96 43.67 35.85
N GLU F 150 -23.86 44.50 35.32
CA GLU F 150 -24.04 44.58 33.87
C GLU F 150 -22.73 44.94 33.20
N SER F 151 -22.09 46.01 33.69
CA SER F 151 -20.90 46.55 33.07
C SER F 151 -19.70 45.61 33.17
N VAL F 152 -19.70 44.70 34.14
CA VAL F 152 -18.63 43.71 34.22
C VAL F 152 -18.80 42.63 33.16
N ARG F 153 -20.04 42.24 32.88
CA ARG F 153 -20.32 41.27 31.82
C ARG F 153 -20.22 41.91 30.44
N ASN F 154 -20.78 43.11 30.29
CA ASN F 154 -20.82 43.76 28.97
C ASN F 154 -19.43 44.13 28.49
N GLY F 155 -18.49 44.37 29.40
CA GLY F 155 -17.21 44.93 29.04
C GLY F 155 -17.18 46.45 29.07
N THR F 156 -18.29 47.09 29.43
CA THR F 156 -18.36 48.55 29.48
C THR F 156 -18.42 49.03 30.92
N TYR F 157 -17.41 48.67 31.72
CA TYR F 157 -17.36 49.01 33.13
C TYR F 157 -16.78 50.40 33.31
N ASP F 158 -17.47 51.24 34.09
CA ASP F 158 -17.03 52.60 34.35
C ASP F 158 -16.16 52.59 35.60
N TYR F 159 -14.85 52.53 35.39
CA TYR F 159 -13.84 52.54 36.44
C TYR F 159 -13.74 53.91 37.13
N PRO F 160 -13.76 55.04 36.40
CA PRO F 160 -13.69 56.33 37.10
C PRO F 160 -14.90 56.65 37.95
N GLN F 161 -16.03 55.97 37.75
CA GLN F 161 -17.21 56.26 38.56
C GLN F 161 -17.00 55.80 40.01
N TYR F 162 -16.67 54.51 40.19
CA TYR F 162 -16.42 53.94 41.51
C TYR F 162 -14.99 54.17 41.98
N SER F 163 -14.34 55.26 41.54
CA SER F 163 -12.98 55.53 41.97
C SER F 163 -12.93 55.92 43.44
N GLU F 164 -13.63 57.01 43.79
CA GLU F 164 -13.55 57.53 45.15
C GLU F 164 -14.18 56.57 46.16
N GLU F 165 -15.25 55.89 45.77
CA GLU F 165 -15.87 54.92 46.67
C GLU F 165 -14.92 53.80 47.03
N ALA F 166 -13.98 53.49 46.14
CA ALA F 166 -12.97 52.48 46.44
C ALA F 166 -11.80 53.08 47.23
N ARG F 167 -11.52 54.37 47.03
CA ARG F 167 -10.40 55.00 47.74
C ARG F 167 -10.70 55.11 49.24
N LEU F 168 -11.89 55.63 49.59
CA LEU F 168 -12.20 55.87 50.99
C LEU F 168 -12.34 54.57 51.77
N LYS F 169 -13.04 53.59 51.22
CA LYS F 169 -13.20 52.32 51.90
C LYS F 169 -11.94 51.45 51.82
N ARG F 170 -10.86 51.95 51.24
CA ARG F 170 -9.59 51.23 51.20
C ARG F 170 -8.69 51.60 52.38
N GLU F 171 -8.82 52.81 52.90
CA GLU F 171 -7.96 53.30 53.98
C GLU F 171 -8.55 53.04 55.37
N GLU F 172 -9.60 52.24 55.48
CA GLU F 172 -10.19 51.93 56.78
C GLU F 172 -9.27 51.04 57.60
#